data_6IB6
#
_entry.id   6IB6
#
_cell.length_a   1.000
_cell.length_b   1.000
_cell.length_c   1.000
_cell.angle_alpha   90.00
_cell.angle_beta   90.00
_cell.angle_gamma   90.00
#
_symmetry.space_group_name_H-M   'P 1'
#
_entity_poly.entity_id   1
_entity_poly.type   'polypeptide(L)'
_entity_poly.pdbx_seq_one_letter_code
;MFKCFTCEKAADNYECNRWAPDIYCPRETRYCYTQHTMEVTGNSISVTKRCVPLEECLSTGCRDSEHEGHKVCTSCCEGN
ICNLPLPRNETDATFA
;
_entity_poly.pdbx_strand_id   A
#
# COMPACT_ATOMS: atom_id res chain seq x y z
N MET A 1 12.64 -9.58 3.71
CA MET A 1 11.32 -9.31 4.24
C MET A 1 11.42 -8.63 5.61
N PHE A 2 11.48 -7.31 5.61
CA PHE A 2 11.58 -6.54 6.85
C PHE A 2 10.35 -5.65 7.03
N LYS A 3 10.43 -4.73 8.00
CA LYS A 3 9.33 -3.82 8.28
C LYS A 3 9.38 -2.61 7.36
N CYS A 4 8.32 -1.81 7.38
CA CYS A 4 8.24 -0.62 6.54
C CYS A 4 7.73 0.58 7.34
N PHE A 5 7.50 1.69 6.65
CA PHE A 5 7.00 2.90 7.30
C PHE A 5 5.48 2.87 7.41
N THR A 6 4.97 3.33 8.55
CA THR A 6 3.53 3.35 8.78
C THR A 6 2.93 4.68 8.32
N CYS A 7 2.64 4.77 7.03
CA CYS A 7 2.05 5.97 6.45
C CYS A 7 0.55 6.02 6.71
N GLU A 8 -0.03 7.21 6.58
CA GLU A 8 -1.46 7.39 6.80
C GLU A 8 -1.91 8.76 6.29
N LYS A 9 -3.03 8.78 5.57
CA LYS A 9 -3.58 10.02 5.02
C LYS A 9 -2.50 10.79 4.27
N ALA A 10 -1.71 10.08 3.48
CA ALA A 10 -0.65 10.71 2.70
C ALA A 10 -1.10 10.95 1.26
N ALA A 11 -0.74 12.12 0.72
CA ALA A 11 -1.10 12.46 -0.64
C ALA A 11 -0.34 11.61 -1.65
N ASP A 12 0.91 11.28 -1.33
CA ASP A 12 1.74 10.47 -2.20
C ASP A 12 2.83 9.76 -1.41
N ASN A 13 3.30 8.64 -1.93
CA ASN A 13 4.34 7.86 -1.28
C ASN A 13 5.65 8.63 -1.21
N TYR A 14 5.89 9.46 -2.22
CA TYR A 14 7.10 10.27 -2.29
C TYR A 14 7.27 11.09 -1.02
N GLU A 15 6.43 12.10 -0.84
CA GLU A 15 6.48 12.96 0.33
C GLU A 15 6.45 12.14 1.62
N CYS A 16 5.67 11.06 1.61
CA CYS A 16 5.55 10.20 2.78
C CYS A 16 6.93 9.73 3.23
N ASN A 17 7.73 9.22 2.31
CA ASN A 17 9.07 8.74 2.62
C ASN A 17 10.03 9.90 2.84
N ARG A 18 9.83 10.98 2.08
CA ARG A 18 10.68 12.16 2.20
C ARG A 18 10.81 12.59 3.66
N TRP A 19 9.73 12.43 4.42
CA TRP A 19 9.74 12.81 5.82
C TRP A 19 10.18 11.63 6.70
N ALA A 20 9.64 10.46 6.42
CA ALA A 20 9.99 9.26 7.19
C ALA A 20 9.85 9.51 8.69
N PRO A 21 8.60 9.56 9.16
CA PRO A 21 8.31 9.80 10.57
C PRO A 21 9.12 8.89 11.49
N ASP A 22 9.67 9.47 12.55
CA ASP A 22 10.47 8.71 13.51
C ASP A 22 9.60 7.85 14.40
N ILE A 23 9.08 6.76 13.84
CA ILE A 23 8.23 5.85 14.58
C ILE A 23 8.60 4.39 14.31
N TYR A 24 7.83 3.47 14.88
CA TYR A 24 8.10 2.05 14.71
C TYR A 24 6.79 1.27 14.56
N CYS A 25 6.81 0.25 13.70
CA CYS A 25 5.63 -0.57 13.47
C CYS A 25 5.22 -1.32 14.74
N PRO A 26 3.96 -1.76 14.78
CA PRO A 26 3.41 -2.50 15.93
C PRO A 26 4.02 -3.90 16.06
N ARG A 27 3.47 -4.69 16.96
CA ARG A 27 3.94 -6.05 17.19
C ARG A 27 3.17 -7.05 16.33
N GLU A 28 3.44 -8.34 16.54
CA GLU A 28 2.77 -9.38 15.78
C GLU A 28 2.60 -8.98 14.32
N THR A 29 3.65 -8.37 13.76
CA THR A 29 3.61 -7.93 12.37
C THR A 29 4.88 -8.35 11.63
N ARG A 30 4.70 -9.13 10.58
CA ARG A 30 5.83 -9.61 9.78
C ARG A 30 5.74 -9.09 8.35
N TYR A 31 4.53 -8.99 7.84
CA TYR A 31 4.31 -8.51 6.47
C TYR A 31 4.05 -7.01 6.45
N CYS A 32 3.98 -6.43 5.26
CA CYS A 32 3.74 -5.01 5.11
C CYS A 32 2.52 -4.76 4.23
N TYR A 33 1.50 -4.12 4.81
CA TYR A 33 0.28 -3.81 4.08
C TYR A 33 0.42 -2.51 3.30
N THR A 34 -0.17 -2.48 2.10
CA THR A 34 -0.10 -1.29 1.26
C THR A 34 -1.45 -1.04 0.58
N GLN A 35 -1.96 0.18 0.73
CA GLN A 35 -3.24 0.56 0.13
C GLN A 35 -3.16 1.94 -0.49
N HIS A 36 -3.26 1.99 -1.82
CA HIS A 36 -3.20 3.26 -2.54
C HIS A 36 -4.57 3.63 -3.11
N THR A 37 -5.05 4.81 -2.74
CA THR A 37 -6.35 5.28 -3.21
C THR A 37 -6.20 6.25 -4.38
N MET A 38 -6.71 5.84 -5.54
CA MET A 38 -6.64 6.66 -6.73
C MET A 38 -8.01 7.21 -7.12
N GLU A 39 -8.03 8.19 -8.02
CA GLU A 39 -9.28 8.80 -8.47
C GLU A 39 -9.90 7.99 -9.60
N VAL A 40 -11.12 8.37 -9.98
CA VAL A 40 -11.82 7.68 -11.06
C VAL A 40 -11.03 7.72 -12.36
N THR A 41 -10.41 8.87 -12.63
CA THR A 41 -9.62 9.04 -13.83
C THR A 41 -8.34 8.21 -13.79
N GLY A 42 -7.55 8.40 -12.73
CA GLY A 42 -6.32 7.66 -12.59
C GLY A 42 -5.20 8.50 -11.98
N ASN A 43 -5.56 9.32 -11.00
CA ASN A 43 -4.58 10.18 -10.33
C ASN A 43 -4.49 9.83 -8.84
N SER A 44 -3.27 9.89 -8.31
CA SER A 44 -3.04 9.58 -6.90
C SER A 44 -3.72 10.60 -6.00
N ILE A 45 -4.76 10.17 -5.30
CA ILE A 45 -5.50 11.04 -4.40
C ILE A 45 -5.02 10.87 -2.96
N SER A 46 -4.76 9.63 -2.56
CA SER A 46 -4.31 9.34 -1.21
C SER A 46 -3.68 7.95 -1.14
N VAL A 47 -2.96 7.69 -0.06
CA VAL A 47 -2.32 6.40 0.15
C VAL A 47 -2.06 6.13 1.62
N THR A 48 -2.18 4.87 2.01
CA THR A 48 -1.96 4.47 3.40
C THR A 48 -1.09 3.22 3.49
N LYS A 49 -0.13 3.24 4.40
CA LYS A 49 0.78 2.11 4.59
C LYS A 49 0.89 1.74 6.07
N ARG A 50 0.91 0.44 6.35
CA ARG A 50 1.02 -0.04 7.72
C ARG A 50 1.49 -1.50 7.75
N CYS A 51 2.06 -1.90 8.88
CA CYS A 51 2.55 -3.26 9.04
C CYS A 51 1.43 -4.20 9.49
N VAL A 52 1.44 -5.42 8.96
CA VAL A 52 0.44 -6.41 9.30
C VAL A 52 1.01 -7.82 9.24
N PRO A 53 0.43 -8.73 10.03
CA PRO A 53 0.85 -10.13 10.08
C PRO A 53 0.52 -10.89 8.81
N LEU A 54 1.18 -12.02 8.60
CA LEU A 54 0.95 -12.85 7.42
C LEU A 54 -0.54 -13.10 7.21
N GLU A 55 -1.26 -13.32 8.31
CA GLU A 55 -2.69 -13.58 8.26
C GLU A 55 -3.42 -12.46 7.53
N GLU A 56 -3.06 -11.23 7.86
CA GLU A 56 -3.69 -10.05 7.23
C GLU A 56 -3.29 -9.96 5.76
N CYS A 57 -2.12 -10.50 5.42
CA CYS A 57 -1.63 -10.48 4.05
C CYS A 57 -1.81 -11.83 3.38
N LEU A 58 -2.81 -12.57 3.82
CA LEU A 58 -3.10 -13.89 3.27
C LEU A 58 -3.77 -13.76 1.90
N SER A 59 -4.61 -12.75 1.74
CA SER A 59 -5.32 -12.52 0.50
C SER A 59 -5.24 -11.06 0.09
N THR A 60 -4.49 -10.78 -0.99
CA THR A 60 -4.34 -9.42 -1.48
C THR A 60 -4.38 -9.39 -3.01
N GLY A 61 -4.28 -8.18 -3.57
CA GLY A 61 -4.31 -8.03 -5.01
C GLY A 61 -4.67 -6.62 -5.44
N CYS A 62 -4.07 -6.17 -6.53
CA CYS A 62 -4.33 -4.83 -7.06
C CYS A 62 -5.05 -4.90 -8.41
N ARG A 63 -6.01 -4.00 -8.59
CA ARG A 63 -6.77 -3.97 -9.84
C ARG A 63 -7.56 -2.66 -9.95
N ASP A 64 -8.28 -2.49 -11.05
CA ASP A 64 -9.07 -1.30 -11.29
C ASP A 64 -10.45 -1.43 -10.64
N SER A 65 -10.77 -0.48 -9.77
CA SER A 65 -12.06 -0.49 -9.07
C SER A 65 -12.85 0.78 -9.38
N GLU A 66 -13.86 0.65 -10.22
CA GLU A 66 -14.70 1.79 -10.59
C GLU A 66 -16.15 1.54 -10.20
N HIS A 67 -16.36 1.05 -8.98
CA HIS A 67 -17.70 0.77 -8.48
C HIS A 67 -18.41 2.06 -8.08
N GLU A 68 -17.94 2.68 -6.99
CA GLU A 68 -18.53 3.91 -6.51
C GLU A 68 -17.85 5.13 -7.13
N GLY A 69 -16.54 5.01 -7.37
CA GLY A 69 -15.79 6.10 -7.96
C GLY A 69 -14.30 5.89 -7.86
N HIS A 70 -13.70 6.40 -6.79
CA HIS A 70 -12.26 6.28 -6.58
C HIS A 70 -11.82 4.81 -6.67
N LYS A 71 -10.69 4.57 -7.30
CA LYS A 71 -10.16 3.22 -7.45
C LYS A 71 -8.95 3.00 -6.55
N VAL A 72 -9.07 2.06 -5.62
CA VAL A 72 -7.98 1.76 -4.70
C VAL A 72 -7.57 0.30 -4.79
N CYS A 73 -6.27 0.05 -4.84
CA CYS A 73 -5.74 -1.32 -4.92
C CYS A 73 -5.02 -1.70 -3.64
N THR A 74 -5.00 -3.00 -3.35
CA THR A 74 -4.33 -3.51 -2.15
C THR A 74 -3.23 -4.50 -2.51
N SER A 75 -2.16 -4.50 -1.73
CA SER A 75 -1.04 -5.40 -1.96
C SER A 75 -0.08 -5.40 -0.78
N CYS A 76 0.76 -6.43 -0.70
CA CYS A 76 1.73 -6.55 0.38
C CYS A 76 3.15 -6.47 -0.15
N CYS A 77 4.12 -6.40 0.76
CA CYS A 77 5.52 -6.33 0.38
C CYS A 77 6.25 -7.61 0.74
N GLU A 78 7.54 -7.67 0.41
CA GLU A 78 8.35 -8.85 0.69
C GLU A 78 9.79 -8.45 1.00
N GLY A 79 10.01 -7.16 1.23
CA GLY A 79 11.34 -6.68 1.54
C GLY A 79 11.32 -5.48 2.47
N ASN A 80 12.50 -5.09 2.96
CA ASN A 80 12.61 -3.96 3.87
C ASN A 80 12.32 -2.65 3.15
N ILE A 81 11.88 -1.65 3.91
CA ILE A 81 11.58 -0.35 3.34
C ILE A 81 10.85 -0.48 2.01
N CYS A 82 9.64 -1.03 2.05
CA CYS A 82 8.84 -1.22 0.84
C CYS A 82 7.90 -0.03 0.63
N ASN A 83 8.34 1.14 1.05
CA ASN A 83 7.53 2.35 0.90
C ASN A 83 7.84 3.05 -0.41
N LEU A 84 8.47 2.32 -1.33
CA LEU A 84 8.81 2.86 -2.64
C LEU A 84 7.56 3.10 -3.48
N PRO A 85 7.69 3.98 -4.49
CA PRO A 85 6.58 4.32 -5.39
C PRO A 85 6.20 3.16 -6.30
N LEU A 86 4.90 2.89 -6.40
CA LEU A 86 4.41 1.81 -7.25
C LEU A 86 4.17 2.29 -8.67
N PRO A 87 4.24 1.36 -9.64
CA PRO A 87 4.03 1.67 -11.06
C PRO A 87 2.58 2.02 -11.36
N ARG A 88 2.26 2.12 -12.65
CA ARG A 88 0.90 2.46 -13.08
C ARG A 88 0.50 1.62 -14.29
N ASN A 89 -0.15 0.49 -14.03
CA ASN A 89 -0.60 -0.40 -15.10
C ASN A 89 -1.74 -1.29 -14.63
N GLU A 90 -2.26 -2.11 -15.53
CA GLU A 90 -3.36 -3.01 -15.21
C GLU A 90 -2.85 -4.42 -14.90
N THR A 91 -3.18 -4.91 -13.71
CA THR A 91 -2.75 -6.24 -13.30
C THR A 91 -3.93 -7.08 -12.84
N ASP A 92 -3.83 -8.39 -13.03
CA ASP A 92 -4.89 -9.31 -12.63
C ASP A 92 -4.32 -10.56 -12.00
N ALA A 93 -4.90 -10.96 -10.86
CA ALA A 93 -4.44 -12.15 -10.15
C ALA A 93 -5.46 -13.28 -10.25
N THR A 94 -5.14 -14.42 -9.65
CA THR A 94 -6.03 -15.57 -9.67
C THR A 94 -6.90 -15.62 -8.42
N PHE A 95 -6.32 -15.23 -7.29
CA PHE A 95 -7.03 -15.23 -6.02
C PHE A 95 -7.97 -16.44 -5.93
N ALA A 96 -7.46 -17.60 -6.32
CA ALA A 96 -8.25 -18.82 -6.28
C ALA A 96 -8.38 -19.34 -4.85
N MET A 1 13.25 -9.38 10.54
CA MET A 1 14.26 -8.33 10.55
C MET A 1 13.85 -7.17 9.63
N PHE A 2 13.21 -7.50 8.52
CA PHE A 2 12.76 -6.49 7.56
C PHE A 2 11.58 -5.71 8.11
N LYS A 3 11.60 -4.39 7.91
CA LYS A 3 10.52 -3.53 8.38
C LYS A 3 10.18 -2.47 7.34
N CYS A 4 8.97 -1.92 7.44
CA CYS A 4 8.53 -0.90 6.50
C CYS A 4 8.01 0.32 7.25
N PHE A 5 8.09 1.48 6.61
CA PHE A 5 7.62 2.73 7.21
C PHE A 5 6.10 2.75 7.33
N THR A 6 5.61 3.20 8.48
CA THR A 6 4.17 3.27 8.72
C THR A 6 3.60 4.60 8.29
N CYS A 7 3.03 4.64 7.09
CA CYS A 7 2.45 5.85 6.55
C CYS A 7 1.04 6.08 7.12
N GLU A 8 0.44 7.20 6.74
CA GLU A 8 -0.91 7.53 7.21
C GLU A 8 -1.42 8.80 6.53
N LYS A 9 -2.58 8.70 5.90
CA LYS A 9 -3.18 9.84 5.22
C LYS A 9 -2.17 10.51 4.29
N ALA A 10 -1.38 9.69 3.58
CA ALA A 10 -0.39 10.21 2.66
C ALA A 10 -1.02 10.65 1.34
N ALA A 11 -0.86 11.92 1.00
CA ALA A 11 -1.41 12.46 -0.23
C ALA A 11 -0.77 11.81 -1.46
N ASP A 12 0.51 11.50 -1.36
CA ASP A 12 1.24 10.88 -2.45
C ASP A 12 2.44 10.09 -1.94
N ASN A 13 2.76 9.00 -2.62
CA ASN A 13 3.89 8.15 -2.22
C ASN A 13 5.16 8.99 -2.06
N TYR A 14 5.30 10.00 -2.92
CA TYR A 14 6.48 10.86 -2.88
C TYR A 14 6.52 11.66 -1.58
N GLU A 15 5.36 12.13 -1.14
CA GLU A 15 5.25 12.90 0.09
C GLU A 15 5.76 12.09 1.28
N CYS A 16 5.12 10.96 1.52
CA CYS A 16 5.50 10.09 2.63
C CYS A 16 6.99 9.78 2.60
N ASN A 17 7.49 9.44 1.42
CA ASN A 17 8.90 9.13 1.24
C ASN A 17 9.78 10.35 1.53
N ARG A 18 9.28 11.52 1.16
CA ARG A 18 10.01 12.78 1.37
C ARG A 18 10.37 12.94 2.84
N TRP A 19 9.41 12.67 3.71
CA TRP A 19 9.62 12.80 5.15
C TRP A 19 10.15 11.49 5.74
N ALA A 20 9.26 10.52 5.89
CA ALA A 20 9.64 9.22 6.44
C ALA A 20 10.32 9.38 7.79
N PRO A 21 9.53 9.69 8.83
CA PRO A 21 10.04 9.87 10.19
C PRO A 21 10.56 8.56 10.80
N ASP A 22 11.49 8.68 11.73
CA ASP A 22 12.07 7.52 12.39
C ASP A 22 11.08 6.90 13.38
N ILE A 23 10.23 6.01 12.87
CA ILE A 23 9.25 5.35 13.70
C ILE A 23 9.33 3.83 13.55
N TYR A 24 9.11 3.11 14.65
CA TYR A 24 9.15 1.66 14.64
C TYR A 24 7.75 1.07 14.58
N CYS A 25 7.58 0.07 13.72
CA CYS A 25 6.29 -0.59 13.56
C CYS A 25 5.89 -1.33 14.83
N PRO A 26 4.59 -1.63 14.97
CA PRO A 26 4.06 -2.33 16.13
C PRO A 26 4.50 -3.79 16.18
N ARG A 27 4.07 -4.50 17.23
CA ARG A 27 4.44 -5.90 17.39
C ARG A 27 3.46 -6.80 16.63
N GLU A 28 3.67 -8.11 16.75
CA GLU A 28 2.81 -9.08 16.07
C GLU A 28 2.69 -8.75 14.58
N THR A 29 3.78 -8.26 14.00
CA THR A 29 3.80 -7.90 12.59
C THR A 29 4.85 -8.71 11.83
N ARG A 30 4.54 -9.06 10.59
CA ARG A 30 5.46 -9.83 9.76
C ARG A 30 5.58 -9.22 8.36
N TYR A 31 4.44 -8.81 7.81
CA TYR A 31 4.40 -8.21 6.48
C TYR A 31 4.03 -6.75 6.55
N CYS A 32 3.95 -6.11 5.39
CA CYS A 32 3.60 -4.69 5.31
C CYS A 32 2.39 -4.48 4.40
N TYR A 33 1.32 -3.95 4.97
CA TYR A 33 0.10 -3.69 4.21
C TYR A 33 0.17 -2.33 3.51
N THR A 34 -0.24 -2.31 2.25
CA THR A 34 -0.23 -1.08 1.46
C THR A 34 -1.53 -0.91 0.69
N GLN A 35 -2.04 0.32 0.68
CA GLN A 35 -3.29 0.62 -0.03
C GLN A 35 -3.21 1.98 -0.72
N HIS A 36 -3.41 1.97 -2.03
CA HIS A 36 -3.36 3.20 -2.81
C HIS A 36 -4.74 3.55 -3.36
N THR A 37 -5.21 4.76 -3.02
CA THR A 37 -6.52 5.22 -3.47
C THR A 37 -6.39 6.23 -4.59
N MET A 38 -6.83 5.84 -5.79
CA MET A 38 -6.76 6.73 -6.95
C MET A 38 -8.15 7.25 -7.32
N GLU A 39 -8.19 8.20 -8.25
CA GLU A 39 -9.45 8.78 -8.69
C GLU A 39 -9.92 8.14 -9.99
N VAL A 40 -11.10 8.53 -10.45
CA VAL A 40 -11.67 7.99 -11.69
C VAL A 40 -10.72 8.23 -12.86
N THR A 41 -10.02 9.35 -12.83
CA THR A 41 -9.07 9.70 -13.89
C THR A 41 -7.88 8.75 -13.90
N GLY A 42 -7.46 8.32 -12.71
CA GLY A 42 -6.33 7.42 -12.60
C GLY A 42 -5.15 8.06 -11.91
N ASN A 43 -5.42 8.96 -10.97
CA ASN A 43 -4.37 9.65 -10.24
C ASN A 43 -4.44 9.33 -8.75
N SER A 44 -3.27 9.18 -8.13
CA SER A 44 -3.20 8.87 -6.71
C SER A 44 -3.65 10.05 -5.86
N ILE A 45 -4.67 9.82 -5.03
CA ILE A 45 -5.19 10.88 -4.17
C ILE A 45 -4.80 10.65 -2.72
N SER A 46 -4.71 9.38 -2.33
CA SER A 46 -4.34 9.02 -0.96
C SER A 46 -3.71 7.64 -0.91
N VAL A 47 -2.94 7.37 0.14
CA VAL A 47 -2.29 6.08 0.31
C VAL A 47 -1.96 5.81 1.77
N THR A 48 -2.12 4.57 2.19
CA THR A 48 -1.86 4.18 3.57
C THR A 48 -0.97 2.94 3.62
N LYS A 49 0.03 2.97 4.48
CA LYS A 49 0.95 1.84 4.64
C LYS A 49 1.15 1.50 6.11
N ARG A 50 0.70 0.32 6.50
CA ARG A 50 0.83 -0.13 7.88
C ARG A 50 1.58 -1.45 7.96
N CYS A 51 1.81 -1.93 9.18
CA CYS A 51 2.52 -3.19 9.39
C CYS A 51 1.59 -4.27 9.91
N VAL A 52 1.35 -5.28 9.09
CA VAL A 52 0.47 -6.38 9.46
C VAL A 52 1.11 -7.73 9.13
N PRO A 53 0.71 -8.77 9.88
CA PRO A 53 1.23 -10.13 9.69
C PRO A 53 0.74 -10.75 8.39
N LEU A 54 1.18 -11.98 8.13
CA LEU A 54 0.78 -12.70 6.93
C LEU A 54 -0.73 -12.78 6.81
N GLU A 55 -1.40 -13.03 7.94
CA GLU A 55 -2.85 -13.13 7.97
C GLU A 55 -3.50 -11.97 7.21
N GLU A 56 -3.36 -10.77 7.76
CA GLU A 56 -3.92 -9.57 7.14
C GLU A 56 -3.47 -9.45 5.68
N CYS A 57 -2.28 -9.95 5.40
CA CYS A 57 -1.72 -9.89 4.05
C CYS A 57 -1.89 -11.23 3.34
N LEU A 58 -2.97 -11.95 3.67
CA LEU A 58 -3.24 -13.25 3.07
C LEU A 58 -4.26 -13.12 1.93
N SER A 59 -5.25 -12.25 2.14
CA SER A 59 -6.29 -12.04 1.13
C SER A 59 -6.16 -10.65 0.51
N THR A 60 -5.04 -10.41 -0.15
CA THR A 60 -4.79 -9.13 -0.80
C THR A 60 -4.87 -9.25 -2.32
N GLY A 61 -4.73 -8.12 -3.00
CA GLY A 61 -4.79 -8.13 -4.46
C GLY A 61 -5.12 -6.76 -5.02
N CYS A 62 -4.53 -6.43 -6.17
CA CYS A 62 -4.76 -5.15 -6.82
C CYS A 62 -5.49 -5.33 -8.14
N ARG A 63 -6.38 -4.40 -8.47
CA ARG A 63 -7.14 -4.45 -9.71
C ARG A 63 -7.66 -3.08 -10.09
N ASP A 64 -8.25 -2.98 -11.28
CA ASP A 64 -8.79 -1.71 -11.76
C ASP A 64 -10.21 -1.49 -11.24
N SER A 65 -10.77 -0.32 -11.53
CA SER A 65 -12.11 0.02 -11.09
C SER A 65 -13.06 0.09 -12.27
N GLU A 66 -14.27 -0.44 -12.09
CA GLU A 66 -15.28 -0.43 -13.15
C GLU A 66 -16.38 0.58 -12.84
N HIS A 67 -16.91 0.52 -11.63
CA HIS A 67 -17.97 1.43 -11.21
C HIS A 67 -17.47 2.88 -11.18
N GLU A 68 -18.34 3.79 -10.77
CA GLU A 68 -17.98 5.20 -10.70
C GLU A 68 -17.64 5.61 -9.27
N GLY A 69 -16.44 6.15 -9.08
CA GLY A 69 -16.02 6.57 -7.75
C GLY A 69 -14.52 6.75 -7.65
N HIS A 70 -13.87 5.85 -6.92
CA HIS A 70 -12.42 5.91 -6.74
C HIS A 70 -11.79 4.54 -6.97
N LYS A 71 -10.71 4.51 -7.75
CA LYS A 71 -10.01 3.27 -8.05
C LYS A 71 -8.90 3.02 -7.03
N VAL A 72 -9.15 2.07 -6.12
CA VAL A 72 -8.17 1.72 -5.10
C VAL A 72 -7.80 0.24 -5.15
N CYS A 73 -6.52 -0.05 -4.98
CA CYS A 73 -6.04 -1.43 -5.02
C CYS A 73 -5.27 -1.77 -3.74
N THR A 74 -5.33 -3.03 -3.33
CA THR A 74 -4.64 -3.48 -2.13
C THR A 74 -3.44 -4.36 -2.49
N SER A 75 -2.28 -4.01 -1.95
CA SER A 75 -1.06 -4.77 -2.21
C SER A 75 -0.13 -4.74 -1.00
N CYS A 76 0.50 -5.88 -0.73
CA CYS A 76 1.41 -5.99 0.41
C CYS A 76 2.87 -5.96 -0.05
N CYS A 77 3.78 -6.13 0.88
CA CYS A 77 5.21 -6.12 0.57
C CYS A 77 5.86 -7.45 0.95
N GLU A 78 7.09 -7.66 0.48
CA GLU A 78 7.82 -8.88 0.77
C GLU A 78 9.19 -8.57 1.36
N GLY A 79 9.44 -7.29 1.64
CA GLY A 79 10.70 -6.88 2.21
C GLY A 79 10.65 -5.50 2.83
N ASN A 80 11.74 -5.09 3.45
CA ASN A 80 11.81 -3.78 4.10
C ASN A 80 11.84 -2.67 3.05
N ILE A 81 11.88 -1.42 3.52
CA ILE A 81 11.92 -0.27 2.63
C ILE A 81 11.04 -0.49 1.41
N CYS A 82 9.85 -1.05 1.63
CA CYS A 82 8.91 -1.31 0.55
C CYS A 82 8.00 -0.11 0.32
N ASN A 83 8.42 1.06 0.80
CA ASN A 83 7.63 2.27 0.65
C ASN A 83 7.97 2.98 -0.64
N LEU A 84 7.99 2.24 -1.74
CA LEU A 84 8.30 2.79 -3.05
C LEU A 84 7.05 3.39 -3.70
N PRO A 85 7.27 4.29 -4.67
CA PRO A 85 6.18 4.95 -5.39
C PRO A 85 5.43 3.99 -6.31
N LEU A 86 4.54 4.53 -7.13
CA LEU A 86 3.76 3.73 -8.07
C LEU A 86 3.66 4.41 -9.42
N PRO A 87 4.78 4.40 -10.17
CA PRO A 87 4.84 5.01 -11.50
C PRO A 87 4.03 4.23 -12.54
N ARG A 88 3.83 2.95 -12.28
CA ARG A 88 3.08 2.10 -13.19
C ARG A 88 2.28 1.05 -12.42
N ASN A 89 1.01 0.87 -12.79
CA ASN A 89 0.14 -0.11 -12.13
C ASN A 89 -0.97 -0.56 -13.06
N GLU A 90 -1.06 -1.86 -13.29
CA GLU A 90 -2.08 -2.42 -14.16
C GLU A 90 -2.01 -3.94 -14.19
N THR A 91 -3.03 -4.59 -13.63
CA THR A 91 -3.08 -6.04 -13.58
C THR A 91 -3.08 -6.64 -14.98
N ASP A 92 -2.47 -7.81 -15.12
CA ASP A 92 -2.39 -8.49 -16.41
C ASP A 92 -3.78 -8.63 -17.03
N ALA A 93 -3.81 -8.82 -18.35
CA ALA A 93 -5.08 -8.97 -19.06
C ALA A 93 -5.27 -10.40 -19.54
N THR A 94 -4.17 -11.06 -19.93
CA THR A 94 -4.22 -12.43 -20.41
C THR A 94 -3.37 -13.35 -19.54
N PHE A 95 -3.90 -14.51 -19.22
CA PHE A 95 -3.19 -15.49 -18.40
C PHE A 95 -2.53 -16.56 -19.26
N ALA A 96 -1.41 -17.08 -18.78
CA ALA A 96 -0.69 -18.12 -19.51
C ALA A 96 -0.07 -19.14 -18.55
N MET A 1 16.11 -9.01 8.74
CA MET A 1 14.78 -8.51 9.05
C MET A 1 14.40 -7.37 8.12
N PHE A 2 13.10 -7.25 7.84
CA PHE A 2 12.60 -6.20 6.96
C PHE A 2 11.44 -5.44 7.61
N LYS A 3 11.41 -4.13 7.40
CA LYS A 3 10.35 -3.30 7.97
C LYS A 3 9.96 -2.18 7.00
N CYS A 4 8.70 -1.76 7.07
CA CYS A 4 8.22 -0.70 6.20
C CYS A 4 7.57 0.42 7.02
N PHE A 5 7.64 1.64 6.50
CA PHE A 5 7.06 2.80 7.18
C PHE A 5 5.54 2.74 7.16
N THR A 6 4.93 2.94 8.33
CA THR A 6 3.48 2.90 8.45
C THR A 6 2.88 4.28 8.21
N CYS A 7 2.44 4.53 6.99
CA CYS A 7 1.83 5.80 6.63
C CYS A 7 0.38 5.86 7.08
N GLU A 8 -0.28 6.99 6.79
CA GLU A 8 -1.67 7.18 7.18
C GLU A 8 -2.22 8.48 6.62
N LYS A 9 -3.30 8.40 5.85
CA LYS A 9 -3.91 9.57 5.26
C LYS A 9 -2.88 10.44 4.55
N ALA A 10 -1.97 9.78 3.83
CA ALA A 10 -0.92 10.50 3.10
C ALA A 10 -1.46 11.04 1.77
N ALA A 11 -1.22 12.32 1.54
CA ALA A 11 -1.67 12.97 0.30
C ALA A 11 -1.06 12.28 -0.92
N ASP A 12 0.18 11.86 -0.80
CA ASP A 12 0.87 11.18 -1.90
C ASP A 12 1.96 10.25 -1.37
N ASN A 13 2.14 9.12 -2.05
CA ASN A 13 3.15 8.15 -1.65
C ASN A 13 4.56 8.73 -1.79
N TYR A 14 4.78 9.46 -2.87
CA TYR A 14 6.09 10.07 -3.12
C TYR A 14 6.52 10.92 -1.93
N GLU A 15 5.55 11.56 -1.28
CA GLU A 15 5.84 12.41 -0.13
C GLU A 15 6.16 11.58 1.10
N CYS A 16 5.31 10.59 1.39
CA CYS A 16 5.50 9.72 2.54
C CYS A 16 6.94 9.23 2.61
N ASN A 17 7.42 8.65 1.51
CA ASN A 17 8.79 8.14 1.46
C ASN A 17 9.80 9.28 1.52
N ARG A 18 9.43 10.42 0.95
CA ARG A 18 10.31 11.59 0.94
C ARG A 18 10.86 11.87 2.33
N TRP A 19 9.98 11.77 3.34
CA TRP A 19 10.38 12.01 4.72
C TRP A 19 10.89 10.73 5.37
N ALA A 20 10.31 9.60 4.97
CA ALA A 20 10.70 8.30 5.52
C ALA A 20 10.69 8.32 7.05
N PRO A 21 9.47 8.30 7.62
CA PRO A 21 9.29 8.31 9.08
C PRO A 21 10.11 7.24 9.78
N ASP A 22 11.14 7.65 10.49
CA ASP A 22 12.01 6.73 11.21
C ASP A 22 11.34 6.23 12.49
N ILE A 23 10.23 5.51 12.34
CA ILE A 23 9.50 4.99 13.47
C ILE A 23 9.53 3.47 13.49
N TYR A 24 9.13 2.89 14.62
CA TYR A 24 9.12 1.43 14.77
C TYR A 24 7.70 0.89 14.60
N CYS A 25 7.58 -0.22 13.87
CA CYS A 25 6.30 -0.85 13.64
C CYS A 25 5.81 -1.58 14.88
N PRO A 26 4.50 -1.86 14.93
CA PRO A 26 3.88 -2.56 16.07
C PRO A 26 4.30 -4.03 16.13
N ARG A 27 3.72 -4.76 17.09
CA ARG A 27 4.04 -6.18 17.25
C ARG A 27 3.12 -7.04 16.39
N GLU A 28 3.33 -8.35 16.44
CA GLU A 28 2.52 -9.29 15.66
C GLU A 28 2.47 -8.87 14.20
N THR A 29 3.59 -8.35 13.69
CA THR A 29 3.68 -7.91 12.31
C THR A 29 4.87 -8.54 11.60
N ARG A 30 4.64 -9.02 10.38
CA ARG A 30 5.70 -9.66 9.59
C ARG A 30 5.72 -9.10 8.17
N TYR A 31 4.55 -8.88 7.60
CA TYR A 31 4.45 -8.36 6.25
C TYR A 31 4.18 -6.86 6.27
N CYS A 32 4.02 -6.27 5.08
CA CYS A 32 3.76 -4.84 4.96
C CYS A 32 2.51 -4.58 4.14
N TYR A 33 1.51 -3.97 4.77
CA TYR A 33 0.25 -3.67 4.09
C TYR A 33 0.34 -2.34 3.33
N THR A 34 -0.23 -2.33 2.13
CA THR A 34 -0.20 -1.13 1.29
C THR A 34 -1.57 -0.87 0.67
N GLN A 35 -1.93 0.40 0.55
CA GLN A 35 -3.21 0.78 -0.03
C GLN A 35 -3.11 2.11 -0.75
N HIS A 36 -3.15 2.07 -2.08
CA HIS A 36 -3.06 3.28 -2.89
C HIS A 36 -4.44 3.71 -3.40
N THR A 37 -4.84 4.92 -3.05
CA THR A 37 -6.13 5.45 -3.46
C THR A 37 -5.99 6.42 -4.62
N MET A 38 -6.57 6.07 -5.77
CA MET A 38 -6.51 6.92 -6.95
C MET A 38 -7.89 7.09 -7.58
N GLU A 39 -8.02 8.07 -8.46
CA GLU A 39 -9.29 8.33 -9.12
C GLU A 39 -9.52 7.38 -10.28
N VAL A 40 -10.78 7.15 -10.62
CA VAL A 40 -11.13 6.26 -11.72
C VAL A 40 -10.46 6.68 -13.01
N THR A 41 -10.31 7.99 -13.19
CA THR A 41 -9.68 8.53 -14.39
C THR A 41 -8.94 9.83 -14.09
N GLY A 42 -7.94 9.75 -13.22
CA GLY A 42 -7.17 10.93 -12.86
C GLY A 42 -5.75 10.60 -12.49
N ASN A 43 -5.49 10.48 -11.19
CA ASN A 43 -4.16 10.17 -10.69
C ASN A 43 -4.19 9.84 -9.20
N SER A 44 -3.02 9.54 -8.64
CA SER A 44 -2.92 9.20 -7.23
C SER A 44 -3.52 10.30 -6.35
N ILE A 45 -4.58 9.96 -5.62
CA ILE A 45 -5.25 10.92 -4.75
C ILE A 45 -4.72 10.82 -3.32
N SER A 46 -4.42 9.59 -2.89
CA SER A 46 -3.91 9.37 -1.55
C SER A 46 -3.36 7.95 -1.41
N VAL A 47 -2.75 7.67 -0.26
CA VAL A 47 -2.18 6.35 -0.01
C VAL A 47 -2.06 6.08 1.49
N THR A 48 -2.06 4.81 1.86
CA THR A 48 -1.96 4.41 3.26
C THR A 48 -1.12 3.16 3.42
N LYS A 49 -0.24 3.17 4.43
CA LYS A 49 0.63 2.02 4.69
C LYS A 49 0.57 1.62 6.16
N ARG A 50 0.96 0.39 6.45
CA ARG A 50 0.95 -0.12 7.82
C ARG A 50 1.56 -1.51 7.88
N CYS A 51 2.02 -1.91 9.07
CA CYS A 51 2.62 -3.22 9.27
C CYS A 51 1.57 -4.22 9.74
N VAL A 52 1.53 -5.39 9.10
CA VAL A 52 0.58 -6.44 9.47
C VAL A 52 1.20 -7.82 9.30
N PRO A 53 0.71 -8.78 10.09
CA PRO A 53 1.20 -10.16 10.04
C PRO A 53 0.80 -10.88 8.76
N LEU A 54 1.35 -12.09 8.57
CA LEU A 54 1.05 -12.87 7.38
C LEU A 54 -0.45 -13.09 7.23
N GLU A 55 -1.11 -13.41 8.34
CA GLU A 55 -2.55 -13.64 8.33
C GLU A 55 -3.28 -12.49 7.66
N GLU A 56 -2.96 -11.27 8.06
CA GLU A 56 -3.59 -10.09 7.49
C GLU A 56 -3.26 -9.94 6.00
N CYS A 57 -2.10 -10.47 5.62
CA CYS A 57 -1.66 -10.40 4.22
C CYS A 57 -2.01 -11.69 3.49
N LEU A 58 -3.06 -12.35 3.94
CA LEU A 58 -3.50 -13.60 3.32
C LEU A 58 -4.45 -13.33 2.15
N SER A 59 -5.26 -12.29 2.28
CA SER A 59 -6.21 -11.93 1.24
C SER A 59 -5.93 -10.52 0.72
N THR A 60 -5.10 -10.43 -0.31
CA THR A 60 -4.75 -9.15 -0.90
C THR A 60 -4.83 -9.20 -2.43
N GLY A 61 -4.58 -8.06 -3.06
CA GLY A 61 -4.63 -8.00 -4.52
C GLY A 61 -5.03 -6.64 -5.02
N CYS A 62 -4.58 -6.29 -6.22
CA CYS A 62 -4.89 -5.01 -6.82
C CYS A 62 -5.73 -5.19 -8.08
N ARG A 63 -6.77 -4.37 -8.23
CA ARG A 63 -7.66 -4.45 -9.38
C ARG A 63 -8.41 -3.13 -9.57
N ASP A 64 -9.11 -3.01 -10.69
CA ASP A 64 -9.87 -1.81 -11.01
C ASP A 64 -11.26 -1.88 -10.38
N SER A 65 -11.63 -0.82 -9.65
CA SER A 65 -12.92 -0.75 -9.00
C SER A 65 -13.95 -0.04 -9.88
N GLU A 66 -15.22 -0.26 -9.59
CA GLU A 66 -16.29 0.36 -10.35
C GLU A 66 -17.42 0.84 -9.44
N HIS A 67 -17.75 0.03 -8.44
CA HIS A 67 -18.81 0.37 -7.50
C HIS A 67 -18.59 1.76 -6.91
N GLU A 68 -17.61 1.89 -6.02
CA GLU A 68 -17.30 3.16 -5.41
C GLU A 68 -16.59 4.09 -6.38
N GLY A 69 -16.58 5.38 -6.07
CA GLY A 69 -15.92 6.35 -6.93
C GLY A 69 -14.46 6.03 -7.16
N HIS A 70 -13.58 6.64 -6.37
CA HIS A 70 -12.16 6.41 -6.49
C HIS A 70 -11.84 4.92 -6.45
N LYS A 71 -10.86 4.50 -7.25
CA LYS A 71 -10.46 3.10 -7.29
C LYS A 71 -9.17 2.88 -6.49
N VAL A 72 -9.28 2.10 -5.42
CA VAL A 72 -8.14 1.80 -4.57
C VAL A 72 -7.77 0.32 -4.64
N CYS A 73 -6.47 0.04 -4.62
CA CYS A 73 -5.97 -1.33 -4.68
C CYS A 73 -5.12 -1.66 -3.47
N THR A 74 -5.13 -2.92 -3.07
CA THR A 74 -4.36 -3.37 -1.92
C THR A 74 -3.31 -4.41 -2.32
N SER A 75 -2.18 -4.41 -1.62
CA SER A 75 -1.11 -5.35 -1.90
C SER A 75 -0.11 -5.41 -0.75
N CYS A 76 0.61 -6.52 -0.66
CA CYS A 76 1.59 -6.71 0.41
C CYS A 76 3.00 -6.73 -0.16
N CYS A 77 3.91 -5.98 0.47
CA CYS A 77 5.30 -5.91 0.03
C CYS A 77 6.04 -7.19 0.40
N GLU A 78 7.16 -7.43 -0.28
CA GLU A 78 7.97 -8.62 -0.03
C GLU A 78 9.34 -8.23 0.52
N GLY A 79 9.52 -6.94 0.79
CA GLY A 79 10.79 -6.47 1.31
C GLY A 79 10.65 -5.17 2.08
N ASN A 80 11.72 -4.75 2.74
CA ASN A 80 11.71 -3.51 3.51
C ASN A 80 11.66 -2.29 2.59
N ILE A 81 11.63 -1.11 3.19
CA ILE A 81 11.58 0.13 2.43
C ILE A 81 10.72 -0.03 1.17
N CYS A 82 9.50 -0.54 1.37
CA CYS A 82 8.59 -0.75 0.25
C CYS A 82 7.60 0.42 0.14
N ASN A 83 7.96 1.55 0.74
CA ASN A 83 7.11 2.73 0.70
C ASN A 83 7.18 3.42 -0.65
N LEU A 84 8.20 3.07 -1.43
CA LEU A 84 8.38 3.65 -2.76
C LEU A 84 7.11 3.50 -3.60
N PRO A 85 7.00 4.33 -4.64
CA PRO A 85 5.84 4.31 -5.54
C PRO A 85 5.80 3.07 -6.41
N LEU A 86 4.60 2.61 -6.74
CA LEU A 86 4.43 1.42 -7.57
C LEU A 86 4.23 1.81 -9.03
N PRO A 87 4.55 0.87 -9.94
CA PRO A 87 4.42 1.09 -11.38
C PRO A 87 2.96 1.15 -11.83
N ARG A 88 2.74 1.59 -13.06
CA ARG A 88 1.39 1.70 -13.60
C ARG A 88 0.75 0.33 -13.75
N ASN A 89 -0.16 0.00 -12.84
CA ASN A 89 -0.85 -1.29 -12.87
C ASN A 89 -2.32 -1.12 -13.20
N GLU A 90 -2.83 -1.96 -14.09
CA GLU A 90 -4.23 -1.90 -14.49
C GLU A 90 -4.75 -3.27 -14.87
N THR A 91 -5.55 -3.87 -13.99
CA THR A 91 -6.11 -5.18 -14.22
C THR A 91 -5.02 -6.22 -14.41
N ASP A 92 -3.97 -6.13 -13.60
CA ASP A 92 -2.85 -7.06 -13.66
C ASP A 92 -2.41 -7.48 -12.26
N ALA A 93 -1.49 -8.45 -12.21
CA ALA A 93 -0.99 -8.95 -10.93
C ALA A 93 -2.13 -9.45 -10.05
N THR A 94 -3.10 -10.12 -10.67
CA THR A 94 -4.23 -10.65 -9.94
C THR A 94 -3.82 -11.83 -9.05
N PHE A 95 -3.15 -12.80 -9.65
CA PHE A 95 -2.70 -13.97 -8.92
C PHE A 95 -1.17 -14.05 -8.88
N ALA A 96 -0.62 -14.30 -7.70
CA ALA A 96 0.82 -14.40 -7.54
C ALA A 96 1.28 -15.85 -7.56
N MET A 1 12.66 -10.70 10.12
CA MET A 1 11.60 -9.73 10.37
C MET A 1 11.71 -8.55 9.42
N PHE A 2 10.56 -7.98 9.05
CA PHE A 2 10.53 -6.85 8.14
C PHE A 2 9.68 -5.71 8.71
N LYS A 3 10.15 -4.49 8.52
CA LYS A 3 9.43 -3.31 9.02
C LYS A 3 9.37 -2.22 7.96
N CYS A 4 8.20 -1.63 7.80
CA CYS A 4 8.01 -0.56 6.81
C CYS A 4 7.40 0.68 7.46
N PHE A 5 7.49 1.81 6.76
CA PHE A 5 6.95 3.07 7.27
C PHE A 5 5.42 3.03 7.30
N THR A 6 4.84 3.51 8.39
CA THR A 6 3.40 3.53 8.53
C THR A 6 2.81 4.84 7.99
N CYS A 7 2.43 4.82 6.73
CA CYS A 7 1.85 6.00 6.09
C CYS A 7 0.38 6.14 6.44
N GLU A 8 -0.05 7.38 6.67
CA GLU A 8 -1.44 7.66 7.02
C GLU A 8 -1.98 8.84 6.23
N LYS A 9 -2.96 8.58 5.36
CA LYS A 9 -3.55 9.61 4.54
C LYS A 9 -2.48 10.42 3.81
N ALA A 10 -1.48 9.72 3.28
CA ALA A 10 -0.40 10.36 2.55
C ALA A 10 -0.82 10.68 1.12
N ALA A 11 -0.67 11.95 0.74
CA ALA A 11 -1.04 12.38 -0.60
C ALA A 11 -0.39 11.50 -1.66
N ASP A 12 0.82 11.04 -1.38
CA ASP A 12 1.55 10.19 -2.32
C ASP A 12 2.81 9.63 -1.66
N ASN A 13 3.31 8.52 -2.22
CA ASN A 13 4.51 7.89 -1.69
C ASN A 13 5.65 8.90 -1.57
N TYR A 14 5.72 9.81 -2.54
CA TYR A 14 6.77 10.83 -2.54
C TYR A 14 6.78 11.62 -1.24
N GLU A 15 5.65 12.24 -0.92
CA GLU A 15 5.54 13.03 0.30
C GLU A 15 5.87 12.18 1.53
N CYS A 16 5.21 11.04 1.65
CA CYS A 16 5.44 10.14 2.78
C CYS A 16 6.92 9.83 2.93
N ASN A 17 7.57 9.55 1.80
CA ASN A 17 9.00 9.23 1.81
C ASN A 17 9.83 10.44 2.23
N ARG A 18 9.42 11.61 1.75
CA ARG A 18 10.14 12.85 2.08
C ARG A 18 10.31 12.99 3.59
N TRP A 19 9.25 12.73 4.33
CA TRP A 19 9.29 12.83 5.78
C TRP A 19 9.61 11.48 6.41
N ALA A 20 8.62 10.60 6.44
CA ALA A 20 8.79 9.27 7.01
C ALA A 20 9.28 9.36 8.45
N PRO A 21 8.37 9.73 9.36
CA PRO A 21 8.70 9.86 10.78
C PRO A 21 9.37 8.61 11.34
N ASP A 22 10.23 8.80 12.34
CA ASP A 22 10.94 7.69 12.96
C ASP A 22 10.05 6.96 13.94
N ILE A 23 9.22 6.04 13.42
CA ILE A 23 8.32 5.26 14.25
C ILE A 23 8.52 3.77 14.03
N TYR A 24 8.36 3.00 15.10
CA TYR A 24 8.53 1.55 15.04
C TYR A 24 7.18 0.85 14.91
N CYS A 25 7.05 -0.02 13.92
CA CYS A 25 5.82 -0.75 13.70
C CYS A 25 5.43 -1.56 14.94
N PRO A 26 4.14 -1.94 15.01
CA PRO A 26 3.61 -2.71 16.14
C PRO A 26 4.15 -4.14 16.16
N ARG A 27 3.63 -4.94 17.08
CA ARG A 27 4.06 -6.33 17.22
C ARG A 27 3.14 -7.26 16.44
N GLU A 28 3.43 -8.56 16.48
CA GLU A 28 2.62 -9.54 15.78
C GLU A 28 2.50 -9.19 14.31
N THR A 29 3.56 -8.64 13.74
CA THR A 29 3.57 -8.25 12.34
C THR A 29 4.72 -8.90 11.59
N ARG A 30 4.51 -9.20 10.31
CA ARG A 30 5.53 -9.82 9.48
C ARG A 30 5.58 -9.20 8.10
N TYR A 31 4.40 -8.94 7.54
CA TYR A 31 4.30 -8.35 6.21
C TYR A 31 3.98 -6.86 6.29
N CYS A 32 3.83 -6.22 5.14
CA CYS A 32 3.52 -4.80 5.08
C CYS A 32 2.30 -4.54 4.21
N TYR A 33 1.27 -3.93 4.81
CA TYR A 33 0.04 -3.62 4.09
C TYR A 33 0.16 -2.30 3.33
N THR A 34 -0.08 -2.34 2.02
CA THR A 34 0.01 -1.15 1.20
C THR A 34 -1.28 -0.94 0.42
N GLN A 35 -1.93 0.21 0.65
CA GLN A 35 -3.18 0.54 -0.03
C GLN A 35 -3.09 1.91 -0.69
N HIS A 36 -3.01 1.92 -2.01
CA HIS A 36 -2.92 3.18 -2.76
C HIS A 36 -4.30 3.59 -3.27
N THR A 37 -4.80 4.72 -2.76
CA THR A 37 -6.10 5.23 -3.16
C THR A 37 -5.98 6.21 -4.32
N MET A 38 -6.63 5.90 -5.43
CA MET A 38 -6.59 6.75 -6.62
C MET A 38 -7.98 7.26 -6.97
N GLU A 39 -8.04 8.22 -7.88
CA GLU A 39 -9.32 8.79 -8.31
C GLU A 39 -9.87 8.04 -9.51
N VAL A 40 -11.17 8.22 -9.76
CA VAL A 40 -11.83 7.56 -10.88
C VAL A 40 -11.07 7.80 -12.18
N THR A 41 -10.46 8.96 -12.29
CA THR A 41 -9.69 9.32 -13.49
C THR A 41 -8.43 8.47 -13.61
N GLY A 42 -7.85 8.12 -12.46
CA GLY A 42 -6.64 7.32 -12.46
C GLY A 42 -5.43 8.08 -11.96
N ASN A 43 -5.66 8.98 -11.01
CA ASN A 43 -4.59 9.79 -10.44
C ASN A 43 -4.44 9.53 -8.95
N SER A 44 -3.19 9.51 -8.48
CA SER A 44 -2.91 9.26 -7.07
C SER A 44 -3.48 10.37 -6.20
N ILE A 45 -4.38 10.01 -5.29
CA ILE A 45 -4.99 10.98 -4.39
C ILE A 45 -4.50 10.80 -2.97
N SER A 46 -4.39 9.55 -2.54
CA SER A 46 -3.93 9.24 -1.19
C SER A 46 -3.38 7.81 -1.11
N VAL A 47 -2.77 7.48 0.02
CA VAL A 47 -2.21 6.15 0.22
C VAL A 47 -2.10 5.81 1.71
N THR A 48 -2.59 4.63 2.07
CA THR A 48 -2.56 4.19 3.46
C THR A 48 -1.68 2.95 3.62
N LYS A 49 -0.52 3.14 4.25
CA LYS A 49 0.40 2.03 4.47
C LYS A 49 0.55 1.73 5.95
N ARG A 50 0.67 0.45 6.29
CA ARG A 50 0.82 0.03 7.68
C ARG A 50 1.45 -1.36 7.76
N CYS A 51 1.75 -1.80 8.99
CA CYS A 51 2.36 -3.10 9.20
C CYS A 51 1.31 -4.12 9.64
N VAL A 52 1.33 -5.30 9.03
CA VAL A 52 0.39 -6.36 9.36
C VAL A 52 1.00 -7.73 9.12
N PRO A 53 0.52 -8.74 9.88
CA PRO A 53 1.01 -10.11 9.76
C PRO A 53 0.60 -10.77 8.45
N LEU A 54 1.30 -11.84 8.08
CA LEU A 54 1.00 -12.56 6.84
C LEU A 54 -0.48 -12.90 6.76
N GLU A 55 -1.05 -13.37 7.86
CA GLU A 55 -2.46 -13.74 7.91
C GLU A 55 -3.33 -12.59 7.42
N GLU A 56 -3.05 -11.39 7.92
CA GLU A 56 -3.82 -10.21 7.53
C GLU A 56 -3.58 -9.86 6.06
N CYS A 57 -2.48 -10.36 5.51
CA CYS A 57 -2.14 -10.11 4.12
C CYS A 57 -2.74 -11.17 3.21
N LEU A 58 -3.71 -11.91 3.74
CA LEU A 58 -4.37 -12.96 2.97
C LEU A 58 -5.25 -12.35 1.86
N SER A 59 -6.00 -11.32 2.21
CA SER A 59 -6.87 -10.65 1.25
C SER A 59 -6.18 -9.44 0.63
N THR A 60 -5.27 -9.69 -0.30
CA THR A 60 -4.54 -8.63 -0.97
C THR A 60 -4.69 -8.72 -2.48
N GLY A 61 -4.11 -7.75 -3.19
CA GLY A 61 -4.20 -7.74 -4.64
C GLY A 61 -4.83 -6.47 -5.16
N CYS A 62 -4.65 -6.21 -6.46
CA CYS A 62 -5.20 -5.02 -7.08
C CYS A 62 -6.21 -5.39 -8.17
N ARG A 63 -7.31 -4.65 -8.24
CA ARG A 63 -8.34 -4.90 -9.23
C ARG A 63 -8.27 -3.89 -10.37
N ASP A 64 -8.96 -4.19 -11.46
CA ASP A 64 -8.97 -3.30 -12.62
C ASP A 64 -10.01 -2.21 -12.47
N SER A 65 -11.27 -2.55 -12.71
CA SER A 65 -12.37 -1.60 -12.60
C SER A 65 -13.35 -2.02 -11.51
N GLU A 66 -12.83 -2.62 -10.45
CA GLU A 66 -13.66 -3.08 -9.34
C GLU A 66 -13.47 -2.18 -8.12
N HIS A 67 -14.46 -1.34 -7.85
CA HIS A 67 -14.40 -0.42 -6.71
C HIS A 67 -15.80 0.06 -6.34
N GLU A 68 -15.86 1.02 -5.41
CA GLU A 68 -17.13 1.57 -4.97
C GLU A 68 -17.20 3.07 -5.26
N GLY A 69 -16.05 3.72 -5.20
CA GLY A 69 -16.00 5.16 -5.46
C GLY A 69 -14.61 5.62 -5.87
N HIS A 70 -13.59 5.11 -5.20
CA HIS A 70 -12.21 5.48 -5.50
C HIS A 70 -11.43 4.28 -6.01
N LYS A 71 -10.61 4.50 -7.04
CA LYS A 71 -9.80 3.43 -7.62
C LYS A 71 -8.65 3.07 -6.69
N VAL A 72 -8.95 2.36 -5.62
CA VAL A 72 -7.93 1.95 -4.66
C VAL A 72 -7.65 0.45 -4.77
N CYS A 73 -6.38 0.09 -4.63
CA CYS A 73 -5.97 -1.31 -4.70
C CYS A 73 -5.05 -1.68 -3.54
N THR A 74 -5.12 -2.94 -3.12
CA THR A 74 -4.30 -3.41 -2.01
C THR A 74 -3.10 -4.21 -2.52
N SER A 75 -1.99 -4.12 -1.81
CA SER A 75 -0.77 -4.83 -2.19
C SER A 75 0.15 -5.00 -1.00
N CYS A 76 0.52 -6.24 -0.71
CA CYS A 76 1.40 -6.55 0.41
C CYS A 76 2.81 -6.85 -0.08
N CYS A 77 3.79 -6.17 0.51
CA CYS A 77 5.19 -6.37 0.13
C CYS A 77 5.72 -7.68 0.69
N GLU A 78 7.03 -7.91 0.50
CA GLU A 78 7.66 -9.13 0.99
C GLU A 78 8.95 -8.81 1.73
N GLY A 79 9.21 -7.52 1.92
CA GLY A 79 10.40 -7.10 2.62
C GLY A 79 10.26 -5.72 3.25
N ASN A 80 11.24 -5.34 4.07
CA ASN A 80 11.21 -4.05 4.73
C ASN A 80 11.46 -2.91 3.74
N ILE A 81 11.41 -1.69 4.23
CA ILE A 81 11.64 -0.52 3.38
C ILE A 81 11.01 -0.71 2.00
N CYS A 82 9.81 -1.27 1.97
CA CYS A 82 9.10 -1.51 0.72
C CYS A 82 8.21 -0.32 0.37
N ASN A 83 8.46 0.82 1.00
CA ASN A 83 7.69 2.03 0.74
C ASN A 83 8.13 2.70 -0.55
N LEU A 84 7.47 2.35 -1.65
CA LEU A 84 7.80 2.92 -2.95
C LEU A 84 6.58 2.93 -3.85
N PRO A 85 6.61 3.79 -4.89
CA PRO A 85 5.51 3.92 -5.85
C PRO A 85 5.39 2.70 -6.75
N LEU A 86 4.16 2.24 -6.95
CA LEU A 86 3.91 1.07 -7.81
C LEU A 86 3.30 1.50 -9.14
N PRO A 87 3.60 0.72 -10.19
CA PRO A 87 3.10 0.98 -11.54
C PRO A 87 1.59 0.74 -11.66
N ARG A 88 1.10 0.77 -12.89
CA ARG A 88 -0.33 0.56 -13.14
C ARG A 88 -0.56 -0.72 -13.93
N ASN A 89 -1.06 -1.74 -13.26
CA ASN A 89 -1.32 -3.03 -13.90
C ASN A 89 -2.74 -3.51 -13.60
N GLU A 90 -3.02 -4.75 -13.94
CA GLU A 90 -4.35 -5.33 -13.71
C GLU A 90 -4.27 -6.47 -12.69
N THR A 91 -5.41 -7.11 -12.44
CA THR A 91 -5.47 -8.21 -11.48
C THR A 91 -4.63 -9.39 -11.96
N ASP A 92 -4.60 -9.62 -13.26
CA ASP A 92 -3.83 -10.71 -13.84
C ASP A 92 -2.33 -10.51 -13.59
N ALA A 93 -1.69 -11.54 -13.06
CA ALA A 93 -0.26 -11.47 -12.78
C ALA A 93 0.34 -12.87 -12.65
N THR A 94 1.63 -12.98 -12.97
CA THR A 94 2.33 -14.26 -12.90
C THR A 94 2.37 -14.78 -11.47
N PHE A 95 2.01 -16.04 -11.29
CA PHE A 95 2.02 -16.66 -9.96
C PHE A 95 3.18 -17.63 -9.82
N ALA A 96 4.18 -17.24 -9.03
CA ALA A 96 5.35 -18.07 -8.81
C ALA A 96 6.01 -18.45 -10.12
N MET A 1 16.31 -6.64 10.76
CA MET A 1 14.97 -7.04 10.38
C MET A 1 14.35 -6.03 9.42
N PHE A 2 13.90 -6.51 8.27
CA PHE A 2 13.29 -5.66 7.27
C PHE A 2 12.05 -4.96 7.82
N LYS A 3 11.89 -3.68 7.48
CA LYS A 3 10.76 -2.90 7.96
C LYS A 3 10.28 -1.94 6.87
N CYS A 4 9.10 -1.35 7.09
CA CYS A 4 8.54 -0.41 6.12
C CYS A 4 7.92 0.79 6.85
N PHE A 5 7.96 1.95 6.20
CA PHE A 5 7.40 3.17 6.77
C PHE A 5 5.88 3.10 6.83
N THR A 6 5.33 3.24 8.02
CA THR A 6 3.88 3.19 8.22
C THR A 6 3.26 4.58 8.08
N CYS A 7 2.70 4.84 6.90
CA CYS A 7 2.07 6.14 6.64
C CYS A 7 0.65 6.17 7.21
N GLU A 8 -0.06 7.28 6.95
CA GLU A 8 -1.42 7.43 7.44
C GLU A 8 -2.14 8.54 6.67
N LYS A 9 -3.04 8.15 5.77
CA LYS A 9 -3.79 9.11 4.98
C LYS A 9 -2.87 10.11 4.30
N ALA A 10 -1.85 9.60 3.62
CA ALA A 10 -0.89 10.45 2.92
C ALA A 10 -1.41 10.84 1.55
N ALA A 11 -1.42 12.14 1.28
CA ALA A 11 -1.89 12.64 -0.01
C ALA A 11 -1.17 11.96 -1.17
N ASP A 12 0.10 11.65 -0.96
CA ASP A 12 0.91 10.99 -1.98
C ASP A 12 2.08 10.23 -1.35
N ASN A 13 2.51 9.16 -2.01
CA ASN A 13 3.61 8.36 -1.52
C ASN A 13 4.92 9.16 -1.51
N TYR A 14 5.07 10.02 -2.50
CA TYR A 14 6.27 10.85 -2.61
C TYR A 14 6.50 11.63 -1.33
N GLU A 15 5.59 12.55 -1.02
CA GLU A 15 5.71 13.36 0.19
C GLU A 15 5.95 12.48 1.42
N CYS A 16 5.13 11.45 1.56
CA CYS A 16 5.26 10.53 2.70
C CYS A 16 6.67 9.97 2.79
N ASN A 17 7.25 9.64 1.64
CA ASN A 17 8.61 9.09 1.60
C ASN A 17 9.64 10.17 1.88
N ARG A 18 9.35 11.39 1.42
CA ARG A 18 10.26 12.52 1.63
C ARG A 18 10.53 12.73 3.11
N TRP A 19 9.52 12.50 3.94
CA TRP A 19 9.65 12.67 5.38
C TRP A 19 10.10 11.38 6.04
N ALA A 20 9.20 10.41 6.12
CA ALA A 20 9.51 9.12 6.73
C ALA A 20 10.11 9.30 8.12
N PRO A 21 9.25 9.61 9.11
CA PRO A 21 9.68 9.81 10.49
C PRO A 21 10.20 8.53 11.14
N ASP A 22 11.07 8.68 12.14
CA ASP A 22 11.64 7.54 12.83
C ASP A 22 10.59 6.85 13.70
N ILE A 23 9.79 5.99 13.07
CA ILE A 23 8.75 5.26 13.78
C ILE A 23 8.82 3.77 13.50
N TYR A 24 8.61 2.96 14.53
CA TYR A 24 8.65 1.51 14.38
C TYR A 24 7.25 0.93 14.29
N CYS A 25 7.06 0.02 13.34
CA CYS A 25 5.76 -0.62 13.13
C CYS A 25 5.26 -1.24 14.44
N PRO A 26 3.93 -1.44 14.51
CA PRO A 26 3.28 -2.02 15.70
C PRO A 26 3.62 -3.50 15.86
N ARG A 27 3.66 -3.95 17.12
CA ARG A 27 3.97 -5.34 17.42
C ARG A 27 3.00 -6.28 16.70
N GLU A 28 3.19 -7.58 16.88
CA GLU A 28 2.34 -8.58 16.25
C GLU A 28 2.26 -8.34 14.74
N THR A 29 3.42 -8.18 14.10
CA THR A 29 3.48 -7.96 12.67
C THR A 29 4.57 -8.81 12.02
N ARG A 30 4.41 -9.08 10.74
CA ARG A 30 5.39 -9.88 10.00
C ARG A 30 5.60 -9.33 8.59
N TYR A 31 4.49 -9.07 7.90
CA TYR A 31 4.55 -8.55 6.54
C TYR A 31 4.29 -7.03 6.52
N CYS A 32 4.31 -6.46 5.33
CA CYS A 32 4.08 -5.03 5.18
C CYS A 32 2.84 -4.76 4.33
N TYR A 33 1.84 -4.13 4.94
CA TYR A 33 0.60 -3.82 4.25
C TYR A 33 0.70 -2.49 3.51
N THR A 34 0.03 -2.39 2.36
CA THR A 34 0.05 -1.18 1.56
C THR A 34 -1.23 -1.04 0.76
N GLN A 35 -1.74 0.19 0.67
CA GLN A 35 -2.97 0.46 -0.06
C GLN A 35 -2.91 1.83 -0.73
N HIS A 36 -3.16 1.87 -2.03
CA HIS A 36 -3.15 3.13 -2.78
C HIS A 36 -4.55 3.54 -3.19
N THR A 37 -4.89 4.80 -2.95
CA THR A 37 -6.21 5.32 -3.31
C THR A 37 -6.12 6.36 -4.41
N MET A 38 -6.67 6.03 -5.58
CA MET A 38 -6.65 6.93 -6.72
C MET A 38 -8.07 7.30 -7.15
N GLU A 39 -8.18 8.07 -8.22
CA GLU A 39 -9.48 8.50 -8.72
C GLU A 39 -9.95 7.58 -9.85
N VAL A 40 -11.26 7.54 -10.07
CA VAL A 40 -11.84 6.70 -11.11
C VAL A 40 -11.18 6.98 -12.46
N THR A 41 -10.77 8.22 -12.67
CA THR A 41 -10.14 8.62 -13.92
C THR A 41 -8.75 8.00 -14.04
N GLY A 42 -7.79 8.53 -13.29
CA GLY A 42 -6.44 8.00 -13.34
C GLY A 42 -5.42 8.96 -12.73
N ASN A 43 -5.53 9.17 -11.43
CA ASN A 43 -4.63 10.08 -10.73
C ASN A 43 -4.55 9.72 -9.24
N SER A 44 -3.34 9.85 -8.68
CA SER A 44 -3.13 9.53 -7.27
C SER A 44 -3.76 10.60 -6.37
N ILE A 45 -4.55 10.15 -5.40
CA ILE A 45 -5.22 11.06 -4.47
C ILE A 45 -4.68 10.88 -3.05
N SER A 46 -4.50 9.62 -2.65
CA SER A 46 -4.00 9.31 -1.32
C SER A 46 -3.47 7.88 -1.26
N VAL A 47 -2.82 7.55 -0.15
CA VAL A 47 -2.26 6.22 0.04
C VAL A 47 -2.09 5.89 1.53
N THR A 48 -2.50 4.70 1.91
CA THR A 48 -2.40 4.27 3.30
C THR A 48 -1.45 3.08 3.44
N LYS A 49 -0.34 3.31 4.16
CA LYS A 49 0.65 2.26 4.37
C LYS A 49 0.74 1.88 5.84
N ARG A 50 0.78 0.57 6.11
CA ARG A 50 0.87 0.08 7.48
C ARG A 50 1.54 -1.29 7.52
N CYS A 51 1.76 -1.80 8.73
CA CYS A 51 2.40 -3.09 8.91
C CYS A 51 1.41 -4.13 9.42
N VAL A 52 1.42 -5.31 8.83
CA VAL A 52 0.52 -6.39 9.22
C VAL A 52 1.18 -7.75 9.02
N PRO A 53 0.75 -8.74 9.82
CA PRO A 53 1.27 -10.10 9.76
C PRO A 53 0.85 -10.82 8.48
N LEU A 54 1.46 -11.97 8.23
CA LEU A 54 1.16 -12.76 7.04
C LEU A 54 -0.34 -13.04 6.94
N GLU A 55 -0.94 -13.40 8.08
CA GLU A 55 -2.37 -13.69 8.13
C GLU A 55 -3.18 -12.56 7.48
N GLU A 56 -2.82 -11.33 7.80
CA GLU A 56 -3.50 -10.16 7.26
C GLU A 56 -3.26 -10.03 5.76
N CYS A 57 -2.10 -10.50 5.31
CA CYS A 57 -1.74 -10.45 3.90
C CYS A 57 -2.52 -11.48 3.10
N LEU A 58 -3.25 -12.35 3.80
CA LEU A 58 -4.03 -13.40 3.15
C LEU A 58 -5.20 -12.79 2.39
N SER A 59 -5.75 -11.69 2.91
CA SER A 59 -6.87 -11.02 2.28
C SER A 59 -6.42 -9.75 1.57
N THR A 60 -5.67 -9.93 0.49
CA THR A 60 -5.17 -8.80 -0.29
C THR A 60 -5.48 -8.96 -1.77
N GLY A 61 -4.99 -8.03 -2.58
CA GLY A 61 -5.22 -8.10 -4.01
C GLY A 61 -5.69 -6.77 -4.58
N CYS A 62 -5.42 -6.55 -5.86
CA CYS A 62 -5.81 -5.31 -6.52
C CYS A 62 -6.84 -5.59 -7.63
N ARG A 63 -8.10 -5.30 -7.35
CA ARG A 63 -9.16 -5.53 -8.31
C ARG A 63 -10.45 -4.84 -7.86
N ASP A 64 -11.52 -5.04 -8.64
CA ASP A 64 -12.81 -4.44 -8.32
C ASP A 64 -13.43 -5.10 -7.09
N SER A 65 -13.78 -4.27 -6.09
CA SER A 65 -14.38 -4.78 -4.86
C SER A 65 -15.64 -4.00 -4.52
N GLU A 66 -15.46 -2.80 -3.98
CA GLU A 66 -16.58 -1.94 -3.60
C GLU A 66 -17.04 -1.09 -4.77
N HIS A 67 -18.24 -0.54 -4.66
CA HIS A 67 -18.80 0.29 -5.73
C HIS A 67 -18.50 1.76 -5.46
N GLU A 68 -17.27 2.04 -5.05
CA GLU A 68 -16.86 3.41 -4.76
C GLU A 68 -16.42 4.13 -6.03
N GLY A 69 -16.27 5.45 -5.95
CA GLY A 69 -15.86 6.23 -7.09
C GLY A 69 -14.38 6.58 -7.06
N HIS A 70 -13.58 5.69 -6.49
CA HIS A 70 -12.14 5.90 -6.40
C HIS A 70 -11.37 4.63 -6.71
N LYS A 71 -10.39 4.74 -7.61
CA LYS A 71 -9.58 3.59 -8.00
C LYS A 71 -8.57 3.24 -6.91
N VAL A 72 -8.98 2.39 -5.97
CA VAL A 72 -8.11 1.99 -4.88
C VAL A 72 -7.93 0.47 -4.86
N CYS A 73 -6.70 0.03 -4.60
CA CYS A 73 -6.39 -1.39 -4.56
C CYS A 73 -5.51 -1.72 -3.35
N THR A 74 -5.61 -2.95 -2.88
CA THR A 74 -4.83 -3.40 -1.73
C THR A 74 -3.78 -4.43 -2.13
N SER A 75 -2.65 -4.44 -1.42
CA SER A 75 -1.58 -5.38 -1.71
C SER A 75 -0.47 -5.27 -0.67
N CYS A 76 0.30 -6.35 -0.51
CA CYS A 76 1.39 -6.37 0.46
C CYS A 76 2.67 -5.82 -0.17
N CYS A 77 3.77 -5.93 0.57
CA CYS A 77 5.06 -5.44 0.09
C CYS A 77 6.11 -6.56 0.11
N GLU A 78 7.28 -6.27 -0.44
CA GLU A 78 8.36 -7.25 -0.49
C GLU A 78 9.68 -6.62 -0.06
N GLY A 79 10.17 -7.04 1.10
CA GLY A 79 11.43 -6.50 1.60
C GLY A 79 11.25 -5.17 2.29
N ASN A 80 12.32 -4.68 2.91
CA ASN A 80 12.29 -3.39 3.61
C ASN A 80 12.16 -2.24 2.62
N ILE A 81 12.09 -1.02 3.15
CA ILE A 81 11.97 0.17 2.32
C ILE A 81 11.09 -0.09 1.11
N CYS A 82 9.95 -0.73 1.34
CA CYS A 82 9.01 -1.04 0.27
C CYS A 82 8.21 0.19 -0.13
N ASN A 83 8.41 1.28 0.61
CA ASN A 83 7.71 2.53 0.33
C ASN A 83 8.18 3.14 -0.99
N LEU A 84 7.39 2.96 -2.04
CA LEU A 84 7.72 3.50 -3.35
C LEU A 84 6.47 3.77 -4.16
N PRO A 85 6.56 4.70 -5.13
CA PRO A 85 5.45 5.07 -6.00
C PRO A 85 5.09 3.96 -6.97
N LEU A 86 3.83 3.95 -7.41
CA LEU A 86 3.36 2.94 -8.35
C LEU A 86 2.77 3.60 -9.61
N PRO A 87 2.71 2.82 -10.70
CA PRO A 87 2.19 3.31 -11.97
C PRO A 87 0.68 3.53 -11.93
N ARG A 88 0.09 3.78 -13.10
CA ARG A 88 -1.35 4.02 -13.19
C ARG A 88 -2.04 2.84 -13.87
N ASN A 89 -1.76 1.64 -13.41
CA ASN A 89 -2.36 0.44 -13.98
C ASN A 89 -3.08 -0.38 -12.91
N GLU A 90 -3.92 -1.30 -13.35
CA GLU A 90 -4.68 -2.14 -12.42
C GLU A 90 -4.21 -3.59 -12.50
N THR A 91 -4.88 -4.47 -11.77
CA THR A 91 -4.53 -5.89 -11.75
C THR A 91 -5.79 -6.76 -11.67
N ASP A 92 -5.62 -8.04 -11.99
CA ASP A 92 -6.73 -8.98 -11.95
C ASP A 92 -6.25 -10.38 -11.55
N ALA A 93 -6.83 -10.92 -10.49
CA ALA A 93 -6.46 -12.24 -10.01
C ALA A 93 -7.52 -13.28 -10.36
N THR A 94 -7.10 -14.52 -10.56
CA THR A 94 -8.02 -15.60 -10.90
C THR A 94 -9.03 -15.84 -9.78
N PHE A 95 -8.54 -15.89 -8.56
CA PHE A 95 -9.39 -16.11 -7.40
C PHE A 95 -9.98 -14.80 -6.88
N ALA A 96 -10.96 -14.90 -5.99
CA ALA A 96 -11.60 -13.73 -5.42
C ALA A 96 -11.10 -13.46 -4.01
N MET A 1 11.71 -9.78 10.93
CA MET A 1 12.93 -9.00 10.86
C MET A 1 12.73 -7.77 9.97
N PHE A 2 12.01 -7.96 8.87
CA PHE A 2 11.74 -6.88 7.93
C PHE A 2 10.55 -6.04 8.38
N LYS A 3 10.65 -4.73 8.22
CA LYS A 3 9.59 -3.82 8.61
C LYS A 3 9.45 -2.67 7.61
N CYS A 4 8.29 -2.03 7.60
CA CYS A 4 8.03 -0.91 6.69
C CYS A 4 7.44 0.27 7.45
N PHE A 5 7.70 1.47 6.94
CA PHE A 5 7.19 2.69 7.56
C PHE A 5 5.67 2.79 7.40
N THR A 6 5.01 3.39 8.38
CA THR A 6 3.56 3.55 8.34
C THR A 6 3.17 4.86 7.65
N CYS A 7 2.77 4.76 6.39
CA CYS A 7 2.36 5.93 5.62
C CYS A 7 0.90 6.27 5.87
N GLU A 8 0.40 5.88 7.04
CA GLU A 8 -0.99 6.14 7.40
C GLU A 8 -1.32 7.61 7.21
N LYS A 9 -2.45 7.87 6.53
CA LYS A 9 -2.88 9.23 6.27
C LYS A 9 -1.86 10.00 5.45
N ALA A 10 -1.54 9.45 4.28
CA ALA A 10 -0.57 10.08 3.38
C ALA A 10 -1.26 10.74 2.19
N ALA A 11 -1.05 12.04 2.05
CA ALA A 11 -1.66 12.79 0.95
C ALA A 11 -1.02 12.43 -0.38
N ASP A 12 0.28 12.17 -0.35
CA ASP A 12 1.01 11.81 -1.56
C ASP A 12 2.26 10.99 -1.23
N ASN A 13 2.52 9.96 -2.02
CA ASN A 13 3.67 9.09 -1.79
C ASN A 13 4.95 9.92 -1.70
N TYR A 14 5.03 10.98 -2.49
CA TYR A 14 6.19 11.85 -2.49
C TYR A 14 6.43 12.45 -1.11
N GLU A 15 5.37 12.98 -0.50
CA GLU A 15 5.46 13.58 0.82
C GLU A 15 5.95 12.56 1.84
N CYS A 16 5.33 11.39 1.85
CA CYS A 16 5.70 10.32 2.79
C CYS A 16 7.20 10.05 2.73
N ASN A 17 7.73 9.88 1.53
CA ASN A 17 9.14 9.62 1.33
C ASN A 17 9.98 10.85 1.68
N ARG A 18 9.42 12.03 1.43
CA ARG A 18 10.11 13.28 1.71
C ARG A 18 10.64 13.30 3.15
N TRP A 19 9.72 13.35 4.10
CA TRP A 19 10.07 13.37 5.52
C TRP A 19 10.17 11.96 6.08
N ALA A 20 9.10 11.18 5.90
CA ALA A 20 9.07 9.80 6.38
C ALA A 20 9.45 9.73 7.86
N PRO A 21 8.52 10.17 8.73
CA PRO A 21 8.72 10.16 10.18
C PRO A 21 9.27 8.84 10.69
N ASP A 22 10.36 8.90 11.45
CA ASP A 22 10.98 7.70 12.00
C ASP A 22 10.13 7.11 13.12
N ILE A 23 9.20 6.22 12.75
CA ILE A 23 8.33 5.58 13.71
C ILE A 23 8.49 4.07 13.70
N TYR A 24 8.34 3.44 14.86
CA TYR A 24 8.47 1.99 14.98
C TYR A 24 7.11 1.32 14.89
N CYS A 25 7.05 0.25 14.08
CA CYS A 25 5.80 -0.48 13.90
C CYS A 25 5.51 -1.35 15.11
N PRO A 26 4.24 -1.77 15.25
CA PRO A 26 3.80 -2.61 16.37
C PRO A 26 4.35 -4.02 16.27
N ARG A 27 3.85 -4.91 17.14
CA ARG A 27 4.28 -6.29 17.15
C ARG A 27 3.33 -7.17 16.36
N GLU A 28 3.59 -8.48 16.38
CA GLU A 28 2.74 -9.43 15.66
C GLU A 28 2.55 -9.00 14.21
N THR A 29 3.61 -8.45 13.62
CA THR A 29 3.57 -7.98 12.24
C THR A 29 4.82 -8.42 11.48
N ARG A 30 4.63 -9.25 10.46
CA ARG A 30 5.73 -9.73 9.65
C ARG A 30 5.73 -9.08 8.27
N TYR A 31 4.54 -8.84 7.74
CA TYR A 31 4.40 -8.22 6.43
C TYR A 31 4.00 -6.76 6.55
N CYS A 32 3.77 -6.11 5.41
CA CYS A 32 3.38 -4.71 5.40
C CYS A 32 2.21 -4.48 4.45
N TYR A 33 1.17 -3.83 4.96
CA TYR A 33 -0.01 -3.55 4.16
C TYR A 33 0.16 -2.27 3.34
N THR A 34 -0.44 -2.25 2.15
CA THR A 34 -0.35 -1.10 1.27
C THR A 34 -1.68 -0.83 0.57
N GLN A 35 -2.27 0.33 0.85
CA GLN A 35 -3.54 0.70 0.24
C GLN A 35 -3.43 2.05 -0.47
N HIS A 36 -3.37 2.02 -1.80
CA HIS A 36 -3.26 3.24 -2.59
C HIS A 36 -4.61 3.60 -3.21
N THR A 37 -5.14 4.76 -2.85
CA THR A 37 -6.41 5.21 -3.37
C THR A 37 -6.23 6.03 -4.64
N MET A 38 -6.71 5.51 -5.76
CA MET A 38 -6.60 6.19 -7.04
C MET A 38 -7.93 6.81 -7.44
N GLU A 39 -7.87 7.82 -8.31
CA GLU A 39 -9.07 8.51 -8.76
C GLU A 39 -9.73 7.74 -9.91
N VAL A 40 -10.98 8.09 -10.20
CA VAL A 40 -11.73 7.44 -11.27
C VAL A 40 -10.94 7.43 -12.57
N THR A 41 -10.16 8.48 -12.79
CA THR A 41 -9.34 8.60 -14.00
C THR A 41 -8.14 7.67 -13.94
N GLY A 42 -7.53 7.56 -12.77
CA GLY A 42 -6.38 6.69 -12.61
C GLY A 42 -5.16 7.44 -12.11
N ASN A 43 -5.39 8.48 -11.31
CA ASN A 43 -4.29 9.27 -10.76
C ASN A 43 -4.21 9.12 -9.24
N SER A 44 -2.99 9.12 -8.72
CA SER A 44 -2.77 8.98 -7.29
C SER A 44 -3.35 10.16 -6.53
N ILE A 45 -4.24 9.88 -5.58
CA ILE A 45 -4.86 10.92 -4.78
C ILE A 45 -4.51 10.77 -3.30
N SER A 46 -4.49 9.54 -2.82
CA SER A 46 -4.17 9.27 -1.43
C SER A 46 -3.62 7.84 -1.26
N VAL A 47 -2.99 7.59 -0.13
CA VAL A 47 -2.41 6.28 0.15
C VAL A 47 -2.28 6.05 1.65
N THR A 48 -2.30 4.78 2.05
CA THR A 48 -2.18 4.42 3.46
C THR A 48 -1.48 3.08 3.63
N LYS A 49 -0.29 3.11 4.22
CA LYS A 49 0.47 1.89 4.44
C LYS A 49 0.74 1.68 5.94
N ARG A 50 0.61 0.44 6.38
CA ARG A 50 0.82 0.10 7.78
C ARG A 50 1.26 -1.35 7.93
N CYS A 51 2.09 -1.62 8.93
CA CYS A 51 2.58 -2.97 9.19
C CYS A 51 1.43 -3.91 9.56
N VAL A 52 1.46 -5.11 8.99
CA VAL A 52 0.43 -6.10 9.27
C VAL A 52 0.99 -7.52 9.19
N PRO A 53 0.35 -8.45 9.92
CA PRO A 53 0.77 -9.86 9.94
C PRO A 53 0.50 -10.56 8.63
N LEU A 54 1.13 -11.72 8.44
CA LEU A 54 0.94 -12.49 7.21
C LEU A 54 -0.54 -12.66 6.88
N GLU A 55 -1.35 -12.87 7.92
CA GLU A 55 -2.78 -13.04 7.74
C GLU A 55 -3.38 -11.89 6.92
N GLU A 56 -3.13 -10.66 7.37
CA GLU A 56 -3.63 -9.48 6.69
C GLU A 56 -3.09 -9.41 5.25
N CYS A 57 -1.91 -9.98 5.05
CA CYS A 57 -1.29 -9.99 3.74
C CYS A 57 -1.43 -11.34 3.06
N LEU A 58 -2.55 -12.01 3.34
CA LEU A 58 -2.82 -13.32 2.75
C LEU A 58 -3.61 -13.19 1.46
N SER A 59 -4.56 -12.26 1.45
CA SER A 59 -5.40 -12.04 0.26
C SER A 59 -5.27 -10.60 -0.22
N THR A 60 -4.25 -10.35 -1.05
CA THR A 60 -4.00 -9.02 -1.59
C THR A 60 -4.08 -9.02 -3.10
N GLY A 61 -3.93 -7.84 -3.71
CA GLY A 61 -3.98 -7.73 -5.15
C GLY A 61 -4.46 -6.38 -5.62
N CYS A 62 -3.95 -5.92 -6.75
CA CYS A 62 -4.32 -4.62 -7.30
C CYS A 62 -5.10 -4.79 -8.60
N ARG A 63 -6.15 -4.00 -8.76
CA ARG A 63 -6.98 -4.06 -9.96
C ARG A 63 -7.88 -2.84 -10.07
N ASP A 64 -8.61 -2.73 -11.17
CA ASP A 64 -9.52 -1.62 -11.39
C ASP A 64 -10.87 -1.88 -10.74
N SER A 65 -11.37 -0.89 -10.00
CA SER A 65 -12.66 -1.02 -9.32
C SER A 65 -13.80 -0.58 -10.24
N GLU A 66 -15.00 -1.06 -9.93
CA GLU A 66 -16.18 -0.71 -10.73
C GLU A 66 -17.10 0.21 -9.95
N HIS A 67 -17.21 -0.03 -8.65
CA HIS A 67 -18.07 0.78 -7.79
C HIS A 67 -17.76 2.26 -7.95
N GLU A 68 -18.80 3.06 -8.19
CA GLU A 68 -18.64 4.50 -8.36
C GLU A 68 -17.95 5.12 -7.14
N GLY A 69 -16.78 5.69 -7.36
CA GLY A 69 -16.05 6.32 -6.27
C GLY A 69 -14.58 6.49 -6.59
N HIS A 70 -13.74 5.66 -5.96
CA HIS A 70 -12.30 5.72 -6.17
C HIS A 70 -11.74 4.34 -6.49
N LYS A 71 -10.73 4.30 -7.34
CA LYS A 71 -10.09 3.04 -7.73
C LYS A 71 -8.88 2.75 -6.86
N VAL A 72 -9.13 2.23 -5.66
CA VAL A 72 -8.05 1.91 -4.73
C VAL A 72 -7.64 0.44 -4.86
N CYS A 73 -6.34 0.20 -4.98
CA CYS A 73 -5.82 -1.15 -5.11
C CYS A 73 -5.10 -1.58 -3.83
N THR A 74 -5.14 -2.88 -3.55
CA THR A 74 -4.49 -3.41 -2.36
C THR A 74 -3.20 -4.15 -2.72
N SER A 75 -2.17 -3.97 -1.90
CA SER A 75 -0.88 -4.61 -2.14
C SER A 75 -0.11 -4.78 -0.82
N CYS A 76 0.91 -5.62 -0.86
CA CYS A 76 1.73 -5.88 0.33
C CYS A 76 3.21 -5.82 -0.01
N CYS A 77 4.05 -5.94 1.01
CA CYS A 77 5.50 -5.91 0.82
C CYS A 77 6.14 -7.19 1.31
N GLU A 78 7.29 -7.54 0.72
CA GLU A 78 8.01 -8.75 1.11
C GLU A 78 9.25 -8.40 1.92
N GLY A 79 9.83 -7.25 1.64
CA GLY A 79 11.02 -6.83 2.36
C GLY A 79 10.86 -5.47 3.02
N ASN A 80 11.80 -5.11 3.88
CA ASN A 80 11.75 -3.83 4.58
C ASN A 80 11.99 -2.68 3.61
N ILE A 81 11.67 -1.46 4.07
CA ILE A 81 11.86 -0.27 3.25
C ILE A 81 11.08 -0.38 1.94
N CYS A 82 9.82 -0.78 2.05
CA CYS A 82 8.96 -0.92 0.89
C CYS A 82 8.13 0.34 0.66
N ASN A 83 8.61 1.46 1.20
CA ASN A 83 7.91 2.74 1.06
C ASN A 83 8.41 3.50 -0.17
N LEU A 84 7.66 3.40 -1.26
CA LEU A 84 8.02 4.07 -2.49
C LEU A 84 6.78 4.38 -3.34
N PRO A 85 6.87 5.41 -4.18
CA PRO A 85 5.78 5.82 -5.05
C PRO A 85 5.51 4.81 -6.16
N LEU A 86 4.26 4.75 -6.61
CA LEU A 86 3.87 3.82 -7.67
C LEU A 86 3.39 4.57 -8.90
N PRO A 87 3.42 3.89 -10.06
CA PRO A 87 2.99 4.48 -11.33
C PRO A 87 1.49 4.71 -11.39
N ARG A 88 1.04 5.43 -12.42
CA ARG A 88 -0.37 5.72 -12.59
C ARG A 88 -1.06 4.62 -13.38
N ASN A 89 -0.35 3.53 -13.63
CA ASN A 89 -0.87 2.41 -14.39
C ASN A 89 -1.46 1.35 -13.46
N GLU A 90 -2.05 0.31 -14.04
CA GLU A 90 -2.65 -0.77 -13.26
C GLU A 90 -2.17 -2.13 -13.77
N THR A 91 -2.62 -3.19 -13.11
CA THR A 91 -2.24 -4.54 -13.48
C THR A 91 -3.47 -5.42 -13.69
N ASP A 92 -3.46 -6.22 -14.75
CA ASP A 92 -4.57 -7.10 -15.06
C ASP A 92 -4.37 -8.47 -14.41
N ALA A 93 -3.12 -8.91 -14.34
CA ALA A 93 -2.79 -10.20 -13.74
C ALA A 93 -1.54 -10.10 -12.87
N THR A 94 -1.67 -10.49 -11.60
CA THR A 94 -0.56 -10.45 -10.67
C THR A 94 0.23 -11.75 -10.69
N PHE A 95 -0.49 -12.88 -10.67
CA PHE A 95 0.13 -14.18 -10.68
C PHE A 95 -0.43 -15.05 -11.81
N ALA A 96 -0.50 -14.48 -13.00
CA ALA A 96 -1.02 -15.19 -14.16
C ALA A 96 -2.46 -15.65 -13.92
N MET A 1 13.27 -9.47 10.57
CA MET A 1 12.21 -9.39 9.57
C MET A 1 12.15 -8.00 8.95
N PHE A 2 11.95 -7.95 7.64
CA PHE A 2 11.89 -6.69 6.91
C PHE A 2 10.88 -5.74 7.56
N LYS A 3 11.06 -4.45 7.32
CA LYS A 3 10.17 -3.44 7.88
C LYS A 3 9.88 -2.35 6.85
N CYS A 4 8.71 -1.72 6.98
CA CYS A 4 8.31 -0.66 6.07
C CYS A 4 7.78 0.54 6.84
N PHE A 5 7.80 1.70 6.18
CA PHE A 5 7.32 2.94 6.81
C PHE A 5 5.81 2.91 6.98
N THR A 6 5.35 3.28 8.18
CA THR A 6 3.93 3.30 8.48
C THR A 6 3.31 4.65 8.15
N CYS A 7 2.75 4.77 6.95
CA CYS A 7 2.14 6.02 6.51
C CYS A 7 0.72 6.16 7.08
N GLU A 8 0.17 7.36 7.01
CA GLU A 8 -1.16 7.62 7.51
C GLU A 8 -1.84 8.74 6.73
N LYS A 9 -2.72 8.36 5.80
CA LYS A 9 -3.43 9.33 4.98
C LYS A 9 -2.47 10.32 4.34
N ALA A 10 -1.67 9.83 3.39
CA ALA A 10 -0.70 10.67 2.70
C ALA A 10 -1.27 11.19 1.38
N ALA A 11 -1.21 12.50 1.19
CA ALA A 11 -1.70 13.12 -0.03
C ALA A 11 -1.11 12.47 -1.27
N ASP A 12 0.15 12.04 -1.16
CA ASP A 12 0.83 11.39 -2.27
C ASP A 12 2.02 10.58 -1.77
N ASN A 13 2.28 9.46 -2.44
CA ASN A 13 3.40 8.60 -2.07
C ASN A 13 4.69 9.38 -1.96
N TYR A 14 4.86 10.38 -2.83
CA TYR A 14 6.06 11.21 -2.83
C TYR A 14 6.27 11.86 -1.46
N GLU A 15 5.26 12.59 -1.01
CA GLU A 15 5.33 13.26 0.28
C GLU A 15 5.74 12.29 1.39
N CYS A 16 4.96 11.23 1.54
CA CYS A 16 5.23 10.22 2.56
C CYS A 16 6.64 9.65 2.39
N ASN A 17 7.08 9.52 1.14
CA ASN A 17 8.40 8.98 0.85
C ASN A 17 9.48 9.95 1.30
N ARG A 18 9.22 11.25 1.17
CA ARG A 18 10.17 12.28 1.57
C ARG A 18 10.47 12.20 3.06
N TRP A 19 9.42 12.04 3.87
CA TRP A 19 9.57 11.95 5.31
C TRP A 19 9.75 10.50 5.75
N ALA A 20 8.66 9.75 5.75
CA ALA A 20 8.70 8.34 6.14
C ALA A 20 9.41 8.17 7.48
N PRO A 21 8.70 8.52 8.57
CA PRO A 21 9.25 8.40 9.93
C PRO A 21 9.89 7.05 10.19
N ASP A 22 11.11 7.07 10.72
CA ASP A 22 11.83 5.84 11.02
C ASP A 22 11.20 5.11 12.20
N ILE A 23 10.17 4.33 11.91
CA ILE A 23 9.48 3.58 12.95
C ILE A 23 9.16 2.16 12.48
N TYR A 24 9.28 1.20 13.39
CA TYR A 24 9.00 -0.19 13.07
C TYR A 24 7.58 -0.58 13.48
N CYS A 25 7.21 -1.83 13.22
CA CYS A 25 5.88 -2.33 13.57
C CYS A 25 5.76 -2.56 15.07
N PRO A 26 4.53 -2.44 15.59
CA PRO A 26 4.26 -2.63 17.02
C PRO A 26 4.39 -4.09 17.44
N ARG A 27 3.66 -4.97 16.76
CA ARG A 27 3.70 -6.39 17.07
C ARG A 27 2.75 -7.17 16.15
N GLU A 28 2.89 -8.49 16.17
CA GLU A 28 2.06 -9.35 15.33
C GLU A 28 2.01 -8.85 13.90
N THR A 29 3.19 -8.66 13.31
CA THR A 29 3.28 -8.17 11.93
C THR A 29 4.55 -8.68 11.26
N ARG A 30 4.38 -9.41 10.16
CA ARG A 30 5.52 -9.96 9.43
C ARG A 30 5.66 -9.28 8.07
N TYR A 31 4.52 -9.02 7.42
CA TYR A 31 4.52 -8.38 6.12
C TYR A 31 4.12 -6.91 6.22
N CYS A 32 4.10 -6.23 5.09
CA CYS A 32 3.73 -4.82 5.05
C CYS A 32 2.47 -4.60 4.22
N TYR A 33 1.48 -3.94 4.81
CA TYR A 33 0.22 -3.66 4.12
C TYR A 33 0.33 -2.40 3.27
N THR A 34 -0.05 -2.51 2.00
CA THR A 34 0.00 -1.39 1.09
C THR A 34 -1.37 -1.13 0.46
N GLN A 35 -1.84 0.11 0.57
CA GLN A 35 -3.14 0.48 0.02
C GLN A 35 -3.09 1.90 -0.55
N HIS A 36 -3.21 2.00 -1.87
CA HIS A 36 -3.20 3.29 -2.54
C HIS A 36 -4.57 3.64 -3.11
N THR A 37 -5.02 4.86 -2.85
CA THR A 37 -6.32 5.32 -3.33
C THR A 37 -6.17 6.18 -4.58
N MET A 38 -6.65 5.69 -5.71
CA MET A 38 -6.57 6.42 -6.97
C MET A 38 -7.96 6.81 -7.46
N GLU A 39 -8.02 7.46 -8.61
CA GLU A 39 -9.29 7.88 -9.20
C GLU A 39 -9.68 6.99 -10.38
N VAL A 40 -10.90 7.18 -10.87
CA VAL A 40 -11.40 6.40 -11.99
C VAL A 40 -10.60 6.67 -13.25
N THR A 41 -10.14 7.92 -13.40
CA THR A 41 -9.37 8.32 -14.56
C THR A 41 -7.98 7.68 -14.55
N GLY A 42 -7.11 8.19 -13.68
CA GLY A 42 -5.76 7.66 -13.59
C GLY A 42 -4.82 8.59 -12.85
N ASN A 43 -5.23 9.03 -11.66
CA ASN A 43 -4.41 9.94 -10.87
C ASN A 43 -4.54 9.61 -9.38
N SER A 44 -3.41 9.64 -8.67
CA SER A 44 -3.39 9.36 -7.24
C SER A 44 -3.87 10.56 -6.44
N ILE A 45 -4.59 10.29 -5.35
CA ILE A 45 -5.11 11.35 -4.50
C ILE A 45 -4.69 11.12 -3.04
N SER A 46 -4.63 9.87 -2.63
CA SER A 46 -4.26 9.51 -1.27
C SER A 46 -3.66 8.11 -1.21
N VAL A 47 -3.01 7.79 -0.09
CA VAL A 47 -2.40 6.49 0.09
C VAL A 47 -2.24 6.16 1.56
N THR A 48 -2.23 4.87 1.88
CA THR A 48 -2.09 4.43 3.27
C THR A 48 -1.16 3.21 3.36
N LYS A 49 -0.28 3.22 4.35
CA LYS A 49 0.66 2.13 4.55
C LYS A 49 0.81 1.80 6.03
N ARG A 50 0.76 0.51 6.35
CA ARG A 50 0.89 0.07 7.74
C ARG A 50 1.43 -1.36 7.80
N CYS A 51 1.71 -1.83 9.02
CA CYS A 51 2.24 -3.17 9.21
C CYS A 51 1.10 -4.16 9.46
N VAL A 52 1.27 -5.39 9.00
CA VAL A 52 0.27 -6.43 9.18
C VAL A 52 0.92 -7.81 9.22
N PRO A 53 0.24 -8.75 9.90
CA PRO A 53 0.72 -10.14 10.03
C PRO A 53 0.67 -10.90 8.71
N LEU A 54 1.31 -12.06 8.69
CA LEU A 54 1.34 -12.89 7.49
C LEU A 54 -0.08 -13.20 7.01
N GLU A 55 -0.96 -13.52 7.95
CA GLU A 55 -2.34 -13.83 7.62
C GLU A 55 -2.98 -12.72 6.79
N GLU A 56 -2.79 -11.49 7.22
CA GLU A 56 -3.34 -10.34 6.51
C GLU A 56 -2.73 -10.21 5.11
N CYS A 57 -1.48 -10.67 4.98
CA CYS A 57 -0.79 -10.60 3.71
C CYS A 57 -0.63 -12.00 3.11
N LEU A 58 -1.64 -12.85 3.32
CA LEU A 58 -1.61 -14.21 2.81
C LEU A 58 -1.74 -14.21 1.29
N SER A 59 -2.48 -13.25 0.76
CA SER A 59 -2.68 -13.15 -0.69
C SER A 59 -3.09 -11.73 -1.08
N THR A 60 -2.20 -11.04 -1.78
CA THR A 60 -2.46 -9.67 -2.22
C THR A 60 -3.63 -9.62 -3.18
N GLY A 61 -4.06 -8.41 -3.52
CA GLY A 61 -5.18 -8.24 -4.45
C GLY A 61 -5.38 -6.80 -4.87
N CYS A 62 -4.86 -6.45 -6.05
CA CYS A 62 -4.99 -5.10 -6.57
C CYS A 62 -5.78 -5.08 -7.87
N ARG A 63 -7.05 -4.72 -7.78
CA ARG A 63 -7.91 -4.67 -8.95
C ARG A 63 -9.21 -3.92 -8.64
N ASP A 64 -10.16 -3.97 -9.57
CA ASP A 64 -11.43 -3.30 -9.39
C ASP A 64 -12.16 -3.83 -8.16
N SER A 65 -12.57 -2.92 -7.29
CA SER A 65 -13.28 -3.30 -6.06
C SER A 65 -14.70 -2.75 -6.06
N GLU A 66 -14.82 -1.44 -5.83
CA GLU A 66 -16.13 -0.79 -5.80
C GLU A 66 -16.66 -0.58 -7.21
N HIS A 67 -17.98 -0.41 -7.32
CA HIS A 67 -18.62 -0.21 -8.62
C HIS A 67 -18.44 1.22 -9.08
N GLU A 68 -18.49 2.16 -8.14
CA GLU A 68 -18.34 3.57 -8.46
C GLU A 68 -17.80 4.35 -7.26
N GLY A 69 -16.58 4.85 -7.38
CA GLY A 69 -15.98 5.61 -6.30
C GLY A 69 -14.53 5.96 -6.58
N HIS A 70 -13.62 5.32 -5.84
CA HIS A 70 -12.19 5.58 -6.01
C HIS A 70 -11.45 4.29 -6.39
N LYS A 71 -10.55 4.40 -7.34
CA LYS A 71 -9.77 3.25 -7.79
C LYS A 71 -8.65 2.93 -6.81
N VAL A 72 -8.98 2.23 -5.73
CA VAL A 72 -8.00 1.87 -4.72
C VAL A 72 -7.70 0.37 -4.76
N CYS A 73 -6.42 0.03 -4.69
CA CYS A 73 -6.00 -1.36 -4.72
C CYS A 73 -5.22 -1.73 -3.46
N THR A 74 -5.29 -2.99 -3.07
CA THR A 74 -4.60 -3.47 -1.88
C THR A 74 -3.52 -4.48 -2.24
N SER A 75 -2.32 -4.28 -1.70
CA SER A 75 -1.20 -5.18 -1.96
C SER A 75 -0.33 -5.34 -0.72
N CYS A 76 0.75 -6.11 -0.86
CA CYS A 76 1.66 -6.35 0.24
C CYS A 76 3.11 -6.30 -0.23
N CYS A 77 4.04 -6.32 0.73
CA CYS A 77 5.47 -6.27 0.42
C CYS A 77 6.18 -7.51 0.95
N GLU A 78 7.42 -7.69 0.52
CA GLU A 78 8.22 -8.84 0.96
C GLU A 78 9.63 -8.42 1.32
N GLY A 79 9.87 -7.11 1.35
CA GLY A 79 11.18 -6.59 1.68
C GLY A 79 11.11 -5.26 2.42
N ASN A 80 12.26 -4.79 2.89
CA ASN A 80 12.32 -3.52 3.61
C ASN A 80 12.08 -2.35 2.67
N ILE A 81 11.83 -1.18 3.25
CA ILE A 81 11.58 0.02 2.47
C ILE A 81 10.80 -0.30 1.19
N CYS A 82 9.59 -0.80 1.36
CA CYS A 82 8.74 -1.15 0.23
C CYS A 82 7.79 0.00 -0.13
N ASN A 83 8.14 1.20 0.30
CA ASN A 83 7.32 2.38 0.04
C ASN A 83 7.62 2.95 -1.34
N LEU A 84 6.76 2.66 -2.30
CA LEU A 84 6.93 3.15 -3.66
C LEU A 84 5.58 3.28 -4.37
N PRO A 85 5.52 4.17 -5.37
CA PRO A 85 4.30 4.41 -6.15
C PRO A 85 3.96 3.23 -7.05
N LEU A 86 2.68 2.86 -7.07
CA LEU A 86 2.21 1.75 -7.89
C LEU A 86 1.17 2.21 -8.91
N PRO A 87 0.96 1.42 -9.97
CA PRO A 87 -0.01 1.73 -11.01
C PRO A 87 -1.45 1.61 -10.53
N ARG A 88 -2.36 2.26 -11.25
CA ARG A 88 -3.77 2.22 -10.89
C ARG A 88 -4.25 0.78 -10.71
N ASN A 89 -3.64 -0.14 -11.44
CA ASN A 89 -4.01 -1.55 -11.37
C ASN A 89 -2.77 -2.43 -11.45
N GLU A 90 -2.78 -3.53 -10.68
CA GLU A 90 -1.66 -4.45 -10.67
C GLU A 90 -2.06 -5.80 -11.26
N THR A 91 -3.26 -6.26 -10.91
CA THR A 91 -3.76 -7.54 -11.40
C THR A 91 -2.77 -8.66 -11.16
N ASP A 92 -2.07 -8.58 -10.03
CA ASP A 92 -1.07 -9.60 -9.68
C ASP A 92 -1.67 -10.64 -8.74
N ALA A 93 -0.91 -11.70 -8.46
CA ALA A 93 -1.37 -12.76 -7.58
C ALA A 93 -0.19 -13.46 -6.91
N THR A 94 0.02 -13.15 -5.64
CA THR A 94 1.11 -13.76 -4.88
C THR A 94 0.60 -14.53 -3.67
N PHE A 95 0.52 -15.85 -3.82
CA PHE A 95 0.04 -16.71 -2.74
C PHE A 95 1.10 -17.72 -2.33
N ALA A 96 1.15 -18.04 -1.04
CA ALA A 96 2.11 -18.99 -0.52
C ALA A 96 1.42 -20.11 0.26
N MET A 1 13.69 2.51 6.10
CA MET A 1 14.45 1.72 7.06
C MET A 1 14.41 0.24 6.68
N PHE A 2 15.16 -0.57 7.42
CA PHE A 2 15.21 -2.01 7.16
C PHE A 2 13.81 -2.60 7.10
N LYS A 3 12.87 -1.96 7.79
CA LYS A 3 11.48 -2.42 7.81
C LYS A 3 10.60 -1.52 6.96
N CYS A 4 9.28 -1.70 7.09
CA CYS A 4 8.33 -0.90 6.34
C CYS A 4 7.85 0.29 7.17
N PHE A 5 7.76 1.46 6.53
CA PHE A 5 7.31 2.67 7.20
C PHE A 5 5.80 2.71 7.29
N THR A 6 5.29 3.20 8.42
CA THR A 6 3.85 3.30 8.63
C THR A 6 3.31 4.63 8.12
N CYS A 7 2.90 4.65 6.87
CA CYS A 7 2.36 5.87 6.25
C CYS A 7 0.89 6.05 6.64
N GLU A 8 0.49 7.31 6.83
CA GLU A 8 -0.88 7.62 7.20
C GLU A 8 -1.34 8.93 6.55
N LYS A 9 -2.47 8.87 5.85
CA LYS A 9 -3.02 10.04 5.18
C LYS A 9 -1.96 10.70 4.29
N ALA A 10 -1.34 9.91 3.44
CA ALA A 10 -0.31 10.41 2.53
C ALA A 10 -0.92 10.92 1.23
N ALA A 11 -0.71 12.20 0.94
CA ALA A 11 -1.24 12.81 -0.27
C ALA A 11 -0.72 12.10 -1.52
N ASP A 12 0.53 11.66 -1.47
CA ASP A 12 1.15 10.95 -2.59
C ASP A 12 2.35 10.15 -2.13
N ASN A 13 2.82 9.24 -2.98
CA ASN A 13 3.96 8.40 -2.66
C ASN A 13 5.14 9.24 -2.21
N TYR A 14 5.30 10.42 -2.82
CA TYR A 14 6.39 11.31 -2.48
C TYR A 14 6.39 11.63 -0.99
N GLU A 15 5.26 12.12 -0.49
CA GLU A 15 5.13 12.46 0.91
C GLU A 15 5.41 11.26 1.80
N CYS A 16 5.04 10.08 1.31
CA CYS A 16 5.26 8.84 2.06
C CYS A 16 6.72 8.69 2.45
N ASN A 17 7.59 8.56 1.45
CA ASN A 17 9.01 8.40 1.69
C ASN A 17 9.62 9.70 2.22
N ARG A 18 9.11 10.83 1.74
CA ARG A 18 9.60 12.13 2.16
C ARG A 18 9.43 12.32 3.67
N TRP A 19 8.34 11.76 4.20
CA TRP A 19 8.06 11.86 5.63
C TRP A 19 8.70 10.71 6.39
N ALA A 20 8.08 9.54 6.31
CA ALA A 20 8.58 8.35 7.00
C ALA A 20 8.89 8.65 8.46
N PRO A 21 7.82 8.76 9.26
CA PRO A 21 7.95 9.05 10.70
C PRO A 21 9.00 8.17 11.38
N ASP A 22 9.64 8.71 12.41
CA ASP A 22 10.66 7.97 13.14
C ASP A 22 10.03 6.96 14.09
N ILE A 23 9.26 6.04 13.53
CA ILE A 23 8.60 5.02 14.32
C ILE A 23 8.71 3.64 13.66
N TYR A 24 8.90 2.61 14.47
CA TYR A 24 9.02 1.25 13.97
C TYR A 24 7.70 0.49 14.12
N CYS A 25 7.54 -0.55 13.32
CA CYS A 25 6.32 -1.37 13.35
C CYS A 25 5.90 -1.63 14.80
N PRO A 26 4.87 -0.91 15.25
CA PRO A 26 4.34 -1.05 16.61
C PRO A 26 3.62 -2.39 16.81
N ARG A 27 2.73 -2.72 15.89
CA ARG A 27 1.98 -3.96 15.97
C ARG A 27 2.92 -5.16 15.96
N GLU A 28 4.06 -5.01 15.31
CA GLU A 28 5.04 -6.08 15.23
C GLU A 28 4.49 -7.26 14.44
N THR A 29 4.56 -7.16 13.11
CA THR A 29 4.07 -8.22 12.24
C THR A 29 5.18 -8.77 11.35
N ARG A 30 4.81 -9.63 10.41
CA ARG A 30 5.77 -10.22 9.49
C ARG A 30 5.70 -9.56 8.12
N TYR A 31 4.49 -9.16 7.73
CA TYR A 31 4.28 -8.51 6.44
C TYR A 31 3.91 -7.05 6.61
N CYS A 32 3.66 -6.37 5.50
CA CYS A 32 3.30 -4.96 5.54
C CYS A 32 2.19 -4.66 4.52
N TYR A 33 1.09 -4.09 5.02
CA TYR A 33 -0.04 -3.77 4.16
C TYR A 33 0.15 -2.39 3.51
N THR A 34 -0.38 -2.24 2.30
CA THR A 34 -0.27 -0.99 1.58
C THR A 34 -1.46 -0.78 0.66
N GLN A 35 -2.14 0.36 0.82
CA GLN A 35 -3.30 0.67 0.00
C GLN A 35 -3.13 2.02 -0.70
N HIS A 36 -3.32 2.03 -2.02
CA HIS A 36 -3.18 3.25 -2.81
C HIS A 36 -4.51 3.65 -3.43
N THR A 37 -5.13 4.70 -2.90
CA THR A 37 -6.41 5.19 -3.39
C THR A 37 -6.21 6.05 -4.63
N MET A 38 -6.77 5.61 -5.76
CA MET A 38 -6.66 6.36 -7.00
C MET A 38 -8.04 6.77 -7.51
N GLU A 39 -8.06 7.60 -8.55
CA GLU A 39 -9.31 8.07 -9.13
C GLU A 39 -9.66 7.26 -10.38
N VAL A 40 -10.87 7.48 -10.89
CA VAL A 40 -11.34 6.78 -12.08
C VAL A 40 -10.36 6.96 -13.24
N THR A 41 -9.71 8.12 -13.28
CA THR A 41 -8.76 8.41 -14.34
C THR A 41 -7.51 7.54 -14.21
N GLY A 42 -7.14 7.22 -12.98
CA GLY A 42 -5.97 6.39 -12.75
C GLY A 42 -4.84 7.16 -12.09
N ASN A 43 -5.19 8.14 -11.27
CA ASN A 43 -4.20 8.95 -10.59
C ASN A 43 -4.27 8.74 -9.07
N SER A 44 -3.11 8.71 -8.43
CA SER A 44 -3.03 8.51 -6.99
C SER A 44 -3.43 9.77 -6.25
N ILE A 45 -4.38 9.64 -5.32
CA ILE A 45 -4.84 10.78 -4.54
C ILE A 45 -4.47 10.63 -3.06
N SER A 46 -4.44 9.39 -2.59
CA SER A 46 -4.10 9.10 -1.21
C SER A 46 -3.53 7.69 -1.06
N VAL A 47 -2.83 7.46 0.04
CA VAL A 47 -2.22 6.15 0.30
C VAL A 47 -1.99 5.93 1.79
N THR A 48 -2.34 4.75 2.28
CA THR A 48 -2.16 4.42 3.68
C THR A 48 -1.42 3.10 3.85
N LYS A 49 -0.18 3.18 4.36
CA LYS A 49 0.64 2.00 4.58
C LYS A 49 0.76 1.68 6.07
N ARG A 50 0.79 0.40 6.39
CA ARG A 50 0.92 -0.03 7.77
C ARG A 50 1.46 -1.46 7.86
N CYS A 51 1.72 -1.92 9.08
CA CYS A 51 2.25 -3.26 9.30
C CYS A 51 1.11 -4.25 9.54
N VAL A 52 1.23 -5.44 8.95
CA VAL A 52 0.22 -6.47 9.10
C VAL A 52 0.85 -7.86 9.04
N PRO A 53 0.19 -8.83 9.69
CA PRO A 53 0.66 -10.22 9.73
C PRO A 53 0.53 -10.91 8.37
N LEU A 54 1.19 -12.06 8.23
CA LEU A 54 1.14 -12.82 6.98
C LEU A 54 -0.30 -13.05 6.54
N GLU A 55 -1.16 -13.36 7.49
CA GLU A 55 -2.57 -13.61 7.19
C GLU A 55 -3.16 -12.45 6.39
N GLU A 56 -2.90 -11.22 6.85
CA GLU A 56 -3.41 -10.04 6.17
C GLU A 56 -2.82 -9.91 4.77
N CYS A 57 -1.60 -10.42 4.59
CA CYS A 57 -0.92 -10.36 3.31
C CYS A 57 -0.84 -11.75 2.67
N LEU A 58 -1.85 -12.57 2.94
CA LEU A 58 -1.90 -13.93 2.39
C LEU A 58 -2.18 -13.90 0.90
N SER A 59 -3.08 -13.01 0.49
CA SER A 59 -3.45 -12.89 -0.92
C SER A 59 -3.83 -11.45 -1.26
N THR A 60 -2.94 -10.75 -1.95
CA THR A 60 -3.17 -9.36 -2.33
C THR A 60 -3.19 -9.21 -3.85
N GLY A 61 -3.45 -7.99 -4.31
CA GLY A 61 -3.49 -7.73 -5.74
C GLY A 61 -3.89 -6.31 -6.06
N CYS A 62 -3.21 -5.71 -7.03
CA CYS A 62 -3.49 -4.34 -7.43
C CYS A 62 -4.00 -4.29 -8.87
N ARG A 63 -4.92 -3.35 -9.13
CA ARG A 63 -5.48 -3.19 -10.47
C ARG A 63 -5.87 -1.75 -10.73
N ASP A 64 -6.32 -1.47 -11.94
CA ASP A 64 -6.73 -0.13 -12.33
C ASP A 64 -8.17 0.14 -11.92
N SER A 65 -8.66 1.34 -12.22
CA SER A 65 -10.02 1.73 -11.87
C SER A 65 -11.00 1.27 -12.95
N GLU A 66 -12.24 1.01 -12.54
CA GLU A 66 -13.27 0.56 -13.47
C GLU A 66 -14.59 1.28 -13.20
N HIS A 67 -14.96 1.38 -11.92
CA HIS A 67 -16.19 2.04 -11.53
C HIS A 67 -16.16 3.52 -11.92
N GLU A 68 -17.25 4.22 -11.60
CA GLU A 68 -17.35 5.64 -11.92
C GLU A 68 -17.18 6.49 -10.67
N GLY A 69 -16.30 6.05 -9.77
CA GLY A 69 -16.06 6.77 -8.54
C GLY A 69 -14.60 6.76 -8.13
N HIS A 70 -14.31 6.08 -7.03
CA HIS A 70 -12.94 5.99 -6.53
C HIS A 70 -12.51 4.53 -6.36
N LYS A 71 -11.35 4.19 -6.90
CA LYS A 71 -10.82 2.84 -6.80
C LYS A 71 -9.46 2.82 -6.11
N VAL A 72 -9.22 1.79 -5.31
CA VAL A 72 -7.95 1.65 -4.60
C VAL A 72 -7.41 0.24 -4.71
N CYS A 73 -6.13 0.14 -5.08
CA CYS A 73 -5.48 -1.16 -5.23
C CYS A 73 -4.87 -1.62 -3.92
N THR A 74 -4.76 -2.94 -3.75
CA THR A 74 -4.20 -3.51 -2.54
C THR A 74 -2.94 -4.33 -2.84
N SER A 75 -1.92 -4.15 -2.01
CA SER A 75 -0.65 -4.86 -2.20
C SER A 75 0.21 -4.76 -0.95
N CYS A 76 1.22 -5.62 -0.86
CA CYS A 76 2.12 -5.63 0.28
C CYS A 76 3.49 -5.06 -0.10
N CYS A 77 4.35 -4.89 0.89
CA CYS A 77 5.68 -4.36 0.66
C CYS A 77 6.59 -5.42 0.03
N GLU A 78 7.83 -5.03 -0.26
CA GLU A 78 8.79 -5.95 -0.87
C GLU A 78 10.05 -6.04 -0.02
N GLY A 79 10.11 -5.25 1.04
CA GLY A 79 11.28 -5.26 1.91
C GLY A 79 11.51 -3.92 2.58
N ASN A 80 12.76 -3.65 2.92
CA ASN A 80 13.12 -2.38 3.57
C ASN A 80 12.73 -1.20 2.71
N ILE A 81 12.43 -0.08 3.35
CA ILE A 81 12.03 1.14 2.65
C ILE A 81 11.16 0.81 1.44
N CYS A 82 10.20 -0.08 1.64
CA CYS A 82 9.30 -0.49 0.56
C CYS A 82 8.49 0.71 0.07
N ASN A 83 8.47 1.78 0.86
CA ASN A 83 7.73 2.98 0.49
C ASN A 83 8.34 3.65 -0.73
N LEU A 84 7.70 3.47 -1.88
CA LEU A 84 8.19 4.06 -3.12
C LEU A 84 7.03 4.32 -4.09
N PRO A 85 7.26 5.22 -5.05
CA PRO A 85 6.25 5.58 -6.05
C PRO A 85 5.98 4.45 -7.04
N LEU A 86 4.71 4.20 -7.32
CA LEU A 86 4.31 3.15 -8.24
C LEU A 86 4.26 3.67 -9.67
N PRO A 87 4.42 2.76 -10.65
CA PRO A 87 4.38 3.11 -12.07
C PRO A 87 2.99 3.50 -12.53
N ARG A 88 2.91 4.63 -13.24
CA ARG A 88 1.63 5.12 -13.74
C ARG A 88 0.88 4.03 -14.50
N ASN A 89 1.63 3.20 -15.23
CA ASN A 89 1.04 2.12 -15.99
C ASN A 89 0.20 1.21 -15.10
N GLU A 90 -0.70 0.44 -15.71
CA GLU A 90 -1.56 -0.47 -14.96
C GLU A 90 -0.79 -1.71 -14.54
N THR A 91 -1.29 -2.39 -13.51
CA THR A 91 -0.66 -3.60 -13.01
C THR A 91 -1.44 -4.85 -13.40
N ASP A 92 -0.74 -5.80 -14.01
CA ASP A 92 -1.38 -7.04 -14.44
C ASP A 92 -1.81 -7.87 -13.24
N ALA A 93 -1.03 -7.82 -12.17
CA ALA A 93 -1.34 -8.56 -10.95
C ALA A 93 -1.47 -10.06 -11.24
N THR A 94 -0.51 -10.60 -12.00
CA THR A 94 -0.52 -12.01 -12.34
C THR A 94 0.74 -12.71 -11.87
N PHE A 95 0.60 -13.58 -10.88
CA PHE A 95 1.74 -14.31 -10.34
C PHE A 95 1.81 -15.72 -10.91
N ALA A 96 0.64 -16.33 -11.11
CA ALA A 96 0.56 -17.67 -11.66
C ALA A 96 -0.54 -17.78 -12.71
N MET A 1 11.08 -9.21 12.91
CA MET A 1 12.39 -8.95 12.32
C MET A 1 12.28 -7.93 11.20
N PHE A 2 11.18 -7.98 10.45
CA PHE A 2 10.95 -7.06 9.34
C PHE A 2 10.21 -5.82 9.82
N LYS A 3 10.61 -4.66 9.31
CA LYS A 3 9.97 -3.40 9.67
C LYS A 3 9.87 -2.48 8.47
N CYS A 4 8.71 -1.87 8.30
CA CYS A 4 8.47 -0.96 7.18
C CYS A 4 7.91 0.38 7.68
N PHE A 5 7.95 1.38 6.81
CA PHE A 5 7.44 2.70 7.16
C PHE A 5 5.92 2.69 7.29
N THR A 6 5.44 3.00 8.49
CA THR A 6 4.00 3.03 8.74
C THR A 6 3.41 4.40 8.45
N CYS A 7 3.01 4.63 7.21
CA CYS A 7 2.43 5.90 6.80
C CYS A 7 0.95 5.96 7.17
N GLU A 8 0.35 7.13 6.98
CA GLU A 8 -1.06 7.33 7.29
C GLU A 8 -1.59 8.61 6.65
N LYS A 9 -2.67 8.48 5.91
CA LYS A 9 -3.28 9.63 5.24
C LYS A 9 -2.25 10.39 4.42
N ALA A 10 -1.35 9.65 3.77
CA ALA A 10 -0.32 10.26 2.95
C ALA A 10 -0.85 10.63 1.57
N ALA A 11 -0.31 11.70 1.00
CA ALA A 11 -0.73 12.16 -0.32
C ALA A 11 -0.26 11.19 -1.41
N ASP A 12 0.93 10.63 -1.22
CA ASP A 12 1.49 9.70 -2.19
C ASP A 12 2.74 9.02 -1.62
N ASN A 13 3.27 8.06 -2.37
CA ASN A 13 4.47 7.34 -1.94
C ASN A 13 5.62 8.29 -1.67
N TYR A 14 5.73 9.33 -2.51
CA TYR A 14 6.79 10.32 -2.37
C TYR A 14 6.78 10.92 -0.96
N GLU A 15 5.69 11.59 -0.62
CA GLU A 15 5.55 12.21 0.70
C GLU A 15 5.89 11.22 1.81
N CYS A 16 5.54 9.96 1.59
CA CYS A 16 5.79 8.92 2.56
C CYS A 16 7.27 8.88 2.95
N ASN A 17 8.14 8.72 1.96
CA ASN A 17 9.57 8.67 2.19
C ASN A 17 10.13 10.06 2.50
N ARG A 18 9.68 11.06 1.74
CA ARG A 18 10.12 12.43 1.95
C ARG A 18 9.84 12.89 3.37
N TRP A 19 8.85 12.26 4.00
CA TRP A 19 8.49 12.60 5.37
C TRP A 19 9.30 11.80 6.38
N ALA A 20 9.59 10.55 6.03
CA ALA A 20 10.37 9.67 6.91
C ALA A 20 9.80 9.67 8.32
N PRO A 21 8.71 8.90 8.52
CA PRO A 21 8.05 8.79 9.82
C PRO A 21 8.95 8.17 10.88
N ASP A 22 9.26 8.95 11.92
CA ASP A 22 10.12 8.47 12.99
C ASP A 22 9.33 7.61 13.98
N ILE A 23 8.70 6.56 13.47
CA ILE A 23 7.91 5.66 14.30
C ILE A 23 8.27 4.20 14.02
N TYR A 24 7.57 3.30 14.70
CA TYR A 24 7.80 1.86 14.52
C TYR A 24 6.49 1.10 14.48
N CYS A 25 6.43 0.07 13.64
CA CYS A 25 5.24 -0.74 13.50
C CYS A 25 4.75 -1.25 14.87
N PRO A 26 3.46 -1.55 14.96
CA PRO A 26 2.85 -2.04 16.20
C PRO A 26 3.30 -3.45 16.55
N ARG A 27 2.65 -4.06 17.53
CA ARG A 27 2.99 -5.41 17.97
C ARG A 27 2.14 -6.44 17.23
N GLU A 28 2.61 -7.68 17.23
CA GLU A 28 1.88 -8.76 16.57
C GLU A 28 1.83 -8.53 15.06
N THR A 29 2.96 -8.14 14.49
CA THR A 29 3.04 -7.88 13.06
C THR A 29 4.27 -8.55 12.44
N ARG A 30 4.31 -8.58 11.11
CA ARG A 30 5.43 -9.20 10.40
C ARG A 30 5.51 -8.70 8.97
N TYR A 31 4.34 -8.56 8.33
CA TYR A 31 4.28 -8.08 6.96
C TYR A 31 3.84 -6.63 6.90
N CYS A 32 3.88 -6.05 5.70
CA CYS A 32 3.49 -4.66 5.51
C CYS A 32 2.72 -4.49 4.21
N TYR A 33 1.53 -3.91 4.30
CA TYR A 33 0.68 -3.68 3.13
C TYR A 33 0.64 -2.20 2.76
N THR A 34 0.30 -1.91 1.51
CA THR A 34 0.21 -0.54 1.04
C THR A 34 -1.01 -0.35 0.15
N GLN A 35 -1.92 0.51 0.59
CA GLN A 35 -3.14 0.80 -0.16
C GLN A 35 -3.07 2.17 -0.83
N HIS A 36 -3.30 2.20 -2.14
CA HIS A 36 -3.27 3.45 -2.89
C HIS A 36 -4.64 3.79 -3.45
N THR A 37 -5.20 4.90 -3.00
CA THR A 37 -6.52 5.33 -3.46
C THR A 37 -6.40 6.22 -4.69
N MET A 38 -6.86 5.71 -5.83
CA MET A 38 -6.80 6.47 -7.08
C MET A 38 -8.20 6.83 -7.55
N GLU A 39 -8.28 7.77 -8.50
CA GLU A 39 -9.57 8.21 -9.03
C GLU A 39 -9.87 7.51 -10.37
N VAL A 40 -11.05 7.77 -10.90
CA VAL A 40 -11.47 7.17 -12.17
C VAL A 40 -10.54 7.60 -13.30
N THR A 41 -10.02 8.81 -13.20
CA THR A 41 -9.12 9.34 -14.22
C THR A 41 -7.80 8.59 -14.23
N GLY A 42 -7.37 8.13 -13.06
CA GLY A 42 -6.13 7.39 -12.95
C GLY A 42 -5.04 8.19 -12.27
N ASN A 43 -5.44 9.09 -11.37
CA ASN A 43 -4.49 9.92 -10.64
C ASN A 43 -4.53 9.61 -9.14
N SER A 44 -3.35 9.63 -8.52
CA SER A 44 -3.24 9.34 -7.09
C SER A 44 -3.87 10.46 -6.27
N ILE A 45 -4.53 10.08 -5.18
CA ILE A 45 -5.16 11.06 -4.30
C ILE A 45 -4.78 10.82 -2.84
N SER A 46 -4.68 9.55 -2.45
CA SER A 46 -4.31 9.19 -1.09
C SER A 46 -3.66 7.81 -1.05
N VAL A 47 -2.89 7.56 0.00
CA VAL A 47 -2.21 6.29 0.17
C VAL A 47 -1.87 6.03 1.63
N THR A 48 -2.00 4.77 2.05
CA THR A 48 -1.71 4.39 3.43
C THR A 48 -0.91 3.10 3.48
N LYS A 49 0.00 3.00 4.46
CA LYS A 49 0.83 1.82 4.62
C LYS A 49 1.08 1.52 6.09
N ARG A 50 0.92 0.26 6.48
CA ARG A 50 1.12 -0.15 7.86
C ARG A 50 1.64 -1.58 7.93
N CYS A 51 1.89 -2.07 9.15
CA CYS A 51 2.38 -3.41 9.35
C CYS A 51 1.26 -4.34 9.81
N VAL A 52 1.11 -5.46 9.12
CA VAL A 52 0.08 -6.44 9.46
C VAL A 52 0.59 -7.87 9.29
N PRO A 53 0.00 -8.80 10.05
CA PRO A 53 0.39 -10.21 10.00
C PRO A 53 -0.03 -10.88 8.70
N LEU A 54 0.53 -12.07 8.44
CA LEU A 54 0.22 -12.80 7.22
C LEU A 54 -1.29 -12.94 7.03
N GLU A 55 -1.99 -13.23 8.12
CA GLU A 55 -3.44 -13.39 8.08
C GLU A 55 -4.10 -12.19 7.40
N GLU A 56 -3.67 -10.98 7.79
CA GLU A 56 -4.22 -9.76 7.23
C GLU A 56 -3.82 -9.62 5.76
N CYS A 57 -2.70 -10.22 5.40
CA CYS A 57 -2.20 -10.16 4.03
C CYS A 57 -2.47 -11.47 3.29
N LEU A 58 -3.52 -12.17 3.71
CA LEU A 58 -3.88 -13.44 3.09
C LEU A 58 -4.61 -13.21 1.77
N SER A 59 -5.70 -12.46 1.82
CA SER A 59 -6.48 -12.17 0.62
C SER A 59 -6.25 -10.74 0.15
N THR A 60 -5.17 -10.52 -0.58
CA THR A 60 -4.83 -9.20 -1.09
C THR A 60 -4.71 -9.20 -2.61
N GLY A 61 -4.48 -8.03 -3.18
CA GLY A 61 -4.34 -7.92 -4.62
C GLY A 61 -4.70 -6.54 -5.13
N CYS A 62 -4.15 -6.17 -6.28
CA CYS A 62 -4.41 -4.87 -6.87
C CYS A 62 -5.10 -5.02 -8.24
N ARG A 63 -6.00 -4.09 -8.55
CA ARG A 63 -6.71 -4.13 -9.83
C ARG A 63 -6.99 -2.71 -10.32
N ASP A 64 -7.31 -2.59 -11.61
CA ASP A 64 -7.60 -1.29 -12.21
C ASP A 64 -9.07 -0.92 -12.01
N SER A 65 -9.92 -1.94 -11.93
CA SER A 65 -11.35 -1.72 -11.73
C SER A 65 -11.78 -2.12 -10.32
N GLU A 66 -13.05 -1.88 -10.01
CA GLU A 66 -13.58 -2.21 -8.69
C GLU A 66 -15.09 -1.97 -8.64
N HIS A 67 -15.74 -2.53 -7.63
CA HIS A 67 -17.18 -2.38 -7.47
C HIS A 67 -17.50 -1.24 -6.50
N GLU A 68 -16.71 -0.18 -6.58
CA GLU A 68 -16.92 0.98 -5.71
C GLU A 68 -16.68 2.28 -6.47
N GLY A 69 -16.80 3.40 -5.77
CA GLY A 69 -16.59 4.69 -6.39
C GLY A 69 -15.17 4.89 -6.88
N HIS A 70 -14.27 5.20 -5.95
CA HIS A 70 -12.87 5.41 -6.30
C HIS A 70 -12.21 4.10 -6.74
N LYS A 71 -10.97 4.20 -7.19
CA LYS A 71 -10.23 3.03 -7.64
C LYS A 71 -8.99 2.80 -6.77
N VAL A 72 -9.18 2.09 -5.67
CA VAL A 72 -8.07 1.80 -4.76
C VAL A 72 -7.66 0.33 -4.85
N CYS A 73 -6.35 0.10 -4.78
CA CYS A 73 -5.81 -1.26 -4.85
C CYS A 73 -5.00 -1.60 -3.61
N THR A 74 -4.99 -2.87 -3.25
CA THR A 74 -4.27 -3.33 -2.07
C THR A 74 -3.14 -4.29 -2.46
N SER A 75 -1.91 -3.89 -2.17
CA SER A 75 -0.75 -4.72 -2.49
C SER A 75 0.14 -4.92 -1.26
N CYS A 76 0.34 -6.18 -0.90
CA CYS A 76 1.17 -6.53 0.26
C CYS A 76 2.61 -6.79 -0.15
N CYS A 77 3.52 -6.72 0.81
CA CYS A 77 4.93 -6.95 0.55
C CYS A 77 5.37 -8.31 1.08
N GLU A 78 6.67 -8.60 0.96
CA GLU A 78 7.21 -9.86 1.43
C GLU A 78 8.49 -9.64 2.23
N GLY A 79 8.82 -8.38 2.48
CA GLY A 79 10.01 -8.06 3.24
C GLY A 79 9.99 -6.65 3.78
N ASN A 80 11.00 -6.31 4.57
CA ASN A 80 11.10 -4.98 5.17
C ASN A 80 11.43 -3.93 4.11
N ILE A 81 11.47 -2.67 4.53
CA ILE A 81 11.79 -1.58 3.62
C ILE A 81 11.15 -1.81 2.26
N CYS A 82 9.90 -2.26 2.27
CA CYS A 82 9.17 -2.51 1.02
C CYS A 82 8.44 -1.26 0.56
N ASN A 83 8.72 -0.14 1.21
CA ASN A 83 8.09 1.13 0.87
C ASN A 83 8.60 1.65 -0.48
N LEU A 84 7.78 1.48 -1.51
CA LEU A 84 8.16 1.93 -2.85
C LEU A 84 6.93 2.42 -3.63
N PRO A 85 7.17 3.22 -4.66
CA PRO A 85 6.10 3.77 -5.51
C PRO A 85 5.44 2.71 -6.37
N LEU A 86 4.12 2.80 -6.52
CA LEU A 86 3.37 1.84 -7.31
C LEU A 86 2.31 2.54 -8.14
N PRO A 87 2.73 3.17 -9.25
CA PRO A 87 1.83 3.90 -10.15
C PRO A 87 0.92 2.95 -10.93
N ARG A 88 0.22 3.50 -11.92
CA ARG A 88 -0.69 2.70 -12.74
C ARG A 88 0.01 1.45 -13.28
N ASN A 89 -0.67 0.32 -13.17
CA ASN A 89 -0.11 -0.95 -13.63
C ASN A 89 -1.22 -1.97 -13.90
N GLU A 90 -0.83 -3.17 -14.31
CA GLU A 90 -1.78 -4.23 -14.59
C GLU A 90 -1.58 -5.41 -13.65
N THR A 91 -2.68 -5.97 -13.16
CA THR A 91 -2.63 -7.10 -12.24
C THR A 91 -1.76 -8.23 -12.81
N ASP A 92 -1.80 -8.38 -14.13
CA ASP A 92 -1.02 -9.42 -14.79
C ASP A 92 0.46 -9.33 -14.38
N ALA A 93 1.03 -10.48 -14.03
CA ALA A 93 2.43 -10.53 -13.63
C ALA A 93 3.03 -11.91 -13.88
N THR A 94 4.36 -11.98 -13.88
CA THR A 94 5.06 -13.23 -14.13
C THR A 94 5.50 -13.88 -12.82
N PHE A 95 5.27 -15.19 -12.70
CA PHE A 95 5.65 -15.92 -11.50
C PHE A 95 6.15 -17.31 -11.85
N ALA A 96 7.21 -17.74 -11.16
CA ALA A 96 7.80 -19.05 -11.40
C ALA A 96 7.03 -20.14 -10.66
N MET A 1 14.03 -5.84 8.83
CA MET A 1 14.08 -6.91 7.84
C MET A 1 12.69 -7.28 7.35
N PHE A 2 11.72 -7.21 8.26
CA PHE A 2 10.33 -7.53 7.93
C PHE A 2 9.42 -6.34 8.18
N LYS A 3 9.88 -5.41 9.01
CA LYS A 3 9.11 -4.22 9.34
C LYS A 3 9.29 -3.15 8.28
N CYS A 4 8.30 -2.28 8.15
CA CYS A 4 8.34 -1.19 7.17
C CYS A 4 7.85 0.12 7.78
N PHE A 5 7.68 1.14 6.94
CA PHE A 5 7.21 2.43 7.40
C PHE A 5 5.70 2.50 7.37
N THR A 6 5.10 2.77 8.53
CA THR A 6 3.65 2.86 8.64
C THR A 6 3.16 4.29 8.36
N CYS A 7 2.75 4.53 7.13
CA CYS A 7 2.26 5.86 6.74
C CYS A 7 0.81 6.04 7.16
N GLU A 8 0.31 7.27 7.02
CA GLU A 8 -1.06 7.59 7.41
C GLU A 8 -1.61 8.73 6.56
N LYS A 9 -2.55 8.41 5.67
CA LYS A 9 -3.15 9.42 4.81
C LYS A 9 -2.08 10.22 4.08
N ALA A 10 -1.10 9.51 3.51
CA ALA A 10 -0.02 10.16 2.78
C ALA A 10 -0.49 10.64 1.42
N ALA A 11 -0.17 11.90 1.09
CA ALA A 11 -0.57 12.48 -0.18
C ALA A 11 0.03 11.70 -1.35
N ASP A 12 1.24 11.20 -1.16
CA ASP A 12 1.92 10.43 -2.20
C ASP A 12 2.95 9.48 -1.59
N ASN A 13 3.37 8.50 -2.37
CA ASN A 13 4.35 7.52 -1.91
C ASN A 13 5.66 8.20 -1.55
N TYR A 14 6.26 8.88 -2.52
CA TYR A 14 7.52 9.57 -2.31
C TYR A 14 7.43 10.52 -1.11
N GLU A 15 6.29 11.18 -0.98
CA GLU A 15 6.08 12.11 0.11
C GLU A 15 6.39 11.46 1.46
N CYS A 16 5.68 10.37 1.75
CA CYS A 16 5.89 9.65 3.00
C CYS A 16 7.35 9.28 3.19
N ASN A 17 7.99 8.88 2.10
CA ASN A 17 9.40 8.49 2.15
C ASN A 17 10.28 9.69 2.49
N ARG A 18 10.01 10.82 1.87
CA ARG A 18 10.77 12.04 2.11
C ARG A 18 10.85 12.35 3.61
N TRP A 19 9.72 12.14 4.30
CA TRP A 19 9.66 12.39 5.73
C TRP A 19 10.06 11.16 6.53
N ALA A 20 9.15 10.18 6.59
CA ALA A 20 9.40 8.95 7.31
C ALA A 20 9.86 9.23 8.74
N PRO A 21 8.92 9.65 9.60
CA PRO A 21 9.21 9.96 10.99
C PRO A 21 9.58 8.73 11.81
N ASP A 22 10.27 8.93 12.91
CA ASP A 22 10.70 7.83 13.78
C ASP A 22 9.50 7.20 14.47
N ILE A 23 8.92 6.18 13.83
CA ILE A 23 7.77 5.49 14.39
C ILE A 23 8.04 3.99 14.50
N TYR A 24 7.04 3.25 14.99
CA TYR A 24 7.15 1.81 15.15
C TYR A 24 5.86 1.11 14.76
N CYS A 25 6.00 -0.07 14.16
CA CYS A 25 4.83 -0.84 13.73
C CYS A 25 4.14 -1.49 14.93
N PRO A 26 2.87 -1.86 14.75
CA PRO A 26 2.06 -2.49 15.80
C PRO A 26 2.55 -3.91 16.12
N ARG A 27 1.76 -4.63 16.92
CA ARG A 27 2.10 -5.99 17.30
C ARG A 27 1.31 -7.01 16.47
N GLU A 28 1.59 -8.29 16.68
CA GLU A 28 0.91 -9.36 15.96
C GLU A 28 0.93 -9.09 14.46
N THR A 29 2.07 -8.60 13.96
CA THR A 29 2.22 -8.30 12.55
C THR A 29 3.09 -9.35 11.87
N ARG A 30 3.07 -9.35 10.54
CA ARG A 30 3.86 -10.30 9.75
C ARG A 30 4.48 -9.62 8.55
N TYR A 31 3.69 -8.80 7.86
CA TYR A 31 4.17 -8.09 6.67
C TYR A 31 3.66 -6.64 6.67
N CYS A 32 3.86 -5.98 5.54
CA CYS A 32 3.43 -4.58 5.40
C CYS A 32 2.58 -4.40 4.14
N TYR A 33 1.41 -3.80 4.31
CA TYR A 33 0.51 -3.57 3.18
C TYR A 33 0.54 -2.11 2.75
N THR A 34 0.11 -1.85 1.53
CA THR A 34 0.08 -0.50 0.98
C THR A 34 -1.23 -0.21 0.27
N GLN A 35 -2.13 0.48 0.96
CA GLN A 35 -3.44 0.82 0.39
C GLN A 35 -3.36 2.11 -0.42
N HIS A 36 -3.20 1.97 -1.74
CA HIS A 36 -3.10 3.12 -2.62
C HIS A 36 -4.48 3.47 -3.20
N THR A 37 -5.04 4.59 -2.76
CA THR A 37 -6.33 5.04 -3.23
C THR A 37 -6.20 5.86 -4.51
N MET A 38 -6.84 5.39 -5.58
CA MET A 38 -6.80 6.08 -6.86
C MET A 38 -8.19 6.56 -7.27
N GLU A 39 -8.23 7.45 -8.25
CA GLU A 39 -9.51 7.98 -8.73
C GLU A 39 -10.03 7.17 -9.91
N VAL A 40 -11.24 7.48 -10.35
CA VAL A 40 -11.86 6.78 -11.47
C VAL A 40 -10.91 6.73 -12.67
N THR A 41 -10.18 7.83 -12.88
CA THR A 41 -9.23 7.91 -14.00
C THR A 41 -8.03 7.01 -13.77
N GLY A 42 -7.24 7.33 -12.75
CA GLY A 42 -6.06 6.55 -12.43
C GLY A 42 -5.09 7.28 -11.54
N ASN A 43 -5.06 8.61 -11.65
CA ASN A 43 -4.17 9.43 -10.84
C ASN A 43 -4.30 9.08 -9.36
N SER A 44 -3.18 9.16 -8.65
CA SER A 44 -3.17 8.84 -7.22
C SER A 44 -3.68 10.03 -6.40
N ILE A 45 -4.49 9.73 -5.39
CA ILE A 45 -5.04 10.76 -4.52
C ILE A 45 -4.56 10.60 -3.08
N SER A 46 -4.47 9.36 -2.63
CA SER A 46 -4.02 9.07 -1.28
C SER A 46 -3.42 7.67 -1.20
N VAL A 47 -2.70 7.41 -0.10
CA VAL A 47 -2.07 6.11 0.09
C VAL A 47 -1.83 5.84 1.57
N THR A 48 -1.89 4.57 1.96
CA THR A 48 -1.68 4.18 3.35
C THR A 48 -0.66 3.04 3.46
N LYS A 49 0.07 3.01 4.57
CA LYS A 49 1.07 1.97 4.79
C LYS A 49 1.10 1.55 6.26
N ARG A 50 1.20 0.25 6.49
CA ARG A 50 1.24 -0.28 7.85
C ARG A 50 1.67 -1.75 7.85
N CYS A 51 1.99 -2.26 9.03
CA CYS A 51 2.42 -3.65 9.17
C CYS A 51 1.23 -4.55 9.53
N VAL A 52 0.69 -5.24 8.52
CA VAL A 52 -0.44 -6.13 8.73
C VAL A 52 -0.02 -7.59 8.59
N PRO A 53 -0.75 -8.49 9.27
CA PRO A 53 -0.49 -9.93 9.23
C PRO A 53 -0.80 -10.54 7.88
N LEU A 54 -0.35 -11.78 7.68
CA LEU A 54 -0.60 -12.49 6.42
C LEU A 54 -2.08 -12.44 6.05
N GLU A 55 -2.94 -12.51 7.05
CA GLU A 55 -4.38 -12.48 6.84
C GLU A 55 -4.78 -11.26 6.02
N GLU A 56 -4.52 -10.08 6.57
CA GLU A 56 -4.86 -8.82 5.90
C GLU A 56 -4.25 -8.78 4.50
N CYS A 57 -3.11 -9.46 4.34
CA CYS A 57 -2.43 -9.51 3.05
C CYS A 57 -2.76 -10.79 2.30
N LEU A 58 -3.98 -11.29 2.50
CA LEU A 58 -4.42 -12.52 1.84
C LEU A 58 -4.63 -12.28 0.34
N SER A 59 -5.08 -11.08 -0.01
CA SER A 59 -5.32 -10.74 -1.40
C SER A 59 -4.61 -9.43 -1.76
N THR A 60 -3.53 -9.53 -2.53
CA THR A 60 -2.77 -8.37 -2.95
C THR A 60 -3.14 -7.95 -4.38
N GLY A 61 -2.49 -6.89 -4.86
CA GLY A 61 -2.76 -6.41 -6.21
C GLY A 61 -3.91 -5.44 -6.25
N CYS A 62 -4.34 -5.08 -7.46
CA CYS A 62 -5.44 -4.15 -7.63
C CYS A 62 -6.59 -4.79 -8.42
N ARG A 63 -7.80 -4.65 -7.91
CA ARG A 63 -8.98 -5.22 -8.55
C ARG A 63 -10.23 -4.39 -8.25
N ASP A 64 -11.31 -4.67 -8.97
CA ASP A 64 -12.55 -3.94 -8.78
C ASP A 64 -13.17 -4.25 -7.43
N SER A 65 -13.60 -3.21 -6.73
CA SER A 65 -14.21 -3.36 -5.40
C SER A 65 -15.66 -2.89 -5.41
N GLU A 66 -15.89 -1.72 -5.99
CA GLU A 66 -17.24 -1.16 -6.06
C GLU A 66 -17.39 -0.27 -7.29
N HIS A 67 -18.61 -0.23 -7.83
CA HIS A 67 -18.89 0.56 -9.02
C HIS A 67 -19.47 1.93 -8.63
N GLU A 68 -18.99 2.46 -7.50
CA GLU A 68 -19.46 3.75 -7.02
C GLU A 68 -18.67 4.90 -7.66
N GLY A 69 -17.40 4.63 -7.94
CA GLY A 69 -16.55 5.64 -8.54
C GLY A 69 -15.07 5.35 -8.35
N HIS A 70 -14.43 6.09 -7.46
CA HIS A 70 -13.00 5.91 -7.19
C HIS A 70 -12.71 4.46 -6.83
N LYS A 71 -11.46 4.06 -7.02
CA LYS A 71 -11.03 2.69 -6.72
C LYS A 71 -9.74 2.69 -5.92
N VAL A 72 -9.56 1.67 -5.09
CA VAL A 72 -8.36 1.53 -4.28
C VAL A 72 -7.91 0.08 -4.18
N CYS A 73 -6.60 -0.12 -4.22
CA CYS A 73 -6.03 -1.47 -4.15
C CYS A 73 -5.03 -1.57 -2.99
N THR A 74 -4.45 -2.76 -2.83
CA THR A 74 -3.48 -2.99 -1.77
C THR A 74 -2.26 -3.74 -2.30
N SER A 75 -1.09 -3.39 -1.77
CA SER A 75 0.15 -4.02 -2.19
C SER A 75 1.01 -4.40 -0.98
N CYS A 76 1.30 -5.70 -0.84
CA CYS A 76 2.10 -6.18 0.26
C CYS A 76 3.52 -6.51 -0.19
N CYS A 77 4.45 -6.47 0.74
CA CYS A 77 5.86 -6.75 0.44
C CYS A 77 6.39 -7.86 1.33
N GLU A 78 7.69 -8.13 1.23
CA GLU A 78 8.33 -9.17 2.03
C GLU A 78 9.69 -8.71 2.53
N GLY A 79 9.98 -7.42 2.36
CA GLY A 79 11.25 -6.88 2.80
C GLY A 79 11.09 -5.62 3.63
N ASN A 80 12.17 -5.21 4.30
CA ASN A 80 12.13 -4.02 5.13
C ASN A 80 12.01 -2.76 4.29
N ILE A 81 11.43 -1.71 4.87
CA ILE A 81 11.27 -0.45 4.17
C ILE A 81 10.94 -0.68 2.69
N CYS A 82 9.79 -1.30 2.44
CA CYS A 82 9.37 -1.57 1.08
C CYS A 82 8.56 -0.41 0.51
N ASN A 83 8.60 0.73 1.19
CA ASN A 83 7.88 1.92 0.76
C ASN A 83 8.48 2.50 -0.51
N LEU A 84 7.75 2.38 -1.61
CA LEU A 84 8.22 2.89 -2.90
C LEU A 84 7.04 3.24 -3.80
N PRO A 85 7.28 4.18 -4.74
CA PRO A 85 6.25 4.62 -5.69
C PRO A 85 5.88 3.54 -6.70
N LEU A 86 4.59 3.37 -6.95
CA LEU A 86 4.11 2.38 -7.90
C LEU A 86 3.43 3.04 -9.09
N PRO A 87 3.45 2.35 -10.24
CA PRO A 87 2.84 2.85 -11.48
C PRO A 87 1.31 2.88 -11.39
N ARG A 88 0.68 3.35 -12.47
CA ARG A 88 -0.77 3.43 -12.52
C ARG A 88 -1.34 2.49 -13.58
N ASN A 89 -1.95 1.40 -13.13
CA ASN A 89 -2.53 0.41 -14.04
C ASN A 89 -3.63 -0.39 -13.34
N GLU A 90 -4.37 -1.17 -14.13
CA GLU A 90 -5.45 -1.99 -13.59
C GLU A 90 -5.34 -3.43 -14.08
N THR A 91 -6.05 -4.33 -13.43
CA THR A 91 -6.03 -5.75 -13.79
C THR A 91 -7.45 -6.32 -13.83
N ASP A 92 -7.95 -6.54 -15.04
CA ASP A 92 -9.30 -7.09 -15.20
C ASP A 92 -9.45 -8.41 -14.44
N ALA A 93 -10.69 -8.72 -14.07
CA ALA A 93 -10.97 -9.95 -13.33
C ALA A 93 -11.79 -10.92 -14.17
N THR A 94 -12.69 -10.38 -14.97
CA THR A 94 -13.55 -11.19 -15.83
C THR A 94 -12.73 -12.01 -16.82
N PHE A 95 -11.89 -11.33 -17.58
CA PHE A 95 -11.04 -11.99 -18.58
C PHE A 95 -9.69 -12.36 -17.96
N ALA A 96 -9.09 -13.42 -18.49
CA ALA A 96 -7.79 -13.89 -18.00
C ALA A 96 -7.02 -14.60 -19.10
N MET A 1 11.82 -9.05 12.71
CA MET A 1 13.05 -8.63 12.04
C MET A 1 12.74 -7.57 10.97
N PHE A 2 11.78 -7.87 10.11
CA PHE A 2 11.39 -6.95 9.05
C PHE A 2 10.52 -5.82 9.59
N LYS A 3 10.75 -4.61 9.09
CA LYS A 3 9.98 -3.44 9.52
C LYS A 3 9.79 -2.46 8.37
N CYS A 4 8.59 -1.89 8.30
CA CYS A 4 8.28 -0.92 7.24
C CYS A 4 7.78 0.39 7.84
N PHE A 5 7.47 1.34 6.97
CA PHE A 5 6.98 2.64 7.40
C PHE A 5 5.46 2.68 7.43
N THR A 6 4.90 3.14 8.54
CA THR A 6 3.45 3.22 8.68
C THR A 6 2.92 4.57 8.21
N CYS A 7 2.60 4.65 6.93
CA CYS A 7 2.08 5.89 6.34
C CYS A 7 0.60 6.05 6.65
N GLU A 8 0.18 7.29 6.93
CA GLU A 8 -1.21 7.57 7.23
C GLU A 8 -1.68 8.83 6.50
N LYS A 9 -2.74 8.68 5.69
CA LYS A 9 -3.28 9.80 4.93
C LYS A 9 -2.19 10.50 4.14
N ALA A 10 -1.38 9.72 3.43
CA ALA A 10 -0.30 10.26 2.62
C ALA A 10 -0.79 10.61 1.22
N ALA A 11 -0.60 11.88 0.84
CA ALA A 11 -1.02 12.34 -0.48
C ALA A 11 -0.18 11.71 -1.58
N ASP A 12 1.10 11.51 -1.29
CA ASP A 12 2.02 10.91 -2.26
C ASP A 12 3.19 10.25 -1.55
N ASN A 13 3.69 9.16 -2.13
CA ASN A 13 4.81 8.43 -1.56
C ASN A 13 5.98 9.37 -1.26
N TYR A 14 6.17 10.35 -2.13
CA TYR A 14 7.25 11.32 -1.96
C TYR A 14 7.02 12.18 -0.73
N GLU A 15 5.76 12.53 -0.47
CA GLU A 15 5.41 13.35 0.67
C GLU A 15 5.70 12.61 1.98
N CYS A 16 5.18 11.40 2.10
CA CYS A 16 5.38 10.59 3.30
C CYS A 16 6.86 10.48 3.63
N ASN A 17 7.69 10.28 2.60
CA ASN A 17 9.13 10.16 2.80
C ASN A 17 9.76 11.52 3.06
N ARG A 18 9.21 12.55 2.43
CA ARG A 18 9.72 13.91 2.60
C ARG A 18 9.73 14.31 4.08
N TRP A 19 8.74 13.81 4.82
CA TRP A 19 8.64 14.11 6.24
C TRP A 19 9.40 13.10 7.08
N ALA A 20 9.29 11.83 6.71
CA ALA A 20 9.96 10.76 7.43
C ALA A 20 9.71 10.85 8.93
N PRO A 21 8.50 10.46 9.35
CA PRO A 21 8.10 10.50 10.76
C PRO A 21 8.89 9.50 11.61
N ASP A 22 9.44 9.97 12.72
CA ASP A 22 10.23 9.12 13.61
C ASP A 22 9.31 8.21 14.42
N ILE A 23 8.72 7.23 13.77
CA ILE A 23 7.82 6.29 14.43
C ILE A 23 8.28 4.85 14.24
N TYR A 24 7.55 3.91 14.82
CA TYR A 24 7.88 2.50 14.72
C TYR A 24 6.61 1.66 14.57
N CYS A 25 6.73 0.56 13.84
CA CYS A 25 5.60 -0.34 13.62
C CYS A 25 5.28 -1.13 14.89
N PRO A 26 4.06 -1.67 14.95
CA PRO A 26 3.60 -2.47 16.09
C PRO A 26 4.31 -3.81 16.18
N ARG A 27 3.84 -4.66 17.10
CA ARG A 27 4.43 -5.98 17.28
C ARG A 27 3.68 -7.03 16.47
N GLU A 28 4.05 -8.29 16.66
CA GLU A 28 3.42 -9.38 15.94
C GLU A 28 3.14 -9.00 14.49
N THR A 29 4.09 -8.30 13.87
CA THR A 29 3.95 -7.86 12.49
C THR A 29 5.17 -8.24 11.66
N ARG A 30 4.95 -8.92 10.55
CA ARG A 30 6.02 -9.35 9.67
C ARG A 30 5.81 -8.81 8.26
N TYR A 31 4.56 -8.77 7.83
CA TYR A 31 4.23 -8.28 6.49
C TYR A 31 3.82 -6.81 6.53
N CYS A 32 3.72 -6.20 5.36
CA CYS A 32 3.34 -4.80 5.25
C CYS A 32 2.43 -4.57 4.04
N TYR A 33 1.22 -4.07 4.30
CA TYR A 33 0.26 -3.80 3.24
C TYR A 33 0.30 -2.34 2.82
N THR A 34 0.09 -2.09 1.53
CA THR A 34 0.10 -0.74 1.00
C THR A 34 -1.14 -0.46 0.15
N GLN A 35 -2.01 0.40 0.65
CA GLN A 35 -3.24 0.73 -0.06
C GLN A 35 -3.12 2.11 -0.72
N HIS A 36 -3.31 2.14 -2.04
CA HIS A 36 -3.22 3.39 -2.79
C HIS A 36 -4.58 3.77 -3.36
N THR A 37 -5.06 4.96 -3.00
CA THR A 37 -6.34 5.45 -3.47
C THR A 37 -6.17 6.38 -4.66
N MET A 38 -6.71 6.00 -5.81
CA MET A 38 -6.63 6.81 -7.01
C MET A 38 -7.99 7.37 -7.39
N GLU A 39 -8.00 8.32 -8.33
CA GLU A 39 -9.23 8.94 -8.78
C GLU A 39 -9.80 8.22 -10.00
N VAL A 40 -11.00 8.61 -10.41
CA VAL A 40 -11.65 8.01 -11.57
C VAL A 40 -10.74 8.04 -12.80
N THR A 41 -10.01 9.15 -12.94
CA THR A 41 -9.09 9.31 -14.07
C THR A 41 -7.91 8.36 -13.96
N GLY A 42 -7.46 8.11 -12.73
CA GLY A 42 -6.34 7.22 -12.52
C GLY A 42 -5.15 7.94 -11.90
N ASN A 43 -5.43 8.94 -11.07
CA ASN A 43 -4.37 9.71 -10.42
C ASN A 43 -4.36 9.44 -8.91
N SER A 44 -3.16 9.38 -8.34
CA SER A 44 -3.01 9.12 -6.92
C SER A 44 -3.47 10.32 -6.10
N ILE A 45 -4.27 10.06 -5.07
CA ILE A 45 -4.78 11.12 -4.20
C ILE A 45 -4.41 10.86 -2.74
N SER A 46 -4.40 9.59 -2.36
CA SER A 46 -4.06 9.20 -1.00
C SER A 46 -3.50 7.78 -0.95
N VAL A 47 -2.85 7.45 0.17
CA VAL A 47 -2.27 6.13 0.34
C VAL A 47 -2.09 5.80 1.82
N THR A 48 -2.52 4.60 2.21
CA THR A 48 -2.41 4.16 3.59
C THR A 48 -1.58 2.88 3.70
N LYS A 49 -0.45 2.97 4.40
CA LYS A 49 0.42 1.82 4.58
C LYS A 49 0.65 1.53 6.07
N ARG A 50 0.62 0.26 6.44
CA ARG A 50 0.83 -0.14 7.82
C ARG A 50 1.36 -1.57 7.90
N CYS A 51 2.01 -1.88 9.02
CA CYS A 51 2.57 -3.21 9.22
C CYS A 51 1.51 -4.19 9.73
N VAL A 52 1.51 -5.39 9.17
CA VAL A 52 0.55 -6.42 9.57
C VAL A 52 1.14 -7.81 9.41
N PRO A 53 0.64 -8.77 10.22
CA PRO A 53 1.10 -10.15 10.18
C PRO A 53 0.67 -10.87 8.90
N LEU A 54 1.36 -11.97 8.60
CA LEU A 54 1.05 -12.75 7.39
C LEU A 54 -0.45 -13.01 7.29
N GLU A 55 -1.09 -13.27 8.42
CA GLU A 55 -2.52 -13.54 8.45
C GLU A 55 -3.30 -12.41 7.77
N GLU A 56 -3.08 -11.18 8.24
CA GLU A 56 -3.75 -10.02 7.69
C GLU A 56 -3.52 -9.92 6.18
N CYS A 57 -2.35 -10.39 5.74
CA CYS A 57 -2.00 -10.35 4.32
C CYS A 57 -2.32 -11.69 3.65
N LEU A 58 -3.35 -12.37 4.16
CA LEU A 58 -3.75 -13.65 3.61
C LEU A 58 -4.54 -13.47 2.31
N SER A 59 -5.54 -12.60 2.36
CA SER A 59 -6.38 -12.34 1.19
C SER A 59 -6.16 -10.91 0.68
N THR A 60 -5.02 -10.68 0.05
CA THR A 60 -4.69 -9.37 -0.48
C THR A 60 -4.57 -9.40 -2.01
N GLY A 61 -4.59 -8.21 -2.62
CA GLY A 61 -4.48 -8.13 -4.07
C GLY A 61 -4.91 -6.78 -4.61
N CYS A 62 -4.48 -6.46 -5.82
CA CYS A 62 -4.82 -5.20 -6.44
C CYS A 62 -5.69 -5.42 -7.67
N ARG A 63 -6.78 -4.66 -7.77
CA ARG A 63 -7.70 -4.78 -8.89
C ARG A 63 -8.60 -3.53 -8.98
N ASP A 64 -9.11 -3.27 -10.18
CA ASP A 64 -9.97 -2.13 -10.41
C ASP A 64 -11.22 -2.22 -9.54
N SER A 65 -11.72 -1.06 -9.11
CA SER A 65 -12.91 -1.01 -8.27
C SER A 65 -14.13 -0.61 -9.09
N GLU A 66 -14.23 0.66 -9.44
CA GLU A 66 -15.34 1.17 -10.22
C GLU A 66 -15.05 2.58 -10.73
N HIS A 67 -15.95 3.08 -11.58
CA HIS A 67 -15.78 4.42 -12.15
C HIS A 67 -16.64 5.43 -11.40
N GLU A 68 -17.83 5.00 -10.97
CA GLU A 68 -18.74 5.86 -10.24
C GLU A 68 -18.07 6.45 -9.00
N GLY A 69 -17.13 5.69 -8.43
CA GLY A 69 -16.43 6.15 -7.24
C GLY A 69 -14.93 6.26 -7.47
N HIS A 70 -14.16 5.68 -6.56
CA HIS A 70 -12.71 5.71 -6.66
C HIS A 70 -12.15 4.34 -7.02
N LYS A 71 -10.84 4.27 -7.18
CA LYS A 71 -10.18 3.01 -7.53
C LYS A 71 -8.94 2.79 -6.67
N VAL A 72 -9.10 2.07 -5.56
CA VAL A 72 -8.00 1.79 -4.66
C VAL A 72 -7.66 0.30 -4.65
N CYS A 73 -6.37 0.00 -4.59
CA CYS A 73 -5.91 -1.40 -4.58
C CYS A 73 -5.06 -1.67 -3.34
N THR A 74 -4.95 -2.95 -2.99
CA THR A 74 -4.16 -3.35 -1.82
C THR A 74 -3.13 -4.41 -2.20
N SER A 75 -1.86 -4.06 -2.05
CA SER A 75 -0.77 -4.97 -2.37
C SER A 75 0.22 -5.09 -1.21
N CYS A 76 0.39 -6.30 -0.70
CA CYS A 76 1.29 -6.54 0.41
C CYS A 76 2.72 -6.74 -0.09
N CYS A 77 3.67 -6.81 0.84
CA CYS A 77 5.08 -7.00 0.50
C CYS A 77 5.67 -8.19 1.25
N GLU A 78 6.87 -8.59 0.86
CA GLU A 78 7.54 -9.72 1.50
C GLU A 78 8.91 -9.31 2.03
N GLY A 79 9.29 -8.06 1.77
CA GLY A 79 10.57 -7.57 2.22
C GLY A 79 10.44 -6.37 3.13
N ASN A 80 11.49 -6.09 3.91
CA ASN A 80 11.48 -4.97 4.83
C ASN A 80 11.53 -3.64 4.08
N ILE A 81 10.95 -2.60 4.67
CA ILE A 81 10.94 -1.28 4.05
C ILE A 81 10.54 -1.37 2.58
N CYS A 82 9.32 -1.83 2.33
CA CYS A 82 8.81 -1.96 0.97
C CYS A 82 8.07 -0.70 0.54
N ASN A 83 8.30 0.38 1.27
CA ASN A 83 7.65 1.66 0.97
C ASN A 83 8.27 2.31 -0.26
N LEU A 84 7.61 2.16 -1.41
CA LEU A 84 8.11 2.73 -2.66
C LEU A 84 6.95 3.16 -3.55
N PRO A 85 7.24 4.07 -4.50
CA PRO A 85 6.23 4.58 -5.44
C PRO A 85 5.80 3.52 -6.45
N LEU A 86 4.50 3.50 -6.75
CA LEU A 86 3.96 2.54 -7.70
C LEU A 86 3.33 3.26 -8.88
N PRO A 87 4.17 3.82 -9.76
CA PRO A 87 3.72 4.53 -10.95
C PRO A 87 3.11 3.60 -11.99
N ARG A 88 1.83 3.31 -11.85
CA ARG A 88 1.13 2.43 -12.77
C ARG A 88 -0.35 2.81 -12.88
N ASN A 89 -1.08 2.10 -13.72
CA ASN A 89 -2.50 2.36 -13.91
C ASN A 89 -3.35 1.32 -13.18
N GLU A 90 -3.38 0.10 -13.72
CA GLU A 90 -4.14 -0.98 -13.12
C GLU A 90 -3.38 -2.29 -13.17
N THR A 91 -3.94 -3.32 -12.54
CA THR A 91 -3.30 -4.63 -12.50
C THR A 91 -3.98 -5.60 -13.47
N ASP A 92 -3.18 -6.30 -14.26
CA ASP A 92 -3.71 -7.26 -15.22
C ASP A 92 -3.70 -8.67 -14.64
N ALA A 93 -4.26 -9.61 -15.39
CA ALA A 93 -4.32 -11.00 -14.94
C ALA A 93 -2.94 -11.65 -14.98
N THR A 94 -2.13 -11.27 -15.96
CA THR A 94 -0.80 -11.81 -16.11
C THR A 94 0.16 -11.20 -15.09
N PHE A 95 1.02 -12.02 -14.51
CA PHE A 95 1.99 -11.56 -13.52
C PHE A 95 3.40 -11.55 -14.10
N ALA A 96 3.70 -12.55 -14.92
CA ALA A 96 5.01 -12.66 -15.54
C ALA A 96 5.10 -11.80 -16.81
N MET A 1 14.19 -4.09 11.10
CA MET A 1 14.47 -4.86 9.90
C MET A 1 13.23 -5.65 9.46
N PHE A 2 13.11 -5.87 8.15
CA PHE A 2 11.98 -6.60 7.60
C PHE A 2 10.66 -5.90 7.92
N LYS A 3 10.76 -4.63 8.31
CA LYS A 3 9.58 -3.84 8.64
C LYS A 3 9.48 -2.60 7.74
N CYS A 4 8.33 -1.94 7.78
CA CYS A 4 8.11 -0.75 6.97
C CYS A 4 7.51 0.37 7.81
N PHE A 5 7.64 1.60 7.34
CA PHE A 5 7.12 2.76 8.04
C PHE A 5 5.59 2.78 7.99
N THR A 6 4.97 3.22 9.08
CA THR A 6 3.52 3.29 9.16
C THR A 6 3.00 4.63 8.67
N CYS A 7 2.56 4.67 7.42
CA CYS A 7 2.05 5.90 6.82
C CYS A 7 0.59 6.14 7.24
N GLU A 8 0.01 7.23 6.76
CA GLU A 8 -1.36 7.57 7.09
C GLU A 8 -1.84 8.75 6.25
N LYS A 9 -2.97 8.56 5.56
CA LYS A 9 -3.53 9.60 4.72
C LYS A 9 -2.44 10.38 3.99
N ALA A 10 -1.44 9.65 3.50
CA ALA A 10 -0.33 10.26 2.77
C ALA A 10 -0.75 10.67 1.36
N ALA A 11 -0.62 11.96 1.06
CA ALA A 11 -0.98 12.48 -0.25
C ALA A 11 -0.10 11.89 -1.34
N ASP A 12 1.16 11.65 -1.01
CA ASP A 12 2.11 11.08 -1.95
C ASP A 12 3.24 10.34 -1.23
N ASN A 13 3.62 9.19 -1.76
CA ASN A 13 4.68 8.38 -1.16
C ASN A 13 5.93 9.22 -0.94
N TYR A 14 6.17 10.17 -1.83
CA TYR A 14 7.34 11.04 -1.73
C TYR A 14 7.30 11.85 -0.45
N GLU A 15 6.09 12.25 -0.04
CA GLU A 15 5.92 13.04 1.17
C GLU A 15 6.18 12.18 2.41
N CYS A 16 5.49 11.05 2.50
CA CYS A 16 5.66 10.14 3.63
C CYS A 16 7.12 9.84 3.89
N ASN A 17 7.89 9.72 2.81
CA ASN A 17 9.33 9.43 2.93
C ASN A 17 10.10 10.67 3.37
N ARG A 18 9.67 11.83 2.89
CA ARG A 18 10.32 13.09 3.23
C ARG A 18 10.38 13.27 4.75
N TRP A 19 9.34 12.81 5.43
CA TRP A 19 9.27 12.93 6.89
C TRP A 19 9.88 11.70 7.56
N ALA A 20 9.68 10.54 6.94
CA ALA A 20 10.22 9.29 7.48
C ALA A 20 9.84 9.12 8.94
N PRO A 21 8.57 8.78 9.19
CA PRO A 21 8.06 8.57 10.55
C PRO A 21 8.93 7.62 11.37
N ASP A 22 9.65 8.17 12.34
CA ASP A 22 10.52 7.36 13.18
C ASP A 22 9.72 6.63 14.25
N ILE A 23 8.84 5.73 13.81
CA ILE A 23 8.01 4.96 14.72
C ILE A 23 8.20 3.46 14.51
N TYR A 24 8.08 2.71 15.60
CA TYR A 24 8.25 1.25 15.54
C TYR A 24 6.90 0.57 15.39
N CYS A 25 6.84 -0.43 14.51
CA CYS A 25 5.61 -1.18 14.27
C CYS A 25 5.31 -2.12 15.43
N PRO A 26 4.04 -2.55 15.52
CA PRO A 26 3.60 -3.45 16.59
C PRO A 26 4.16 -4.86 16.44
N ARG A 27 3.76 -5.75 17.33
CA ARG A 27 4.23 -7.13 17.29
C ARG A 27 3.37 -7.98 16.35
N GLU A 28 3.77 -9.24 16.17
CA GLU A 28 3.04 -10.15 15.30
C GLU A 28 2.79 -9.51 13.94
N THR A 29 3.80 -8.80 13.43
CA THR A 29 3.69 -8.14 12.13
C THR A 29 5.03 -8.11 11.42
N ARG A 30 5.13 -8.85 10.32
CA ARG A 30 6.35 -8.92 9.54
C ARG A 30 6.14 -8.36 8.13
N TYR A 31 4.90 -8.46 7.65
CA TYR A 31 4.57 -7.97 6.32
C TYR A 31 4.24 -6.48 6.35
N CYS A 32 3.90 -5.93 5.19
CA CYS A 32 3.56 -4.51 5.08
C CYS A 32 2.32 -4.32 4.21
N TYR A 33 1.24 -3.85 4.82
CA TYR A 33 0.00 -3.62 4.10
C TYR A 33 0.00 -2.25 3.42
N THR A 34 -0.19 -2.25 2.10
CA THR A 34 -0.20 -1.02 1.34
C THR A 34 -1.55 -0.81 0.67
N GLN A 35 -2.05 0.43 0.73
CA GLN A 35 -3.34 0.76 0.14
C GLN A 35 -3.25 2.07 -0.65
N HIS A 36 -3.21 1.94 -1.98
CA HIS A 36 -3.12 3.11 -2.85
C HIS A 36 -4.51 3.54 -3.32
N THR A 37 -4.89 4.77 -2.98
CA THR A 37 -6.19 5.30 -3.36
C THR A 37 -6.06 6.25 -4.55
N MET A 38 -6.60 5.83 -5.69
CA MET A 38 -6.55 6.64 -6.91
C MET A 38 -7.95 6.89 -7.45
N GLU A 39 -8.02 7.44 -8.66
CA GLU A 39 -9.30 7.72 -9.30
C GLU A 39 -9.59 6.71 -10.41
N VAL A 40 -10.72 6.89 -11.08
CA VAL A 40 -11.12 6.00 -12.17
C VAL A 40 -10.19 6.15 -13.36
N THR A 41 -9.77 7.38 -13.64
CA THR A 41 -8.88 7.67 -14.75
C THR A 41 -7.49 7.09 -14.50
N GLY A 42 -6.73 7.74 -13.63
CA GLY A 42 -5.39 7.28 -13.32
C GLY A 42 -4.59 8.30 -12.52
N ASN A 43 -5.28 9.00 -11.62
CA ASN A 43 -4.64 10.01 -10.79
C ASN A 43 -4.57 9.56 -9.34
N SER A 44 -3.46 9.86 -8.67
CA SER A 44 -3.28 9.48 -7.27
C SER A 44 -4.02 10.44 -6.34
N ILE A 45 -4.75 9.90 -5.39
CA ILE A 45 -5.50 10.71 -4.43
C ILE A 45 -4.92 10.59 -3.03
N SER A 46 -4.45 9.40 -2.69
CA SER A 46 -3.86 9.15 -1.37
C SER A 46 -3.31 7.74 -1.28
N VAL A 47 -2.66 7.44 -0.15
CA VAL A 47 -2.09 6.12 0.06
C VAL A 47 -1.91 5.84 1.55
N THR A 48 -1.98 4.56 1.92
CA THR A 48 -1.84 4.16 3.31
C THR A 48 -0.86 3.00 3.44
N LYS A 49 -0.13 2.96 4.56
CA LYS A 49 0.83 1.90 4.81
C LYS A 49 0.88 1.55 6.29
N ARG A 50 0.79 0.26 6.59
CA ARG A 50 0.83 -0.21 7.97
C ARG A 50 1.24 -1.68 8.04
N CYS A 51 2.09 -2.01 9.01
CA CYS A 51 2.56 -3.38 9.17
C CYS A 51 1.40 -4.32 9.52
N VAL A 52 1.46 -5.54 8.98
CA VAL A 52 0.42 -6.52 9.23
C VAL A 52 0.99 -7.93 9.15
N PRO A 53 0.33 -8.87 9.87
CA PRO A 53 0.75 -10.28 9.88
C PRO A 53 0.51 -10.98 8.55
N LEU A 54 1.06 -12.18 8.42
CA LEU A 54 0.91 -12.96 7.19
C LEU A 54 -0.57 -13.17 6.86
N GLU A 55 -1.36 -13.46 7.89
CA GLU A 55 -2.79 -13.69 7.70
C GLU A 55 -3.44 -12.49 7.00
N GLU A 56 -3.22 -11.30 7.54
CA GLU A 56 -3.79 -10.08 6.97
C GLU A 56 -3.38 -9.94 5.51
N CYS A 57 -2.19 -10.43 5.18
CA CYS A 57 -1.68 -10.35 3.82
C CYS A 57 -1.97 -11.62 3.04
N LEU A 58 -3.08 -12.28 3.40
CA LEU A 58 -3.48 -13.52 2.74
C LEU A 58 -4.28 -13.23 1.48
N SER A 59 -5.30 -12.38 1.60
CA SER A 59 -6.13 -12.02 0.47
C SER A 59 -5.77 -10.63 -0.06
N THR A 60 -4.67 -10.54 -0.77
CA THR A 60 -4.20 -9.27 -1.34
C THR A 60 -4.33 -9.26 -2.85
N GLY A 61 -4.09 -8.10 -3.45
CA GLY A 61 -4.18 -7.98 -4.89
C GLY A 61 -4.71 -6.62 -5.32
N CYS A 62 -4.29 -6.18 -6.51
CA CYS A 62 -4.71 -4.88 -7.04
C CYS A 62 -5.62 -5.08 -8.25
N ARG A 63 -6.86 -4.59 -8.13
CA ARG A 63 -7.83 -4.70 -9.21
C ARG A 63 -9.02 -3.79 -8.96
N ASP A 64 -10.08 -3.96 -9.77
CA ASP A 64 -11.29 -3.16 -9.63
C ASP A 64 -12.12 -3.62 -8.43
N SER A 65 -12.32 -2.72 -7.48
CA SER A 65 -13.10 -3.04 -6.29
C SER A 65 -14.58 -2.82 -6.53
N GLU A 66 -15.00 -1.55 -6.55
CA GLU A 66 -16.40 -1.20 -6.77
C GLU A 66 -16.52 0.15 -7.47
N HIS A 67 -17.60 0.33 -8.21
CA HIS A 67 -17.84 1.57 -8.93
C HIS A 67 -18.46 2.62 -8.01
N GLU A 68 -17.72 3.01 -6.98
CA GLU A 68 -18.19 4.02 -6.03
C GLU A 68 -17.67 5.41 -6.41
N GLY A 69 -16.49 5.46 -7.00
CA GLY A 69 -15.91 6.73 -7.40
C GLY A 69 -14.40 6.68 -7.46
N HIS A 70 -13.78 6.30 -6.35
CA HIS A 70 -12.32 6.21 -6.28
C HIS A 70 -11.85 4.76 -6.41
N LYS A 71 -10.82 4.55 -7.22
CA LYS A 71 -10.28 3.21 -7.43
C LYS A 71 -9.05 2.98 -6.56
N VAL A 72 -9.22 2.14 -5.54
CA VAL A 72 -8.12 1.82 -4.63
C VAL A 72 -7.75 0.34 -4.70
N CYS A 73 -6.45 0.07 -4.80
CA CYS A 73 -5.96 -1.30 -4.87
C CYS A 73 -5.19 -1.68 -3.61
N THR A 74 -5.16 -2.97 -3.31
CA THR A 74 -4.46 -3.46 -2.12
C THR A 74 -3.27 -4.32 -2.52
N SER A 75 -2.18 -4.20 -1.76
CA SER A 75 -0.97 -4.96 -2.04
C SER A 75 -0.14 -5.11 -0.77
N CYS A 76 0.81 -6.04 -0.80
CA CYS A 76 1.69 -6.29 0.35
C CYS A 76 3.14 -6.38 -0.09
N CYS A 77 4.01 -5.69 0.63
CA CYS A 77 5.43 -5.68 0.32
C CYS A 77 6.09 -7.00 0.74
N GLU A 78 7.32 -7.21 0.30
CA GLU A 78 8.06 -8.42 0.63
C GLU A 78 9.26 -8.11 1.51
N GLY A 79 9.77 -6.89 1.38
CA GLY A 79 10.93 -6.48 2.16
C GLY A 79 10.69 -5.19 2.93
N ASN A 80 11.64 -4.81 3.77
CA ASN A 80 11.54 -3.60 4.56
C ASN A 80 11.63 -2.37 3.68
N ILE A 81 11.59 -1.19 4.31
CA ILE A 81 11.69 0.07 3.57
C ILE A 81 10.96 -0.02 2.23
N CYS A 82 9.74 -0.53 2.26
CA CYS A 82 8.94 -0.67 1.05
C CYS A 82 8.02 0.53 0.86
N ASN A 83 8.36 1.64 1.51
CA ASN A 83 7.57 2.87 1.41
C ASN A 83 7.68 3.49 0.02
N LEU A 84 8.66 3.01 -0.75
CA LEU A 84 8.87 3.52 -2.09
C LEU A 84 7.59 3.44 -2.91
N PRO A 85 7.53 4.25 -3.99
CA PRO A 85 6.37 4.30 -4.88
C PRO A 85 6.21 3.03 -5.70
N LEU A 86 4.97 2.57 -5.86
CA LEU A 86 4.69 1.36 -6.62
C LEU A 86 3.92 1.70 -7.90
N PRO A 87 3.96 0.78 -8.87
CA PRO A 87 3.27 0.94 -10.15
C PRO A 87 1.75 0.87 -10.00
N ARG A 88 1.04 1.15 -11.09
CA ARG A 88 -0.42 1.12 -11.08
C ARG A 88 -0.94 0.23 -12.21
N ASN A 89 -1.41 -0.96 -11.85
CA ASN A 89 -1.95 -1.89 -12.83
C ASN A 89 -3.47 -1.97 -12.74
N GLU A 90 -4.12 -2.07 -13.90
CA GLU A 90 -5.57 -2.15 -13.96
C GLU A 90 -6.02 -3.47 -14.58
N THR A 91 -6.76 -4.27 -13.81
CA THR A 91 -7.25 -5.55 -14.28
C THR A 91 -8.62 -5.42 -14.91
N ASP A 92 -8.96 -6.35 -15.80
CA ASP A 92 -10.25 -6.33 -16.48
C ASP A 92 -11.33 -6.96 -15.61
N ALA A 93 -10.94 -7.99 -14.85
CA ALA A 93 -11.87 -8.68 -13.97
C ALA A 93 -13.00 -9.34 -14.78
N THR A 94 -12.63 -9.96 -15.89
CA THR A 94 -13.60 -10.63 -16.74
C THR A 94 -13.48 -12.14 -16.63
N PHE A 95 -14.62 -12.83 -16.72
CA PHE A 95 -14.65 -14.28 -16.61
C PHE A 95 -15.84 -14.85 -17.40
N ALA A 96 -15.88 -16.17 -17.50
CA ALA A 96 -16.96 -16.85 -18.20
C ALA A 96 -18.30 -16.58 -17.54
N MET A 1 13.97 -10.61 10.14
CA MET A 1 12.73 -9.84 10.20
C MET A 1 12.85 -8.57 9.35
N PHE A 2 11.74 -7.86 9.19
CA PHE A 2 11.72 -6.63 8.41
C PHE A 2 10.57 -5.73 8.85
N LYS A 3 10.64 -4.46 8.46
CA LYS A 3 9.61 -3.50 8.80
C LYS A 3 9.54 -2.37 7.76
N CYS A 4 8.34 -1.81 7.59
CA CYS A 4 8.13 -0.73 6.64
C CYS A 4 7.60 0.52 7.32
N PHE A 5 7.67 1.65 6.63
CA PHE A 5 7.19 2.91 7.18
C PHE A 5 5.67 2.91 7.27
N THR A 6 5.15 3.41 8.39
CA THR A 6 3.71 3.46 8.62
C THR A 6 3.12 4.78 8.11
N CYS A 7 2.68 4.77 6.85
CA CYS A 7 2.10 5.97 6.24
C CYS A 7 0.65 6.14 6.67
N GLU A 8 0.23 7.39 6.85
CA GLU A 8 -1.14 7.69 7.26
C GLU A 8 -1.63 8.97 6.59
N LYS A 9 -2.70 8.85 5.82
CA LYS A 9 -3.28 10.00 5.13
C LYS A 9 -2.21 10.76 4.36
N ALA A 10 -1.47 10.05 3.52
CA ALA A 10 -0.41 10.66 2.72
C ALA A 10 -0.83 10.79 1.26
N ALA A 11 -0.34 11.84 0.61
CA ALA A 11 -0.68 12.09 -0.79
C ALA A 11 0.17 11.21 -1.72
N ASP A 12 1.44 11.04 -1.36
CA ASP A 12 2.35 10.22 -2.16
C ASP A 12 3.48 9.68 -1.30
N ASN A 13 4.14 8.64 -1.79
CA ASN A 13 5.24 8.02 -1.06
C ASN A 13 6.39 9.01 -0.87
N TYR A 14 6.53 9.94 -1.80
CA TYR A 14 7.58 10.94 -1.74
C TYR A 14 7.54 11.69 -0.41
N GLU A 15 6.55 12.58 -0.27
CA GLU A 15 6.40 13.36 0.95
C GLU A 15 6.39 12.46 2.18
N CYS A 16 5.75 11.30 2.05
CA CYS A 16 5.66 10.34 3.14
C CYS A 16 7.06 9.91 3.61
N ASN A 17 7.97 9.76 2.66
CA ASN A 17 9.34 9.36 2.96
C ASN A 17 10.11 10.51 3.57
N ARG A 18 9.82 11.73 3.12
CA ARG A 18 10.50 12.92 3.62
C ARG A 18 10.24 13.09 5.11
N TRP A 19 9.05 12.72 5.56
CA TRP A 19 8.69 12.85 6.96
C TRP A 19 9.05 11.58 7.73
N ALA A 20 8.27 10.52 7.54
CA ALA A 20 8.53 9.25 8.22
C ALA A 20 8.69 9.46 9.72
N PRO A 21 7.58 9.70 10.42
CA PRO A 21 7.59 9.92 11.86
C PRO A 21 8.42 8.87 12.61
N ASP A 22 8.96 9.25 13.76
CA ASP A 22 9.77 8.35 14.56
C ASP A 22 8.90 7.40 15.36
N ILE A 23 8.09 6.60 14.65
CA ILE A 23 7.20 5.64 15.29
C ILE A 23 7.47 4.23 14.79
N TYR A 24 7.39 3.26 15.70
CA TYR A 24 7.63 1.87 15.36
C TYR A 24 6.31 1.14 15.13
N CYS A 25 6.29 0.24 14.15
CA CYS A 25 5.10 -0.54 13.83
C CYS A 25 4.58 -1.26 15.06
N PRO A 26 3.30 -1.66 15.01
CA PRO A 26 2.66 -2.38 16.13
C PRO A 26 3.18 -3.79 16.29
N ARG A 27 2.54 -4.56 17.16
CA ARG A 27 2.96 -5.94 17.41
C ARG A 27 2.15 -6.91 16.56
N GLU A 28 2.44 -8.20 16.72
CA GLU A 28 1.74 -9.24 15.96
C GLU A 28 1.76 -8.92 14.47
N THR A 29 2.87 -8.35 14.00
CA THR A 29 3.01 -7.99 12.60
C THR A 29 4.23 -8.66 11.98
N ARG A 30 4.11 -9.09 10.72
CA ARG A 30 5.20 -9.74 10.02
C ARG A 30 5.36 -9.17 8.61
N TYR A 31 4.25 -9.02 7.91
CA TYR A 31 4.27 -8.50 6.55
C TYR A 31 3.90 -7.02 6.54
N CYS A 32 3.91 -6.42 5.35
CA CYS A 32 3.59 -5.00 5.20
C CYS A 32 2.36 -4.82 4.32
N TYR A 33 1.44 -3.98 4.77
CA TYR A 33 0.21 -3.71 4.02
C TYR A 33 0.33 -2.43 3.21
N THR A 34 -0.12 -2.48 1.96
CA THR A 34 -0.05 -1.33 1.07
C THR A 34 -1.41 -1.05 0.44
N GLN A 35 -1.90 0.17 0.60
CA GLN A 35 -3.19 0.57 0.04
C GLN A 35 -3.12 1.96 -0.56
N HIS A 36 -3.16 2.04 -1.88
CA HIS A 36 -3.09 3.33 -2.58
C HIS A 36 -4.45 3.68 -3.17
N THR A 37 -4.97 4.84 -2.78
CA THR A 37 -6.26 5.30 -3.27
C THR A 37 -6.10 6.21 -4.48
N MET A 38 -6.61 5.76 -5.62
CA MET A 38 -6.52 6.54 -6.85
C MET A 38 -7.91 6.87 -7.39
N GLU A 39 -7.96 7.66 -8.45
CA GLU A 39 -9.22 8.05 -9.07
C GLU A 39 -9.62 7.08 -10.17
N VAL A 40 -10.91 7.02 -10.46
CA VAL A 40 -11.42 6.14 -11.51
C VAL A 40 -10.66 6.33 -12.81
N THR A 41 -10.23 7.55 -13.06
CA THR A 41 -9.48 7.87 -14.28
C THR A 41 -8.01 7.48 -14.14
N GLY A 42 -7.34 8.06 -13.14
CA GLY A 42 -5.94 7.76 -12.92
C GLY A 42 -5.31 8.68 -11.90
N ASN A 43 -5.83 9.90 -11.80
CA ASN A 43 -5.31 10.88 -10.86
C ASN A 43 -5.17 10.28 -9.46
N SER A 44 -4.18 10.75 -8.71
CA SER A 44 -3.94 10.26 -7.36
C SER A 44 -4.85 10.96 -6.35
N ILE A 45 -5.30 10.21 -5.35
CA ILE A 45 -6.17 10.75 -4.32
C ILE A 45 -5.51 10.69 -2.95
N SER A 46 -5.01 9.51 -2.59
CA SER A 46 -4.35 9.32 -1.30
C SER A 46 -3.66 7.97 -1.24
N VAL A 47 -2.97 7.70 -0.13
CA VAL A 47 -2.26 6.45 0.05
C VAL A 47 -2.04 6.16 1.53
N THR A 48 -2.08 4.86 1.89
CA THR A 48 -1.89 4.45 3.27
C THR A 48 -1.02 3.19 3.35
N LYS A 49 -0.18 3.13 4.37
CA LYS A 49 0.70 1.99 4.57
C LYS A 49 0.87 1.68 6.05
N ARG A 50 0.82 0.39 6.40
CA ARG A 50 0.97 -0.04 7.78
C ARG A 50 1.44 -1.48 7.85
N CYS A 51 1.92 -1.89 9.02
CA CYS A 51 2.41 -3.25 9.23
C CYS A 51 1.27 -4.19 9.60
N VAL A 52 1.26 -5.36 9.00
CA VAL A 52 0.23 -6.36 9.28
C VAL A 52 0.78 -7.78 9.19
N PRO A 53 0.14 -8.70 9.92
CA PRO A 53 0.56 -10.10 9.95
C PRO A 53 0.28 -10.82 8.63
N LEU A 54 0.88 -11.99 8.46
CA LEU A 54 0.69 -12.78 7.24
C LEU A 54 -0.79 -12.91 6.92
N GLU A 55 -1.62 -13.08 7.94
CA GLU A 55 -3.05 -13.22 7.76
C GLU A 55 -3.61 -12.07 6.93
N GLU A 56 -3.44 -10.85 7.44
CA GLU A 56 -3.94 -9.66 6.75
C GLU A 56 -3.41 -9.62 5.31
N CYS A 57 -2.23 -10.19 5.10
CA CYS A 57 -1.63 -10.20 3.77
C CYS A 57 -1.90 -11.53 3.07
N LEU A 58 -3.05 -12.13 3.37
CA LEU A 58 -3.44 -13.40 2.76
C LEU A 58 -4.10 -13.18 1.41
N SER A 59 -4.88 -12.11 1.31
CA SER A 59 -5.58 -11.79 0.06
C SER A 59 -5.28 -10.36 -0.37
N THR A 60 -4.31 -10.21 -1.27
CA THR A 60 -3.92 -8.89 -1.77
C THR A 60 -3.82 -8.90 -3.29
N GLY A 61 -3.70 -7.70 -3.87
CA GLY A 61 -3.59 -7.59 -5.31
C GLY A 61 -4.13 -6.27 -5.83
N CYS A 62 -3.62 -5.84 -6.97
CA CYS A 62 -4.06 -4.58 -7.58
C CYS A 62 -4.71 -4.83 -8.93
N ARG A 63 -5.91 -4.28 -9.12
CA ARG A 63 -6.65 -4.44 -10.36
C ARG A 63 -7.31 -3.14 -10.78
N ASP A 64 -8.20 -3.22 -11.76
CA ASP A 64 -8.90 -2.03 -12.26
C ASP A 64 -10.15 -1.75 -11.41
N SER A 65 -10.95 -0.79 -11.86
CA SER A 65 -12.17 -0.42 -11.14
C SER A 65 -13.35 -0.32 -12.10
N GLU A 66 -14.28 -1.27 -11.97
CA GLU A 66 -15.45 -1.29 -12.83
C GLU A 66 -16.16 0.05 -12.82
N HIS A 67 -16.81 0.37 -11.69
CA HIS A 67 -17.53 1.64 -11.56
C HIS A 67 -17.77 1.96 -10.09
N GLU A 68 -16.88 2.77 -9.51
CA GLU A 68 -17.00 3.15 -8.11
C GLU A 68 -16.45 4.56 -7.89
N GLY A 69 -16.58 5.05 -6.66
CA GLY A 69 -16.09 6.38 -6.34
C GLY A 69 -14.60 6.53 -6.62
N HIS A 70 -13.77 5.85 -5.83
CA HIS A 70 -12.33 5.92 -5.98
C HIS A 70 -11.75 4.53 -6.23
N LYS A 71 -10.77 4.46 -7.12
CA LYS A 71 -10.12 3.18 -7.43
C LYS A 71 -8.87 2.98 -6.58
N VAL A 72 -8.98 2.12 -5.58
CA VAL A 72 -7.86 1.83 -4.68
C VAL A 72 -7.44 0.38 -4.79
N CYS A 73 -6.13 0.15 -4.99
CA CYS A 73 -5.60 -1.19 -5.11
C CYS A 73 -4.86 -1.60 -3.84
N THR A 74 -4.88 -2.90 -3.54
CA THR A 74 -4.21 -3.41 -2.35
C THR A 74 -3.02 -4.28 -2.73
N SER A 75 -2.05 -4.38 -1.81
CA SER A 75 -0.86 -5.17 -2.04
C SER A 75 -0.10 -5.41 -0.74
N CYS A 76 0.95 -6.22 -0.81
CA CYS A 76 1.75 -6.54 0.36
C CYS A 76 3.23 -6.74 -0.03
N CYS A 77 4.12 -6.30 0.85
CA CYS A 77 5.56 -6.42 0.61
C CYS A 77 6.11 -7.68 1.27
N GLU A 78 7.41 -7.92 1.06
CA GLU A 78 8.05 -9.10 1.63
C GLU A 78 9.39 -8.72 2.26
N GLY A 79 9.68 -7.42 2.30
CA GLY A 79 10.93 -6.95 2.87
C GLY A 79 10.81 -5.58 3.50
N ASN A 80 11.86 -5.15 4.19
CA ASN A 80 11.86 -3.84 4.83
C ASN A 80 11.92 -2.72 3.81
N ILE A 81 11.77 -1.49 4.27
CA ILE A 81 11.81 -0.33 3.39
C ILE A 81 11.19 -0.64 2.03
N CYS A 82 9.93 -1.08 2.05
CA CYS A 82 9.22 -1.42 0.83
C CYS A 82 8.32 -0.26 0.38
N ASN A 83 8.58 0.93 0.92
CA ASN A 83 7.79 2.11 0.59
C ASN A 83 8.21 2.67 -0.77
N LEU A 84 7.38 2.44 -1.78
CA LEU A 84 7.66 2.93 -3.12
C LEU A 84 6.36 3.29 -3.85
N PRO A 85 6.49 4.14 -4.88
CA PRO A 85 5.34 4.59 -5.68
C PRO A 85 4.75 3.47 -6.53
N LEU A 86 3.43 3.39 -6.55
CA LEU A 86 2.74 2.36 -7.33
C LEU A 86 1.68 2.98 -8.23
N PRO A 87 2.13 3.62 -9.32
CA PRO A 87 1.22 4.28 -10.29
C PRO A 87 0.42 3.26 -11.10
N ARG A 88 -0.27 3.75 -12.11
CA ARG A 88 -1.09 2.89 -12.96
C ARG A 88 -0.28 1.71 -13.49
N ASN A 89 -0.62 0.51 -13.02
CA ASN A 89 0.08 -0.70 -13.44
C ASN A 89 -0.68 -1.42 -14.54
N GLU A 90 -2.01 -1.38 -14.46
CA GLU A 90 -2.85 -2.03 -15.45
C GLU A 90 -2.63 -3.54 -15.45
N THR A 91 -2.87 -4.17 -14.31
CA THR A 91 -2.69 -5.60 -14.17
C THR A 91 -4.03 -6.32 -14.11
N ASP A 92 -4.32 -7.12 -15.13
CA ASP A 92 -5.57 -7.85 -15.20
C ASP A 92 -5.39 -9.29 -14.69
N ALA A 93 -4.21 -9.85 -14.95
CA ALA A 93 -3.92 -11.21 -14.51
C ALA A 93 -4.18 -11.40 -13.03
N THR A 94 -3.92 -10.34 -12.25
CA THR A 94 -4.15 -10.38 -10.81
C THR A 94 -5.59 -10.72 -10.49
N PHE A 95 -5.79 -11.57 -9.48
CA PHE A 95 -7.12 -11.97 -9.07
C PHE A 95 -7.17 -12.24 -7.57
N ALA A 96 -8.38 -12.29 -7.01
CA ALA A 96 -8.56 -12.54 -5.59
C ALA A 96 -8.68 -14.02 -5.31
N MET A 1 13.69 -9.89 9.09
CA MET A 1 14.12 -8.61 9.66
C MET A 1 13.81 -7.46 8.72
N PHE A 2 12.62 -7.48 8.13
CA PHE A 2 12.19 -6.44 7.22
C PHE A 2 11.01 -5.66 7.79
N LYS A 3 11.02 -4.35 7.58
CA LYS A 3 9.95 -3.48 8.08
C LYS A 3 9.67 -2.35 7.11
N CYS A 4 8.53 -1.70 7.27
CA CYS A 4 8.15 -0.58 6.42
C CYS A 4 7.59 0.59 7.23
N PHE A 5 7.65 1.78 6.66
CA PHE A 5 7.16 2.98 7.34
C PHE A 5 5.64 2.94 7.45
N THR A 6 5.13 3.26 8.64
CA THR A 6 3.70 3.27 8.89
C THR A 6 3.10 4.63 8.59
N CYS A 7 2.76 4.85 7.32
CA CYS A 7 2.17 6.12 6.89
C CYS A 7 0.67 6.16 7.20
N GLU A 8 0.04 7.28 6.89
CA GLU A 8 -1.39 7.45 7.14
C GLU A 8 -1.89 8.76 6.55
N LYS A 9 -3.02 8.70 5.85
CA LYS A 9 -3.60 9.90 5.25
C LYS A 9 -2.56 10.67 4.46
N ALA A 10 -1.71 9.95 3.73
CA ALA A 10 -0.67 10.57 2.92
C ALA A 10 -1.22 11.01 1.57
N ALA A 11 -1.10 12.31 1.29
CA ALA A 11 -1.58 12.86 0.03
C ALA A 11 -0.82 12.29 -1.15
N ASP A 12 0.47 12.00 -0.94
CA ASP A 12 1.31 11.45 -1.99
C ASP A 12 2.47 10.66 -1.39
N ASN A 13 2.73 9.48 -1.97
CA ASN A 13 3.82 8.63 -1.49
C ASN A 13 5.13 9.41 -1.38
N TYR A 14 5.33 10.33 -2.32
CA TYR A 14 6.53 11.14 -2.34
C TYR A 14 6.66 11.97 -1.07
N GLU A 15 5.54 12.54 -0.62
CA GLU A 15 5.52 13.36 0.58
C GLU A 15 5.92 12.53 1.80
N CYS A 16 5.16 11.47 2.06
CA CYS A 16 5.43 10.59 3.19
C CYS A 16 6.89 10.14 3.19
N ASN A 17 7.42 9.86 2.02
CA ASN A 17 8.80 9.42 1.89
C ASN A 17 9.77 10.56 2.17
N ARG A 18 9.43 11.74 1.69
CA ARG A 18 10.28 12.92 1.90
C ARG A 18 10.55 13.13 3.38
N TRP A 19 9.57 12.81 4.22
CA TRP A 19 9.71 12.96 5.66
C TRP A 19 10.28 11.69 6.29
N ALA A 20 9.45 10.67 6.40
CA ALA A 20 9.87 9.40 6.98
C ALA A 20 10.39 9.59 8.41
N PRO A 21 9.45 9.81 9.36
CA PRO A 21 9.79 10.01 10.77
C PRO A 21 10.36 8.75 11.41
N ASP A 22 11.04 8.93 12.54
CA ASP A 22 11.63 7.81 13.25
C ASP A 22 10.57 7.07 14.08
N ILE A 23 9.84 6.18 13.42
CA ILE A 23 8.80 5.41 14.07
C ILE A 23 8.99 3.91 13.83
N TYR A 24 8.08 3.12 14.40
CA TYR A 24 8.14 1.66 14.25
C TYR A 24 6.76 1.08 14.06
N CYS A 25 6.69 -0.08 13.40
CA CYS A 25 5.42 -0.75 13.14
C CYS A 25 4.89 -1.41 14.42
N PRO A 26 3.59 -1.71 14.44
CA PRO A 26 2.93 -2.34 15.58
C PRO A 26 3.36 -3.80 15.75
N ARG A 27 2.70 -4.50 16.67
CA ARG A 27 3.01 -5.90 16.92
C ARG A 27 2.14 -6.81 16.07
N GLU A 28 2.33 -8.12 16.24
CA GLU A 28 1.57 -9.10 15.47
C GLU A 28 1.63 -8.81 13.98
N THR A 29 2.79 -8.33 13.52
CA THR A 29 2.98 -8.01 12.12
C THR A 29 4.06 -8.89 11.49
N ARG A 30 3.83 -9.28 10.24
CA ARG A 30 4.78 -10.13 9.53
C ARG A 30 5.07 -9.57 8.14
N TYR A 31 4.01 -9.23 7.42
CA TYR A 31 4.15 -8.69 6.07
C TYR A 31 3.96 -7.18 6.07
N CYS A 32 4.20 -6.55 4.92
CA CYS A 32 4.06 -5.10 4.78
C CYS A 32 2.78 -4.75 4.05
N TYR A 33 1.85 -4.11 4.76
CA TYR A 33 0.58 -3.73 4.17
C TYR A 33 0.69 -2.39 3.45
N THR A 34 0.23 -2.35 2.20
CA THR A 34 0.29 -1.14 1.40
C THR A 34 -1.03 -0.91 0.67
N GLN A 35 -1.61 0.28 0.87
CA GLN A 35 -2.87 0.62 0.23
C GLN A 35 -2.76 1.96 -0.49
N HIS A 36 -3.29 2.02 -1.71
CA HIS A 36 -3.25 3.24 -2.50
C HIS A 36 -4.66 3.63 -2.97
N THR A 37 -4.96 4.92 -2.88
CA THR A 37 -6.27 5.42 -3.29
C THR A 37 -6.15 6.41 -4.43
N MET A 38 -6.68 6.04 -5.59
CA MET A 38 -6.63 6.90 -6.77
C MET A 38 -8.02 7.06 -7.39
N GLU A 39 -8.11 7.92 -8.40
CA GLU A 39 -9.37 8.17 -9.07
C GLU A 39 -9.60 7.17 -10.20
N VAL A 40 -10.86 6.90 -10.52
CA VAL A 40 -11.20 5.96 -11.59
C VAL A 40 -10.55 6.38 -12.91
N THR A 41 -10.57 7.68 -13.18
CA THR A 41 -9.99 8.20 -14.41
C THR A 41 -9.49 9.63 -14.21
N GLY A 42 -8.64 9.82 -13.20
CA GLY A 42 -8.11 11.14 -12.93
C GLY A 42 -6.66 11.10 -12.50
N ASN A 43 -6.42 11.26 -11.20
CA ASN A 43 -5.07 11.23 -10.66
C ASN A 43 -5.06 10.66 -9.24
N SER A 44 -3.87 10.59 -8.64
CA SER A 44 -3.73 10.06 -7.29
C SER A 44 -4.52 10.89 -6.29
N ILE A 45 -5.25 10.20 -5.41
CA ILE A 45 -6.04 10.88 -4.40
C ILE A 45 -5.38 10.82 -3.03
N SER A 46 -4.94 9.62 -2.65
CA SER A 46 -4.28 9.43 -1.36
C SER A 46 -3.62 8.05 -1.29
N VAL A 47 -2.90 7.81 -0.19
CA VAL A 47 -2.23 6.53 0.00
C VAL A 47 -1.95 6.27 1.47
N THR A 48 -1.98 5.00 1.86
CA THR A 48 -1.73 4.62 3.24
C THR A 48 -0.78 3.43 3.32
N LYS A 49 0.08 3.43 4.33
CA LYS A 49 1.04 2.35 4.52
C LYS A 49 1.07 1.90 5.98
N ARG A 50 1.10 0.59 6.19
CA ARG A 50 1.12 0.02 7.53
C ARG A 50 1.63 -1.42 7.51
N CYS A 51 1.79 -2.00 8.69
CA CYS A 51 2.27 -3.37 8.81
C CYS A 51 1.17 -4.29 9.31
N VAL A 52 1.05 -5.46 8.71
CA VAL A 52 0.05 -6.45 9.10
C VAL A 52 0.56 -7.87 8.92
N PRO A 53 0.01 -8.80 9.72
CA PRO A 53 0.39 -10.21 9.67
C PRO A 53 -0.09 -10.89 8.39
N LEU A 54 0.16 -12.19 8.30
CA LEU A 54 -0.25 -12.97 7.13
C LEU A 54 -1.76 -12.94 6.96
N GLU A 55 -2.47 -12.96 8.08
CA GLU A 55 -3.94 -12.94 8.05
C GLU A 55 -4.45 -11.80 7.18
N GLU A 56 -4.01 -10.58 7.47
CA GLU A 56 -4.42 -9.42 6.71
C GLU A 56 -3.84 -9.45 5.30
N CYS A 57 -2.73 -10.15 5.14
CA CYS A 57 -2.07 -10.26 3.85
C CYS A 57 -2.43 -11.58 3.17
N LEU A 58 -3.57 -12.14 3.55
CA LEU A 58 -4.03 -13.40 2.97
C LEU A 58 -4.54 -13.21 1.55
N SER A 59 -5.18 -12.06 1.31
CA SER A 59 -5.72 -11.76 -0.01
C SER A 59 -5.31 -10.34 -0.44
N THR A 60 -4.42 -10.28 -1.44
CA THR A 60 -3.95 -9.00 -1.94
C THR A 60 -4.42 -8.76 -3.38
N GLY A 61 -4.09 -7.60 -3.92
CA GLY A 61 -4.48 -7.28 -5.28
C GLY A 61 -5.43 -6.09 -5.35
N CYS A 62 -5.97 -5.84 -6.54
CA CYS A 62 -6.89 -4.73 -6.73
C CYS A 62 -8.22 -5.23 -7.29
N ARG A 63 -9.32 -4.78 -6.68
CA ARG A 63 -10.65 -5.18 -7.11
C ARG A 63 -11.02 -4.50 -8.42
N ASP A 64 -12.22 -4.80 -8.92
CA ASP A 64 -12.70 -4.21 -10.16
C ASP A 64 -13.34 -2.85 -9.92
N SER A 65 -13.50 -2.08 -10.98
CA SER A 65 -14.11 -0.74 -10.88
C SER A 65 -15.36 -0.64 -11.74
N GLU A 66 -16.47 -1.16 -11.21
CA GLU A 66 -17.74 -1.12 -11.93
C GLU A 66 -18.36 0.26 -11.86
N HIS A 67 -18.80 0.66 -10.67
CA HIS A 67 -19.41 1.96 -10.48
C HIS A 67 -18.37 3.07 -10.48
N GLU A 68 -18.76 4.25 -10.95
CA GLU A 68 -17.85 5.39 -11.01
C GLU A 68 -17.45 5.85 -9.60
N GLY A 69 -16.37 5.28 -9.10
CA GLY A 69 -15.90 5.63 -7.77
C GLY A 69 -14.42 5.99 -7.75
N HIS A 70 -13.64 5.20 -7.02
CA HIS A 70 -12.20 5.43 -6.93
C HIS A 70 -11.43 4.13 -7.07
N LYS A 71 -10.30 4.18 -7.80
CA LYS A 71 -9.47 3.00 -8.00
C LYS A 71 -8.52 2.80 -6.83
N VAL A 72 -9.00 2.14 -5.79
CA VAL A 72 -8.19 1.87 -4.62
C VAL A 72 -8.07 0.37 -4.35
N CYS A 73 -6.87 -0.07 -3.98
CA CYS A 73 -6.62 -1.47 -3.71
C CYS A 73 -5.58 -1.64 -2.61
N THR A 74 -5.22 -2.88 -2.31
CA THR A 74 -4.23 -3.17 -1.28
C THR A 74 -3.28 -4.28 -1.72
N SER A 75 -1.98 -4.03 -1.57
CA SER A 75 -0.97 -5.01 -1.97
C SER A 75 0.08 -5.17 -0.87
N CYS A 76 0.57 -6.39 -0.70
CA CYS A 76 1.59 -6.68 0.31
C CYS A 76 2.97 -6.75 -0.32
N CYS A 77 3.94 -6.11 0.33
CA CYS A 77 5.31 -6.09 -0.15
C CYS A 77 6.04 -7.37 0.25
N GLU A 78 7.29 -7.50 -0.20
CA GLU A 78 8.10 -8.66 0.12
C GLU A 78 9.32 -8.29 0.94
N GLY A 79 9.81 -7.07 0.74
CA GLY A 79 10.96 -6.60 1.48
C GLY A 79 10.71 -5.28 2.20
N ASN A 80 11.69 -4.84 2.98
CA ASN A 80 11.56 -3.60 3.73
C ASN A 80 11.57 -2.39 2.80
N ILE A 81 11.53 -1.19 3.38
CA ILE A 81 11.54 0.03 2.59
C ILE A 81 10.72 -0.12 1.32
N CYS A 82 9.55 -0.74 1.44
CA CYS A 82 8.68 -0.95 0.29
C CYS A 82 7.65 0.17 0.17
N ASN A 83 8.00 1.33 0.73
CA ASN A 83 7.12 2.50 0.69
C ASN A 83 7.00 3.04 -0.73
N LEU A 84 7.89 2.58 -1.60
CA LEU A 84 7.90 3.02 -2.99
C LEU A 84 6.53 2.82 -3.63
N PRO A 85 6.27 3.56 -4.72
CA PRO A 85 5.00 3.49 -5.45
C PRO A 85 4.82 2.15 -6.18
N LEU A 86 3.57 1.81 -6.47
CA LEU A 86 3.27 0.56 -7.16
C LEU A 86 2.53 0.83 -8.46
N PRO A 87 2.64 -0.11 -9.41
CA PRO A 87 1.99 0.00 -10.72
C PRO A 87 0.48 -0.14 -10.63
N ARG A 88 -0.21 0.20 -11.72
CA ARG A 88 -1.67 0.11 -11.76
C ARG A 88 -2.12 -1.19 -12.42
N ASN A 89 -2.85 -2.00 -11.67
CA ASN A 89 -3.34 -3.28 -12.18
C ASN A 89 -4.63 -3.70 -11.47
N GLU A 90 -5.40 -4.56 -12.12
CA GLU A 90 -6.66 -5.03 -11.54
C GLU A 90 -6.84 -6.53 -11.80
N THR A 91 -7.66 -7.17 -10.97
CA THR A 91 -7.91 -8.60 -11.12
C THR A 91 -9.42 -8.89 -11.10
N ASP A 92 -9.87 -9.70 -12.04
CA ASP A 92 -11.27 -10.07 -12.14
C ASP A 92 -11.66 -11.06 -11.05
N ALA A 93 -12.92 -11.04 -10.64
CA ALA A 93 -13.40 -11.94 -9.61
C ALA A 93 -13.39 -13.38 -10.09
N THR A 94 -12.68 -14.24 -9.37
CA THR A 94 -12.58 -15.65 -9.73
C THR A 94 -13.77 -16.44 -9.19
N PHE A 95 -14.67 -16.83 -10.07
CA PHE A 95 -15.85 -17.59 -9.68
C PHE A 95 -15.46 -18.92 -9.06
N ALA A 96 -16.32 -19.44 -8.19
CA ALA A 96 -16.06 -20.71 -7.52
C ALA A 96 -17.37 -21.37 -7.09
N MET A 1 12.45 -10.43 10.29
CA MET A 1 12.91 -9.29 11.07
C MET A 1 12.91 -8.02 10.23
N PHE A 2 11.77 -7.75 9.58
CA PHE A 2 11.63 -6.57 8.74
C PHE A 2 10.38 -5.78 9.13
N LYS A 3 10.41 -4.47 8.88
CA LYS A 3 9.29 -3.61 9.20
C LYS A 3 9.24 -2.42 8.24
N CYS A 4 8.09 -1.74 8.21
CA CYS A 4 7.91 -0.59 7.35
C CYS A 4 7.24 0.56 8.10
N PHE A 5 7.30 1.76 7.53
CA PHE A 5 6.69 2.93 8.15
C PHE A 5 5.18 2.93 7.95
N THR A 6 4.45 3.40 8.97
CA THR A 6 3.01 3.44 8.91
C THR A 6 2.51 4.75 8.32
N CYS A 7 2.31 4.77 7.01
CA CYS A 7 1.84 5.97 6.32
C CYS A 7 0.33 6.12 6.46
N GLU A 8 -0.08 7.16 7.18
CA GLU A 8 -1.51 7.41 7.39
C GLU A 8 -2.00 8.51 6.45
N LYS A 9 -2.81 8.12 5.47
CA LYS A 9 -3.36 9.06 4.50
C LYS A 9 -2.25 9.89 3.87
N ALA A 10 -1.19 9.22 3.42
CA ALA A 10 -0.06 9.90 2.79
C ALA A 10 -0.42 10.33 1.37
N ALA A 11 0.06 11.51 0.99
CA ALA A 11 -0.20 12.05 -0.34
C ALA A 11 0.54 11.25 -1.41
N ASP A 12 1.72 10.77 -1.07
CA ASP A 12 2.52 9.99 -2.01
C ASP A 12 3.64 9.24 -1.27
N ASN A 13 4.14 8.18 -1.89
CA ASN A 13 5.20 7.38 -1.31
C ASN A 13 6.41 8.25 -0.96
N TYR A 14 6.67 9.25 -1.79
CA TYR A 14 7.79 10.15 -1.58
C TYR A 14 7.59 11.00 -0.32
N GLU A 15 6.34 11.37 -0.07
CA GLU A 15 6.01 12.18 1.10
C GLU A 15 6.32 11.43 2.39
N CYS A 16 5.78 10.22 2.51
CA CYS A 16 6.00 9.41 3.69
C CYS A 16 7.48 9.22 3.96
N ASN A 17 8.25 8.97 2.90
CA ASN A 17 9.69 8.78 3.02
C ASN A 17 10.38 10.09 3.43
N ARG A 18 9.89 11.20 2.90
CA ARG A 18 10.46 12.51 3.21
C ARG A 18 10.54 12.72 4.72
N TRP A 19 9.42 12.50 5.40
CA TRP A 19 9.36 12.67 6.85
C TRP A 19 9.67 11.37 7.57
N ALA A 20 8.73 10.43 7.50
CA ALA A 20 8.91 9.13 8.14
C ALA A 20 9.22 9.29 9.63
N PRO A 21 8.18 9.65 10.41
CA PRO A 21 8.31 9.84 11.86
C PRO A 21 8.80 8.58 12.57
N ASP A 22 9.50 8.77 13.67
CA ASP A 22 10.03 7.65 14.44
C ASP A 22 8.89 6.88 15.11
N ILE A 23 8.40 5.85 14.43
CA ILE A 23 7.32 5.03 14.96
C ILE A 23 7.71 3.55 15.01
N TYR A 24 6.81 2.73 15.51
CA TYR A 24 7.06 1.29 15.62
C TYR A 24 5.81 0.48 15.27
N CYS A 25 6.01 -0.68 14.65
CA CYS A 25 4.91 -1.53 14.27
C CYS A 25 4.30 -2.23 15.49
N PRO A 26 3.03 -2.61 15.37
CA PRO A 26 2.31 -3.30 16.46
C PRO A 26 2.82 -4.71 16.69
N ARG A 27 2.10 -5.47 17.52
CA ARG A 27 2.48 -6.84 17.82
C ARG A 27 1.96 -7.79 16.76
N GLU A 28 2.59 -8.96 16.66
CA GLU A 28 2.19 -9.97 15.68
C GLU A 28 2.11 -9.36 14.29
N THR A 29 3.21 -8.76 13.84
CA THR A 29 3.26 -8.14 12.53
C THR A 29 4.67 -8.20 11.94
N ARG A 30 4.77 -8.64 10.69
CA ARG A 30 6.05 -8.75 10.02
C ARG A 30 6.00 -8.12 8.63
N TYR A 31 4.87 -8.29 7.96
CA TYR A 31 4.69 -7.74 6.61
C TYR A 31 4.06 -6.35 6.68
N CYS A 32 3.88 -5.74 5.51
CA CYS A 32 3.28 -4.41 5.43
C CYS A 32 2.39 -4.28 4.19
N TYR A 33 1.20 -3.74 4.38
CA TYR A 33 0.26 -3.57 3.28
C TYR A 33 0.34 -2.16 2.72
N THR A 34 0.02 -2.03 1.43
CA THR A 34 0.06 -0.72 0.77
C THR A 34 -1.25 -0.45 0.04
N GLN A 35 -2.15 0.29 0.71
CA GLN A 35 -3.44 0.62 0.13
C GLN A 35 -3.33 1.91 -0.70
N HIS A 36 -3.15 1.75 -2.01
CA HIS A 36 -3.04 2.89 -2.90
C HIS A 36 -4.42 3.39 -3.32
N THR A 37 -4.75 4.63 -2.96
CA THR A 37 -6.03 5.21 -3.29
C THR A 37 -5.88 6.29 -4.37
N MET A 38 -6.56 6.08 -5.50
CA MET A 38 -6.49 7.03 -6.61
C MET A 38 -7.89 7.33 -7.14
N GLU A 39 -7.97 8.24 -8.11
CA GLU A 39 -9.24 8.61 -8.70
C GLU A 39 -9.69 7.59 -9.74
N VAL A 40 -10.90 7.74 -10.25
CA VAL A 40 -11.45 6.84 -11.25
C VAL A 40 -10.67 6.94 -12.56
N THR A 41 -10.25 8.15 -12.90
CA THR A 41 -9.50 8.38 -14.13
C THR A 41 -8.59 9.60 -14.00
N GLY A 42 -7.67 9.56 -13.05
CA GLY A 42 -6.76 10.66 -12.84
C GLY A 42 -5.39 10.22 -12.39
N ASN A 43 -5.09 10.40 -11.11
CA ASN A 43 -3.80 10.01 -10.56
C ASN A 43 -3.93 9.62 -9.08
N SER A 44 -2.80 9.30 -8.46
CA SER A 44 -2.79 8.92 -7.05
C SER A 44 -3.25 10.07 -6.16
N ILE A 45 -4.26 9.80 -5.34
CA ILE A 45 -4.79 10.82 -4.44
C ILE A 45 -4.28 10.62 -3.01
N SER A 46 -4.15 9.36 -2.62
CA SER A 46 -3.67 9.03 -1.28
C SER A 46 -3.18 7.59 -1.21
N VAL A 47 -2.55 7.22 -0.10
CA VAL A 47 -2.03 5.87 0.09
C VAL A 47 -1.88 5.55 1.57
N THR A 48 -2.48 4.44 1.99
CA THR A 48 -2.41 4.02 3.39
C THR A 48 -1.48 2.82 3.55
N LYS A 49 -0.44 3.00 4.37
CA LYS A 49 0.53 1.93 4.60
C LYS A 49 0.60 1.60 6.10
N ARG A 50 0.75 0.30 6.39
CA ARG A 50 0.83 -0.15 7.78
C ARG A 50 1.48 -1.54 7.85
N CYS A 51 1.71 -2.00 9.08
CA CYS A 51 2.33 -3.30 9.29
C CYS A 51 1.27 -4.36 9.60
N VAL A 52 1.30 -5.46 8.85
CA VAL A 52 0.34 -6.54 9.04
C VAL A 52 1.05 -7.89 9.10
N PRO A 53 0.40 -8.87 9.75
CA PRO A 53 0.95 -10.23 9.89
C PRO A 53 0.97 -10.99 8.57
N LEU A 54 1.79 -12.02 8.50
CA LEU A 54 1.91 -12.84 7.29
C LEU A 54 0.54 -13.29 6.81
N GLU A 55 -0.34 -13.61 7.76
CA GLU A 55 -1.68 -14.06 7.42
C GLU A 55 -2.40 -13.03 6.55
N GLU A 56 -2.33 -11.77 6.96
CA GLU A 56 -2.97 -10.69 6.22
C GLU A 56 -2.30 -10.49 4.87
N CYS A 57 -1.03 -10.83 4.78
CA CYS A 57 -0.27 -10.69 3.55
C CYS A 57 0.01 -12.05 2.92
N LEU A 58 -0.90 -12.99 3.13
CA LEU A 58 -0.76 -14.34 2.58
C LEU A 58 -0.92 -14.32 1.07
N SER A 59 -1.70 -13.37 0.57
CA SER A 59 -1.94 -13.25 -0.86
C SER A 59 -2.48 -11.87 -1.21
N THR A 60 -1.63 -11.03 -1.79
CA THR A 60 -2.01 -9.68 -2.17
C THR A 60 -3.32 -9.69 -2.95
N GLY A 61 -3.98 -8.52 -3.00
CA GLY A 61 -5.24 -8.41 -3.72
C GLY A 61 -5.49 -7.01 -4.25
N CYS A 62 -5.18 -6.80 -5.52
CA CYS A 62 -5.37 -5.49 -6.15
C CYS A 62 -6.30 -5.60 -7.36
N ARG A 63 -7.53 -5.14 -7.20
CA ARG A 63 -8.51 -5.18 -8.27
C ARG A 63 -9.72 -4.30 -7.94
N ASP A 64 -10.72 -4.33 -8.82
CA ASP A 64 -11.93 -3.54 -8.62
C ASP A 64 -12.56 -3.84 -7.26
N SER A 65 -13.20 -2.83 -6.68
CA SER A 65 -13.84 -2.99 -5.38
C SER A 65 -15.31 -2.57 -5.45
N GLU A 66 -16.04 -2.82 -4.37
CA GLU A 66 -17.46 -2.47 -4.30
C GLU A 66 -17.66 -1.12 -3.62
N HIS A 67 -16.81 -0.16 -3.97
CA HIS A 67 -16.89 1.18 -3.39
C HIS A 67 -17.77 2.07 -4.25
N GLU A 68 -17.78 1.82 -5.56
CA GLU A 68 -18.59 2.61 -6.48
C GLU A 68 -18.10 4.05 -6.52
N GLY A 69 -16.78 4.23 -6.53
CA GLY A 69 -16.22 5.56 -6.57
C GLY A 69 -14.75 5.55 -6.92
N HIS A 70 -13.92 6.13 -6.05
CA HIS A 70 -12.48 6.18 -6.28
C HIS A 70 -11.90 4.78 -6.42
N LYS A 71 -10.82 4.67 -7.18
CA LYS A 71 -10.16 3.38 -7.40
C LYS A 71 -9.04 3.18 -6.41
N VAL A 72 -9.07 2.05 -5.70
CA VAL A 72 -8.04 1.73 -4.72
C VAL A 72 -7.80 0.23 -4.65
N CYS A 73 -6.53 -0.16 -4.57
CA CYS A 73 -6.16 -1.56 -4.50
C CYS A 73 -5.32 -1.84 -3.26
N THR A 74 -5.37 -3.09 -2.78
CA THR A 74 -4.62 -3.48 -1.60
C THR A 74 -3.45 -4.38 -1.97
N SER A 75 -2.24 -3.95 -1.63
CA SER A 75 -1.03 -4.71 -1.93
C SER A 75 -0.23 -4.99 -0.66
N CYS A 76 0.86 -5.73 -0.80
CA CYS A 76 1.71 -6.06 0.33
C CYS A 76 3.19 -5.91 -0.04
N CYS A 77 4.06 -6.08 0.95
CA CYS A 77 5.50 -5.96 0.73
C CYS A 77 6.19 -7.29 1.01
N GLU A 78 7.49 -7.35 0.70
CA GLU A 78 8.26 -8.56 0.93
C GLU A 78 9.56 -8.25 1.66
N GLY A 79 9.71 -7.00 2.09
CA GLY A 79 10.91 -6.60 2.80
C GLY A 79 10.71 -5.31 3.58
N ASN A 80 11.69 -4.96 4.41
CA ASN A 80 11.63 -3.75 5.20
C ASN A 80 11.75 -2.51 4.32
N ILE A 81 11.62 -1.34 4.94
CA ILE A 81 11.72 -0.08 4.20
C ILE A 81 11.12 -0.19 2.82
N CYS A 82 9.91 -0.74 2.75
CA CYS A 82 9.21 -0.91 1.48
C CYS A 82 8.26 0.26 1.22
N ASN A 83 8.56 1.40 1.83
CA ASN A 83 7.74 2.59 1.66
C ASN A 83 7.98 3.22 0.30
N LEU A 84 8.96 2.70 -0.43
CA LEU A 84 9.29 3.21 -1.76
C LEU A 84 8.06 3.22 -2.66
N PRO A 85 8.11 4.03 -3.72
CA PRO A 85 7.01 4.15 -4.68
C PRO A 85 6.84 2.89 -5.53
N LEU A 86 5.60 2.47 -5.74
CA LEU A 86 5.32 1.29 -6.54
C LEU A 86 4.96 1.66 -7.97
N PRO A 87 5.21 0.73 -8.90
CA PRO A 87 4.92 0.94 -10.33
C PRO A 87 3.43 0.99 -10.62
N ARG A 88 3.08 1.20 -11.89
CA ARG A 88 1.68 1.26 -12.29
C ARG A 88 1.12 -0.13 -12.53
N ASN A 89 1.18 -0.98 -11.50
CA ASN A 89 0.67 -2.34 -11.60
C ASN A 89 -0.68 -2.48 -10.92
N GLU A 90 -1.75 -2.43 -11.70
CA GLU A 90 -3.10 -2.55 -11.16
C GLU A 90 -3.88 -3.63 -11.89
N THR A 91 -4.44 -4.57 -11.13
CA THR A 91 -5.21 -5.67 -11.71
C THR A 91 -4.44 -6.36 -12.83
N ASP A 92 -3.19 -6.71 -12.54
CA ASP A 92 -2.35 -7.39 -13.52
C ASP A 92 -2.21 -8.87 -13.19
N ALA A 93 -3.30 -9.48 -12.76
CA ALA A 93 -3.30 -10.90 -12.40
C ALA A 93 -4.72 -11.39 -12.14
N THR A 94 -4.96 -12.67 -12.44
CA THR A 94 -6.27 -13.27 -12.24
C THR A 94 -6.35 -13.96 -10.87
N PHE A 95 -7.45 -13.73 -10.17
CA PHE A 95 -7.65 -14.32 -8.85
C PHE A 95 -7.99 -15.80 -8.97
N ALA A 96 -8.14 -16.46 -7.82
CA ALA A 96 -8.47 -17.88 -7.80
C ALA A 96 -9.61 -18.15 -6.83
N MET A 1 10.99 -9.76 11.56
CA MET A 1 12.21 -8.99 11.53
C MET A 1 12.05 -7.74 10.66
N PHE A 2 11.62 -7.95 9.42
CA PHE A 2 11.42 -6.83 8.49
C PHE A 2 10.30 -5.92 8.97
N LYS A 3 10.51 -4.61 8.82
CA LYS A 3 9.51 -3.63 9.24
C LYS A 3 9.42 -2.49 8.23
N CYS A 4 8.23 -1.90 8.12
CA CYS A 4 8.01 -0.79 7.19
C CYS A 4 7.37 0.40 7.91
N PHE A 5 7.50 1.58 7.31
CA PHE A 5 6.95 2.79 7.88
C PHE A 5 5.42 2.78 7.82
N THR A 6 4.79 3.23 8.89
CA THR A 6 3.33 3.27 8.95
C THR A 6 2.79 4.60 8.42
N CYS A 7 2.52 4.63 7.12
CA CYS A 7 2.00 5.84 6.49
C CYS A 7 0.49 5.97 6.72
N GLU A 8 -0.04 7.17 6.48
CA GLU A 8 -1.47 7.43 6.67
C GLU A 8 -1.85 8.78 6.08
N LYS A 9 -2.95 8.80 5.33
CA LYS A 9 -3.44 10.02 4.71
C LYS A 9 -2.32 10.72 3.94
N ALA A 10 -1.43 9.93 3.34
CA ALA A 10 -0.32 10.46 2.56
C ALA A 10 -0.72 10.68 1.11
N ALA A 11 -0.27 11.79 0.54
CA ALA A 11 -0.58 12.12 -0.85
C ALA A 11 0.26 11.29 -1.81
N ASP A 12 1.50 11.01 -1.41
CA ASP A 12 2.41 10.22 -2.24
C ASP A 12 3.53 9.62 -1.39
N ASN A 13 4.15 8.56 -1.89
CA ASN A 13 5.24 7.90 -1.19
C ASN A 13 6.32 8.89 -0.82
N TYR A 14 6.56 9.85 -1.69
CA TYR A 14 7.58 10.86 -1.45
C TYR A 14 7.25 11.71 -0.22
N GLU A 15 5.97 12.05 -0.08
CA GLU A 15 5.52 12.85 1.06
C GLU A 15 5.81 12.15 2.37
N CYS A 16 5.37 10.89 2.48
CA CYS A 16 5.58 10.11 3.69
C CYS A 16 7.05 10.12 4.09
N ASN A 17 7.93 9.87 3.12
CA ASN A 17 9.37 9.85 3.38
C ASN A 17 9.88 11.25 3.72
N ARG A 18 9.34 12.25 3.03
CA ARG A 18 9.74 13.63 3.27
C ARG A 18 9.64 13.99 4.75
N TRP A 19 8.65 13.43 5.42
CA TRP A 19 8.44 13.68 6.84
C TRP A 19 9.21 12.67 7.70
N ALA A 20 9.15 11.40 7.29
CA ALA A 20 9.85 10.35 8.02
C ALA A 20 9.51 10.39 9.50
N PRO A 21 8.30 9.95 9.85
CA PRO A 21 7.83 9.93 11.25
C PRO A 21 8.61 8.93 12.10
N ASP A 22 9.22 9.42 13.17
CA ASP A 22 9.99 8.57 14.07
C ASP A 22 9.07 7.73 14.95
N ILE A 23 8.44 6.73 14.36
CA ILE A 23 7.53 5.86 15.08
C ILE A 23 7.95 4.40 14.94
N TYR A 24 7.15 3.51 15.52
CA TYR A 24 7.43 2.08 15.46
C TYR A 24 6.15 1.28 15.23
N CYS A 25 6.27 0.20 14.45
CA CYS A 25 5.13 -0.65 14.15
C CYS A 25 4.77 -1.52 15.36
N PRO A 26 3.54 -2.03 15.37
CA PRO A 26 3.04 -2.89 16.45
C PRO A 26 3.71 -4.26 16.46
N ARG A 27 3.19 -5.16 17.29
CA ARG A 27 3.75 -6.51 17.39
C ARG A 27 2.93 -7.49 16.56
N GLU A 28 3.30 -8.77 16.64
CA GLU A 28 2.60 -9.81 15.89
C GLU A 28 2.50 -9.44 14.41
N THR A 29 3.55 -8.82 13.89
CA THR A 29 3.58 -8.41 12.49
C THR A 29 4.69 -9.14 11.73
N ARG A 30 4.45 -9.40 10.45
CA ARG A 30 5.43 -10.08 9.62
C ARG A 30 5.56 -9.40 8.26
N TYR A 31 4.42 -9.13 7.63
CA TYR A 31 4.42 -8.48 6.33
C TYR A 31 4.05 -7.01 6.45
N CYS A 32 3.94 -6.33 5.31
CA CYS A 32 3.60 -4.91 5.29
C CYS A 32 2.40 -4.65 4.39
N TYR A 33 1.35 -4.07 4.96
CA TYR A 33 0.14 -3.77 4.20
C TYR A 33 0.27 -2.42 3.48
N THR A 34 -0.35 -2.34 2.31
CA THR A 34 -0.30 -1.10 1.52
C THR A 34 -1.64 -0.84 0.85
N GLN A 35 -2.01 0.44 0.76
CA GLN A 35 -3.27 0.82 0.14
C GLN A 35 -3.12 2.14 -0.62
N HIS A 36 -3.31 2.10 -1.93
CA HIS A 36 -3.21 3.28 -2.76
C HIS A 36 -4.56 3.67 -3.35
N THR A 37 -5.08 4.81 -2.92
CA THR A 37 -6.37 5.29 -3.40
C THR A 37 -6.21 6.18 -4.63
N MET A 38 -6.75 5.73 -5.75
CA MET A 38 -6.66 6.49 -7.01
C MET A 38 -8.04 6.90 -7.48
N GLU A 39 -8.08 7.66 -8.57
CA GLU A 39 -9.35 8.12 -9.13
C GLU A 39 -9.56 7.55 -10.53
N VAL A 40 -10.66 7.94 -11.16
CA VAL A 40 -10.99 7.46 -12.50
C VAL A 40 -9.83 7.68 -13.46
N THR A 41 -9.08 8.77 -13.24
CA THR A 41 -7.94 9.09 -14.08
C THR A 41 -6.81 8.10 -13.87
N GLY A 42 -6.68 7.60 -12.64
CA GLY A 42 -5.62 6.65 -12.33
C GLY A 42 -4.62 7.20 -11.34
N ASN A 43 -4.51 8.52 -11.27
CA ASN A 43 -3.58 9.17 -10.36
C ASN A 43 -3.96 8.89 -8.91
N SER A 44 -2.95 8.69 -8.07
CA SER A 44 -3.18 8.41 -6.65
C SER A 44 -3.34 9.70 -5.85
N ILE A 45 -4.48 9.85 -5.20
CA ILE A 45 -4.75 11.04 -4.40
C ILE A 45 -4.41 10.81 -2.94
N SER A 46 -4.41 9.55 -2.52
CA SER A 46 -4.09 9.20 -1.15
C SER A 46 -3.51 7.79 -1.06
N VAL A 47 -2.78 7.52 0.01
CA VAL A 47 -2.17 6.21 0.21
C VAL A 47 -1.88 5.96 1.68
N THR A 48 -2.11 4.73 2.13
CA THR A 48 -1.88 4.36 3.52
C THR A 48 -1.05 3.08 3.61
N LYS A 49 -0.14 3.05 4.58
CA LYS A 49 0.73 1.89 4.78
C LYS A 49 0.85 1.55 6.26
N ARG A 50 0.92 0.26 6.57
CA ARG A 50 1.03 -0.20 7.94
C ARG A 50 1.65 -1.60 8.00
N CYS A 51 1.98 -2.04 9.21
CA CYS A 51 2.57 -3.36 9.40
C CYS A 51 1.51 -4.37 9.82
N VAL A 52 1.47 -5.51 9.12
CA VAL A 52 0.51 -6.56 9.43
C VAL A 52 1.09 -7.93 9.15
N PRO A 53 0.59 -8.95 9.87
CA PRO A 53 1.05 -10.33 9.71
C PRO A 53 0.63 -10.94 8.38
N LEU A 54 1.21 -12.08 8.03
CA LEU A 54 0.90 -12.76 6.79
C LEU A 54 -0.61 -12.88 6.61
N GLU A 55 -1.31 -13.15 7.71
CA GLU A 55 -2.77 -13.29 7.66
C GLU A 55 -3.41 -12.10 6.95
N GLU A 56 -3.22 -10.91 7.52
CA GLU A 56 -3.78 -9.70 6.95
C GLU A 56 -3.42 -9.58 5.46
N CYS A 57 -2.23 -10.03 5.12
CA CYS A 57 -1.76 -9.97 3.74
C CYS A 57 -2.02 -11.29 3.02
N LEU A 58 -3.12 -11.96 3.39
CA LEU A 58 -3.48 -13.23 2.79
C LEU A 58 -3.98 -13.04 1.36
N SER A 59 -5.09 -12.33 1.23
CA SER A 59 -5.68 -12.06 -0.08
C SER A 59 -5.36 -10.65 -0.55
N THR A 60 -4.21 -10.49 -1.20
CA THR A 60 -3.79 -9.18 -1.70
C THR A 60 -3.86 -9.12 -3.22
N GLY A 61 -3.73 -7.92 -3.77
CA GLY A 61 -3.79 -7.75 -5.20
C GLY A 61 -4.35 -6.40 -5.61
N CYS A 62 -3.91 -5.89 -6.76
CA CYS A 62 -4.35 -4.60 -7.26
C CYS A 62 -5.15 -4.77 -8.54
N ARG A 63 -6.38 -4.25 -8.55
CA ARG A 63 -7.24 -4.33 -9.72
C ARG A 63 -7.08 -3.11 -10.62
N ASP A 64 -7.48 -3.24 -11.87
CA ASP A 64 -7.37 -2.15 -12.83
C ASP A 64 -8.60 -1.24 -12.75
N SER A 65 -9.57 -1.64 -11.93
CA SER A 65 -10.80 -0.87 -11.76
C SER A 65 -11.46 -1.18 -10.42
N GLU A 66 -12.60 -0.55 -10.17
CA GLU A 66 -13.33 -0.75 -8.93
C GLU A 66 -14.83 -0.51 -9.13
N HIS A 67 -15.59 -0.59 -8.05
CA HIS A 67 -17.03 -0.38 -8.09
C HIS A 67 -17.36 1.11 -7.95
N GLU A 68 -17.24 1.62 -6.73
CA GLU A 68 -17.53 3.03 -6.46
C GLU A 68 -16.67 3.93 -7.33
N GLY A 69 -16.83 5.24 -7.16
CA GLY A 69 -16.07 6.20 -7.93
C GLY A 69 -14.58 5.92 -7.89
N HIS A 70 -13.92 6.39 -6.84
CA HIS A 70 -12.48 6.19 -6.68
C HIS A 70 -12.14 4.70 -6.65
N LYS A 71 -11.06 4.34 -7.33
CA LYS A 71 -10.63 2.95 -7.38
C LYS A 71 -9.33 2.75 -6.60
N VAL A 72 -9.42 2.03 -5.49
CA VAL A 72 -8.25 1.77 -4.66
C VAL A 72 -7.80 0.32 -4.80
N CYS A 73 -6.47 0.13 -4.80
CA CYS A 73 -5.90 -1.22 -4.92
C CYS A 73 -5.16 -1.61 -3.65
N THR A 74 -5.07 -2.91 -3.40
CA THR A 74 -4.38 -3.42 -2.22
C THR A 74 -3.14 -4.22 -2.61
N SER A 75 -2.10 -4.13 -1.78
CA SER A 75 -0.86 -4.85 -2.03
C SER A 75 0.06 -4.81 -0.81
N CYS A 76 0.94 -5.79 -0.72
CA CYS A 76 1.87 -5.86 0.41
C CYS A 76 3.31 -5.89 -0.09
N CYS A 77 4.26 -5.92 0.85
CA CYS A 77 5.67 -5.95 0.51
C CYS A 77 6.29 -7.31 0.85
N GLU A 78 7.62 -7.40 0.71
CA GLU A 78 8.32 -8.64 1.01
C GLU A 78 9.57 -8.36 1.85
N GLY A 79 9.72 -7.11 2.29
CA GLY A 79 10.87 -6.74 3.09
C GLY A 79 10.70 -5.39 3.75
N ASN A 80 11.67 -5.00 4.57
CA ASN A 80 11.62 -3.72 5.27
C ASN A 80 11.82 -2.56 4.29
N ILE A 81 11.76 -1.34 4.81
CA ILE A 81 11.93 -0.15 3.99
C ILE A 81 11.26 -0.32 2.62
N CYS A 82 10.07 -0.90 2.63
CA CYS A 82 9.32 -1.13 1.39
C CYS A 82 8.38 0.04 1.11
N ASN A 83 8.77 1.23 1.56
CA ASN A 83 7.97 2.43 1.35
C ASN A 83 8.39 3.16 0.08
N LEU A 84 8.71 2.39 -0.95
CA LEU A 84 9.14 2.97 -2.23
C LEU A 84 7.94 3.31 -3.10
N PRO A 85 8.15 4.20 -4.08
CA PRO A 85 7.09 4.63 -5.00
C PRO A 85 6.68 3.52 -5.97
N LEU A 86 5.37 3.36 -6.15
CA LEU A 86 4.84 2.35 -7.05
C LEU A 86 5.16 2.68 -8.50
N PRO A 87 6.00 1.83 -9.13
CA PRO A 87 6.41 2.02 -10.52
C PRO A 87 5.26 1.76 -11.50
N ARG A 88 4.55 0.66 -11.29
CA ARG A 88 3.43 0.29 -12.16
C ARG A 88 2.53 -0.72 -11.47
N ASN A 89 1.24 -0.68 -11.80
CA ASN A 89 0.27 -1.60 -11.22
C ASN A 89 -0.63 -2.20 -12.29
N GLU A 90 -1.07 -3.44 -12.07
CA GLU A 90 -1.94 -4.12 -13.02
C GLU A 90 -2.37 -5.48 -12.47
N THR A 91 -3.65 -5.80 -12.67
CA THR A 91 -4.20 -7.07 -12.20
C THR A 91 -3.36 -8.24 -12.68
N ASP A 92 -2.82 -8.13 -13.89
CA ASP A 92 -2.01 -9.19 -14.47
C ASP A 92 -0.62 -9.21 -13.82
N ALA A 93 -0.32 -10.30 -13.13
CA ALA A 93 0.97 -10.44 -12.46
C ALA A 93 1.64 -11.76 -12.84
N THR A 94 2.97 -11.79 -12.79
CA THR A 94 3.73 -12.98 -13.13
C THR A 94 3.89 -13.89 -11.92
N PHE A 95 3.73 -15.20 -12.15
CA PHE A 95 3.87 -16.17 -11.07
C PHE A 95 2.93 -15.84 -9.91
N ALA A 96 1.71 -15.46 -10.24
CA ALA A 96 0.71 -15.11 -9.23
C ALA A 96 -0.13 -16.31 -8.86
N MET A 1 10.63 -9.88 11.39
CA MET A 1 11.91 -9.90 10.68
C MET A 1 12.03 -8.71 9.74
N PHE A 2 10.93 -8.37 9.08
CA PHE A 2 10.91 -7.25 8.15
C PHE A 2 9.93 -6.18 8.60
N LYS A 3 10.28 -4.92 8.35
CA LYS A 3 9.43 -3.80 8.73
C LYS A 3 9.47 -2.70 7.67
N CYS A 4 8.42 -1.88 7.63
CA CYS A 4 8.34 -0.80 6.67
C CYS A 4 7.83 0.48 7.34
N PHE A 5 7.92 1.59 6.62
CA PHE A 5 7.47 2.88 7.14
C PHE A 5 5.95 2.92 7.24
N THR A 6 5.44 3.12 8.45
CA THR A 6 4.00 3.18 8.68
C THR A 6 3.48 4.60 8.54
N CYS A 7 2.95 4.92 7.37
CA CYS A 7 2.41 6.25 7.11
C CYS A 7 1.00 6.38 7.67
N GLU A 8 0.33 7.47 7.31
CA GLU A 8 -1.03 7.72 7.77
C GLU A 8 -1.70 8.82 6.95
N LYS A 9 -2.59 8.42 6.05
CA LYS A 9 -3.30 9.36 5.20
C LYS A 9 -2.32 10.29 4.48
N ALA A 10 -1.35 9.70 3.79
CA ALA A 10 -0.36 10.47 3.06
C ALA A 10 -0.82 10.76 1.64
N ALA A 11 -0.34 11.87 1.08
CA ALA A 11 -0.71 12.25 -0.28
C ALA A 11 -0.10 11.31 -1.31
N ASP A 12 1.11 10.83 -1.02
CA ASP A 12 1.81 9.92 -1.92
C ASP A 12 3.07 9.38 -1.28
N ASN A 13 3.59 8.28 -1.82
CA ASN A 13 4.80 7.66 -1.29
C ASN A 13 5.92 8.69 -1.16
N TYR A 14 6.02 9.58 -2.16
CA TYR A 14 7.05 10.61 -2.16
C TYR A 14 7.00 11.43 -0.88
N GLU A 15 5.83 11.98 -0.57
CA GLU A 15 5.65 12.80 0.62
C GLU A 15 6.16 12.06 1.86
N CYS A 16 5.58 10.89 2.12
CA CYS A 16 5.96 10.08 3.27
C CYS A 16 7.48 9.86 3.29
N ASN A 17 8.06 9.69 2.11
CA ASN A 17 9.49 9.46 1.98
C ASN A 17 10.27 10.72 2.36
N ARG A 18 9.84 11.86 1.85
CA ARG A 18 10.50 13.13 2.13
C ARG A 18 10.65 13.34 3.63
N TRP A 19 9.66 12.89 4.40
CA TRP A 19 9.70 13.03 5.85
C TRP A 19 10.37 11.82 6.49
N ALA A 20 9.67 10.69 6.50
CA ALA A 20 10.20 9.46 7.09
C ALA A 20 10.43 9.62 8.58
N PRO A 21 9.34 9.59 9.36
CA PRO A 21 9.39 9.72 10.81
C PRO A 21 10.07 8.54 11.48
N ASP A 22 10.75 8.80 12.60
CA ASP A 22 11.44 7.75 13.34
C ASP A 22 10.45 6.92 14.15
N ILE A 23 9.57 6.21 13.45
CA ILE A 23 8.58 5.37 14.10
C ILE A 23 8.66 3.93 13.60
N TYR A 24 8.49 2.97 14.51
CA TYR A 24 8.54 1.57 14.16
C TYR A 24 7.13 0.99 14.00
N CYS A 25 7.04 -0.18 13.39
CA CYS A 25 5.75 -0.83 13.18
C CYS A 25 5.24 -1.44 14.48
N PRO A 26 3.92 -1.70 14.53
CA PRO A 26 3.27 -2.28 15.71
C PRO A 26 3.66 -3.74 15.92
N ARG A 27 2.97 -4.40 16.84
CA ARG A 27 3.24 -5.80 17.14
C ARG A 27 2.33 -6.72 16.34
N GLU A 28 2.53 -8.03 16.48
CA GLU A 28 1.72 -9.01 15.77
C GLU A 28 1.69 -8.71 14.28
N THR A 29 2.82 -8.27 13.74
CA THR A 29 2.92 -7.94 12.33
C THR A 29 4.13 -8.62 11.69
N ARG A 30 3.93 -9.16 10.48
CA ARG A 30 5.01 -9.84 9.77
C ARG A 30 5.21 -9.23 8.38
N TYR A 31 4.10 -9.03 7.66
CA TYR A 31 4.16 -8.46 6.32
C TYR A 31 3.88 -6.96 6.37
N CYS A 32 3.89 -6.34 5.20
CA CYS A 32 3.64 -4.90 5.09
C CYS A 32 2.44 -4.62 4.20
N TYR A 33 1.41 -3.99 4.77
CA TYR A 33 0.20 -3.67 4.02
C TYR A 33 0.36 -2.36 3.27
N THR A 34 -0.12 -2.33 2.04
CA THR A 34 -0.03 -1.13 1.20
C THR A 34 -1.32 -0.92 0.43
N GLN A 35 -1.82 0.32 0.46
CA GLN A 35 -3.05 0.66 -0.25
C GLN A 35 -2.96 2.06 -0.85
N HIS A 36 -3.32 2.17 -2.12
CA HIS A 36 -3.28 3.45 -2.83
C HIS A 36 -4.64 3.79 -3.42
N THR A 37 -5.17 4.94 -3.05
CA THR A 37 -6.48 5.39 -3.53
C THR A 37 -6.32 6.30 -4.74
N MET A 38 -6.90 5.88 -5.87
CA MET A 38 -6.83 6.65 -7.10
C MET A 38 -8.22 7.14 -7.52
N GLU A 39 -8.25 8.19 -8.32
CA GLU A 39 -9.51 8.76 -8.80
C GLU A 39 -10.01 8.00 -10.02
N VAL A 40 -11.29 8.19 -10.35
CA VAL A 40 -11.89 7.53 -11.50
C VAL A 40 -11.15 7.87 -12.79
N THR A 41 -10.64 9.10 -12.86
CA THR A 41 -9.91 9.55 -14.04
C THR A 41 -8.92 10.65 -13.68
N GLY A 42 -7.90 10.30 -12.90
CA GLY A 42 -6.90 11.28 -12.50
C GLY A 42 -5.59 10.64 -12.09
N ASN A 43 -5.40 10.44 -10.80
CA ASN A 43 -4.18 9.82 -10.29
C ASN A 43 -4.30 9.54 -8.79
N SER A 44 -3.18 9.12 -8.19
CA SER A 44 -3.16 8.81 -6.76
C SER A 44 -3.49 10.05 -5.93
N ILE A 45 -4.61 9.99 -5.21
CA ILE A 45 -5.04 11.10 -4.38
C ILE A 45 -4.66 10.87 -2.92
N SER A 46 -4.59 9.60 -2.51
CA SER A 46 -4.24 9.26 -1.14
C SER A 46 -3.62 7.86 -1.09
N VAL A 47 -2.86 7.60 -0.03
CA VAL A 47 -2.22 6.31 0.15
C VAL A 47 -1.92 6.03 1.63
N THR A 48 -2.23 4.83 2.07
CA THR A 48 -2.00 4.44 3.46
C THR A 48 -0.97 3.32 3.56
N LYS A 49 -0.01 3.47 4.46
CA LYS A 49 1.03 2.48 4.65
C LYS A 49 1.09 2.02 6.11
N ARG A 50 1.01 0.71 6.32
CA ARG A 50 1.06 0.16 7.67
C ARG A 50 1.44 -1.32 7.63
N CYS A 51 1.95 -1.82 8.75
CA CYS A 51 2.36 -3.21 8.85
C CYS A 51 1.18 -4.10 9.27
N VAL A 52 1.15 -5.32 8.75
CA VAL A 52 0.09 -6.26 9.07
C VAL A 52 0.60 -7.70 9.06
N PRO A 53 -0.05 -8.56 9.85
CA PRO A 53 0.32 -9.98 9.95
C PRO A 53 0.01 -10.75 8.67
N LEU A 54 0.43 -12.01 8.63
CA LEU A 54 0.20 -12.85 7.45
C LEU A 54 -1.29 -12.95 7.14
N GLU A 55 -2.10 -13.12 8.18
CA GLU A 55 -3.55 -13.24 8.01
C GLU A 55 -4.08 -12.07 7.18
N GLU A 56 -3.68 -10.86 7.55
CA GLU A 56 -4.12 -9.66 6.84
C GLU A 56 -3.60 -9.64 5.41
N CYS A 57 -2.46 -10.30 5.19
CA CYS A 57 -1.85 -10.36 3.88
C CYS A 57 -2.13 -11.71 3.20
N LEU A 58 -3.27 -12.29 3.54
CA LEU A 58 -3.66 -13.58 2.97
C LEU A 58 -4.37 -13.39 1.63
N SER A 59 -5.19 -12.35 1.53
CA SER A 59 -5.93 -12.07 0.31
C SER A 59 -5.66 -10.64 -0.16
N THR A 60 -4.71 -10.49 -1.07
CA THR A 60 -4.35 -9.17 -1.59
C THR A 60 -4.33 -9.18 -3.12
N GLY A 61 -4.13 -8.00 -3.71
CA GLY A 61 -4.09 -7.89 -5.16
C GLY A 61 -4.37 -6.49 -5.65
N CYS A 62 -3.61 -6.05 -6.64
CA CYS A 62 -3.78 -4.71 -7.20
C CYS A 62 -4.22 -4.77 -8.65
N ARG A 63 -5.05 -3.81 -9.06
CA ARG A 63 -5.55 -3.76 -10.43
C ARG A 63 -5.85 -2.33 -10.85
N ASP A 64 -6.40 -2.17 -12.04
CA ASP A 64 -6.75 -0.85 -12.55
C ASP A 64 -7.94 -0.26 -11.81
N SER A 65 -9.14 -0.65 -12.22
CA SER A 65 -10.36 -0.15 -11.59
C SER A 65 -11.30 -1.30 -11.27
N GLU A 66 -11.76 -1.35 -10.02
CA GLU A 66 -12.67 -2.40 -9.59
C GLU A 66 -14.09 -1.85 -9.41
N HIS A 67 -14.20 -0.64 -8.88
CA HIS A 67 -15.48 0.00 -8.67
C HIS A 67 -15.48 1.44 -9.17
N GLU A 68 -16.63 2.08 -9.15
CA GLU A 68 -16.77 3.45 -9.60
C GLU A 68 -16.44 4.43 -8.48
N GLY A 69 -16.37 5.72 -8.83
CA GLY A 69 -16.07 6.74 -7.84
C GLY A 69 -14.60 6.75 -7.45
N HIS A 70 -14.18 5.74 -6.71
CA HIS A 70 -12.79 5.64 -6.27
C HIS A 70 -12.29 4.20 -6.39
N LYS A 71 -11.13 4.04 -7.01
CA LYS A 71 -10.53 2.71 -7.17
C LYS A 71 -9.19 2.62 -6.46
N VAL A 72 -9.13 1.81 -5.41
CA VAL A 72 -7.91 1.62 -4.64
C VAL A 72 -7.40 0.18 -4.73
N CYS A 73 -6.11 0.02 -4.97
CA CYS A 73 -5.50 -1.29 -5.07
C CYS A 73 -4.80 -1.68 -3.78
N THR A 74 -4.79 -2.98 -3.48
CA THR A 74 -4.15 -3.47 -2.26
C THR A 74 -3.05 -4.48 -2.59
N SER A 75 -1.96 -4.42 -1.84
CA SER A 75 -0.83 -5.33 -2.05
C SER A 75 -0.01 -5.47 -0.77
N CYS A 76 0.86 -6.48 -0.75
CA CYS A 76 1.71 -6.73 0.40
C CYS A 76 3.17 -6.87 -0.02
N CYS A 77 4.08 -6.66 0.92
CA CYS A 77 5.51 -6.77 0.65
C CYS A 77 6.06 -8.09 1.18
N GLU A 78 7.36 -8.30 0.96
CA GLU A 78 8.01 -9.52 1.42
C GLU A 78 9.35 -9.21 2.09
N GLY A 79 9.62 -7.92 2.28
CA GLY A 79 10.86 -7.51 2.92
C GLY A 79 10.76 -6.12 3.52
N ASN A 80 11.83 -5.71 4.22
CA ASN A 80 11.85 -4.40 4.85
C ASN A 80 11.97 -3.30 3.80
N ILE A 81 11.94 -2.05 4.27
CA ILE A 81 12.03 -0.90 3.37
C ILE A 81 11.32 -1.17 2.04
N CYS A 82 10.11 -1.72 2.14
CA CYS A 82 9.33 -2.03 0.94
C CYS A 82 8.47 -0.84 0.53
N ASN A 83 8.76 0.33 1.11
CA ASN A 83 8.01 1.55 0.80
C ASN A 83 8.36 2.07 -0.58
N LEU A 84 7.47 1.85 -1.54
CA LEU A 84 7.68 2.31 -2.91
C LEU A 84 6.36 2.55 -3.61
N PRO A 85 6.38 3.43 -4.63
CA PRO A 85 5.18 3.77 -5.41
C PRO A 85 4.72 2.61 -6.29
N LEU A 86 3.41 2.40 -6.33
CA LEU A 86 2.83 1.33 -7.13
C LEU A 86 1.56 1.79 -7.82
N PRO A 87 1.72 2.72 -8.78
CA PRO A 87 0.59 3.27 -9.55
C PRO A 87 -0.02 2.24 -10.50
N ARG A 88 -1.32 2.03 -10.37
CA ARG A 88 -2.02 1.07 -11.22
C ARG A 88 -1.09 -0.05 -11.68
N ASN A 89 -0.84 -1.00 -10.77
CA ASN A 89 0.04 -2.12 -11.08
C ASN A 89 -0.73 -3.45 -11.02
N GLU A 90 -0.15 -4.47 -11.64
CA GLU A 90 -0.78 -5.79 -11.67
C GLU A 90 -2.21 -5.70 -12.21
N THR A 91 -2.40 -4.81 -13.19
CA THR A 91 -3.71 -4.63 -13.80
C THR A 91 -4.26 -5.95 -14.34
N ASP A 92 -3.37 -6.79 -14.85
CA ASP A 92 -3.76 -8.08 -15.39
C ASP A 92 -2.93 -9.20 -14.77
N ALA A 93 -3.46 -9.80 -13.71
CA ALA A 93 -2.77 -10.89 -13.02
C ALA A 93 -2.96 -12.20 -13.75
N THR A 94 -1.96 -13.07 -13.69
CA THR A 94 -2.02 -14.37 -14.35
C THR A 94 -2.65 -15.42 -13.43
N PHE A 95 -3.47 -16.29 -14.02
CA PHE A 95 -4.14 -17.34 -13.26
C PHE A 95 -3.41 -18.66 -13.41
N ALA A 96 -3.73 -19.62 -12.54
CA ALA A 96 -3.11 -20.93 -12.58
C ALA A 96 -3.39 -21.63 -13.91
N MET A 1 14.97 -10.43 8.32
CA MET A 1 13.67 -9.83 8.55
C MET A 1 13.46 -8.63 7.62
N PHE A 2 12.23 -8.13 7.58
CA PHE A 2 11.90 -6.99 6.74
C PHE A 2 11.03 -5.99 7.49
N LYS A 3 11.28 -4.70 7.25
CA LYS A 3 10.53 -3.65 7.91
C LYS A 3 10.16 -2.55 6.92
N CYS A 4 8.92 -2.10 6.98
CA CYS A 4 8.44 -1.04 6.09
C CYS A 4 7.93 0.16 6.89
N PHE A 5 7.88 1.32 6.23
CA PHE A 5 7.41 2.54 6.88
C PHE A 5 5.91 2.46 7.15
N THR A 6 5.45 3.23 8.14
CA THR A 6 4.05 3.25 8.51
C THR A 6 3.45 4.64 8.30
N CYS A 7 2.90 4.88 7.12
CA CYS A 7 2.29 6.16 6.80
C CYS A 7 0.89 6.27 7.38
N GLU A 8 0.25 7.41 7.17
CA GLU A 8 -1.11 7.63 7.67
C GLU A 8 -1.81 8.74 6.89
N LYS A 9 -2.73 8.34 6.02
CA LYS A 9 -3.47 9.30 5.20
C LYS A 9 -2.53 10.25 4.49
N ALA A 10 -1.56 9.69 3.77
CA ALA A 10 -0.59 10.49 3.03
C ALA A 10 -1.21 11.06 1.76
N ALA A 11 -1.20 12.38 1.64
CA ALA A 11 -1.75 13.05 0.46
C ALA A 11 -1.06 12.59 -0.81
N ASP A 12 0.23 12.30 -0.71
CA ASP A 12 1.00 11.85 -1.86
C ASP A 12 2.21 11.03 -1.41
N ASN A 13 2.82 10.32 -2.35
CA ASN A 13 3.99 9.49 -2.05
C ASN A 13 5.14 10.36 -1.56
N TYR A 14 5.19 11.60 -2.01
CA TYR A 14 6.24 12.53 -1.62
C TYR A 14 6.33 12.63 -0.09
N GLU A 15 5.32 13.25 0.50
CA GLU A 15 5.29 13.41 1.95
C GLU A 15 5.46 12.07 2.66
N CYS A 16 4.85 11.03 2.11
CA CYS A 16 4.93 9.70 2.68
C CYS A 16 6.39 9.27 2.87
N ASN A 17 7.18 9.39 1.80
CA ASN A 17 8.58 9.02 1.84
C ASN A 17 9.39 10.05 2.64
N ARG A 18 9.00 11.32 2.53
CA ARG A 18 9.68 12.39 3.24
C ARG A 18 9.83 12.05 4.72
N TRP A 19 8.82 11.40 5.28
CA TRP A 19 8.83 11.01 6.68
C TRP A 19 9.45 9.63 6.87
N ALA A 20 8.72 8.61 6.43
CA ALA A 20 9.19 7.23 6.55
C ALA A 20 9.66 6.92 7.97
N PRO A 21 8.70 6.81 8.90
CA PRO A 21 9.00 6.51 10.30
C PRO A 21 9.97 5.36 10.47
N ASP A 22 11.20 5.67 10.86
CA ASP A 22 12.23 4.66 11.07
C ASP A 22 12.04 3.95 12.40
N ILE A 23 10.88 3.33 12.59
CA ILE A 23 10.58 2.62 13.82
C ILE A 23 10.06 1.22 13.53
N TYR A 24 10.29 0.31 14.46
CA TYR A 24 9.85 -1.07 14.30
C TYR A 24 8.33 -1.18 14.42
N CYS A 25 7.72 -1.90 13.49
CA CYS A 25 6.28 -2.08 13.49
C CYS A 25 5.84 -3.08 14.56
N PRO A 26 5.19 -2.55 15.61
CA PRO A 26 4.71 -3.38 16.72
C PRO A 26 3.55 -4.28 16.33
N ARG A 27 2.89 -4.87 17.32
CA ARG A 27 1.76 -5.75 17.07
C ARG A 27 2.21 -7.01 16.34
N GLU A 28 3.46 -7.41 16.57
CA GLU A 28 4.02 -8.60 15.93
C GLU A 28 3.67 -8.63 14.44
N THR A 29 4.15 -7.62 13.72
CA THR A 29 3.90 -7.53 12.28
C THR A 29 5.03 -8.14 11.48
N ARG A 30 4.70 -8.94 10.48
CA ARG A 30 5.69 -9.58 9.64
C ARG A 30 5.57 -9.10 8.19
N TYR A 31 4.34 -9.02 7.71
CA TYR A 31 4.10 -8.57 6.34
C TYR A 31 3.89 -7.06 6.28
N CYS A 32 4.01 -6.50 5.08
CA CYS A 32 3.84 -5.06 4.90
C CYS A 32 2.56 -4.77 4.13
N TYR A 33 1.66 -4.02 4.76
CA TYR A 33 0.39 -3.67 4.16
C TYR A 33 0.53 -2.42 3.27
N THR A 34 -0.02 -2.50 2.07
CA THR A 34 0.05 -1.38 1.13
C THR A 34 -1.34 -1.00 0.62
N GLN A 35 -1.74 0.24 0.87
CA GLN A 35 -3.04 0.72 0.43
C GLN A 35 -2.91 2.01 -0.36
N HIS A 36 -3.45 2.01 -1.58
CA HIS A 36 -3.39 3.18 -2.45
C HIS A 36 -4.77 3.54 -2.97
N THR A 37 -5.14 4.81 -2.83
CA THR A 37 -6.45 5.28 -3.29
C THR A 37 -6.30 6.29 -4.42
N MET A 38 -6.74 5.91 -5.61
CA MET A 38 -6.65 6.77 -6.78
C MET A 38 -8.03 7.22 -7.22
N GLU A 39 -8.09 8.25 -8.06
CA GLU A 39 -9.34 8.77 -8.57
C GLU A 39 -9.88 7.91 -9.71
N VAL A 40 -11.03 8.30 -10.24
CA VAL A 40 -11.65 7.56 -11.34
C VAL A 40 -10.63 7.23 -12.42
N THR A 41 -10.05 8.27 -13.02
CA THR A 41 -9.06 8.09 -14.07
C THR A 41 -8.17 9.32 -14.21
N GLY A 42 -7.28 9.51 -13.24
CA GLY A 42 -6.38 10.66 -13.27
C GLY A 42 -5.11 10.40 -12.49
N ASN A 43 -5.05 10.92 -11.27
CA ASN A 43 -3.87 10.75 -10.43
C ASN A 43 -4.25 10.22 -9.05
N SER A 44 -3.25 9.96 -8.22
CA SER A 44 -3.49 9.45 -6.87
C SER A 44 -4.04 10.55 -5.96
N ILE A 45 -5.09 10.22 -5.23
CA ILE A 45 -5.71 11.17 -4.32
C ILE A 45 -5.20 10.97 -2.89
N SER A 46 -4.95 9.72 -2.52
CA SER A 46 -4.46 9.40 -1.19
C SER A 46 -3.82 8.02 -1.16
N VAL A 47 -3.02 7.76 -0.13
CA VAL A 47 -2.34 6.48 0.01
C VAL A 47 -1.96 6.22 1.46
N THR A 48 -2.22 5.00 1.93
CA THR A 48 -1.91 4.62 3.30
C THR A 48 -0.95 3.45 3.33
N LYS A 49 -0.08 3.42 4.35
CA LYS A 49 0.89 2.35 4.50
C LYS A 49 1.02 1.94 5.96
N ARG A 50 0.98 0.63 6.21
CA ARG A 50 1.09 0.10 7.56
C ARG A 50 1.67 -1.30 7.56
N CYS A 51 1.93 -1.84 8.74
CA CYS A 51 2.49 -3.18 8.86
C CYS A 51 1.45 -4.15 9.44
N VAL A 52 1.38 -5.35 8.87
CA VAL A 52 0.44 -6.36 9.32
C VAL A 52 1.02 -7.76 9.16
N PRO A 53 0.56 -8.69 10.01
CA PRO A 53 1.02 -10.08 10.00
C PRO A 53 0.53 -10.84 8.77
N LEU A 54 1.17 -11.96 8.46
CA LEU A 54 0.80 -12.77 7.32
C LEU A 54 -0.71 -13.00 7.28
N GLU A 55 -1.30 -13.21 8.45
CA GLU A 55 -2.73 -13.46 8.55
C GLU A 55 -3.51 -12.33 7.90
N GLU A 56 -3.29 -11.10 8.37
CA GLU A 56 -3.97 -9.94 7.82
C GLU A 56 -3.81 -9.85 6.31
N CYS A 57 -2.67 -10.35 5.82
CA CYS A 57 -2.38 -10.34 4.40
C CYS A 57 -2.77 -11.67 3.74
N LEU A 58 -3.78 -12.32 4.30
CA LEU A 58 -4.25 -13.60 3.78
C LEU A 58 -5.11 -13.39 2.53
N SER A 59 -5.89 -12.31 2.53
CA SER A 59 -6.75 -12.01 1.39
C SER A 59 -6.45 -10.62 0.84
N THR A 60 -5.51 -10.54 -0.08
CA THR A 60 -5.13 -9.27 -0.68
C THR A 60 -5.13 -9.36 -2.21
N GLY A 61 -5.20 -8.21 -2.86
CA GLY A 61 -5.21 -8.19 -4.31
C GLY A 61 -5.45 -6.78 -4.86
N CYS A 62 -4.86 -6.51 -6.02
CA CYS A 62 -4.99 -5.20 -6.66
C CYS A 62 -5.67 -5.33 -8.02
N ARG A 63 -6.56 -4.38 -8.33
CA ARG A 63 -7.27 -4.38 -9.60
C ARG A 63 -7.93 -3.04 -9.86
N ASP A 64 -8.67 -2.95 -10.96
CA ASP A 64 -9.36 -1.71 -11.32
C ASP A 64 -10.67 -1.59 -10.57
N SER A 65 -11.26 -0.39 -10.59
CA SER A 65 -12.51 -0.14 -9.91
C SER A 65 -13.69 -0.22 -10.87
N GLU A 66 -14.19 -1.43 -11.10
CA GLU A 66 -15.31 -1.64 -12.01
C GLU A 66 -16.61 -1.14 -11.40
N HIS A 67 -16.86 -1.52 -10.14
CA HIS A 67 -18.07 -1.10 -9.44
C HIS A 67 -17.73 -0.14 -8.30
N GLU A 68 -16.85 0.81 -8.58
CA GLU A 68 -16.44 1.79 -7.57
C GLU A 68 -16.14 3.14 -8.21
N GLY A 69 -16.01 4.16 -7.38
CA GLY A 69 -15.73 5.49 -7.88
C GLY A 69 -14.25 5.81 -7.88
N HIS A 70 -13.56 5.37 -6.85
CA HIS A 70 -12.12 5.62 -6.73
C HIS A 70 -11.32 4.35 -6.99
N LYS A 71 -10.31 4.45 -7.84
CA LYS A 71 -9.47 3.31 -8.17
C LYS A 71 -8.48 3.01 -7.06
N VAL A 72 -8.91 2.21 -6.09
CA VAL A 72 -8.06 1.84 -4.96
C VAL A 72 -7.76 0.35 -4.96
N CYS A 73 -6.48 0.01 -4.80
CA CYS A 73 -6.06 -1.39 -4.78
C CYS A 73 -5.28 -1.70 -3.51
N THR A 74 -5.31 -2.96 -3.09
CA THR A 74 -4.60 -3.40 -1.90
C THR A 74 -3.64 -4.55 -2.20
N SER A 75 -2.44 -4.47 -1.66
CA SER A 75 -1.43 -5.50 -1.88
C SER A 75 -0.34 -5.44 -0.80
N CYS A 76 0.30 -6.57 -0.56
CA CYS A 76 1.36 -6.65 0.44
C CYS A 76 2.73 -6.74 -0.22
N CYS A 77 3.74 -6.17 0.44
CA CYS A 77 5.10 -6.19 -0.09
C CYS A 77 5.77 -7.53 0.20
N GLU A 78 7.04 -7.64 -0.19
CA GLU A 78 7.80 -8.87 0.02
C GLU A 78 9.17 -8.55 0.61
N GLY A 79 9.40 -7.29 0.95
CA GLY A 79 10.68 -6.88 1.51
C GLY A 79 10.60 -5.54 2.20
N ASN A 80 11.70 -5.14 2.83
CA ASN A 80 11.76 -3.86 3.53
C ASN A 80 11.74 -2.69 2.55
N ILE A 81 11.75 -1.48 3.09
CA ILE A 81 11.73 -0.28 2.26
C ILE A 81 10.85 -0.48 1.03
N CYS A 82 9.67 -1.03 1.24
CA CYS A 82 8.73 -1.28 0.15
C CYS A 82 7.76 -0.11 0.00
N ASN A 83 8.15 1.05 0.53
CA ASN A 83 7.32 2.24 0.45
C ASN A 83 7.70 3.09 -0.77
N LEU A 84 8.05 2.43 -1.86
CA LEU A 84 8.43 3.13 -3.09
C LEU A 84 7.20 3.51 -3.91
N PRO A 85 7.38 4.49 -4.80
CA PRO A 85 6.29 4.96 -5.66
C PRO A 85 5.90 3.95 -6.72
N LEU A 86 4.60 3.76 -6.91
CA LEU A 86 4.10 2.80 -7.90
C LEU A 86 4.14 3.41 -9.29
N PRO A 87 4.19 2.53 -10.32
CA PRO A 87 4.23 2.95 -11.72
C PRO A 87 2.91 3.56 -12.18
N ARG A 88 2.83 3.86 -13.47
CA ARG A 88 1.61 4.44 -14.04
C ARG A 88 0.58 3.36 -14.33
N ASN A 89 1.06 2.17 -14.69
CA ASN A 89 0.18 1.05 -14.99
C ASN A 89 -0.70 0.71 -13.80
N GLU A 90 -1.50 -0.35 -13.94
CA GLU A 90 -2.39 -0.79 -12.86
C GLU A 90 -2.78 -2.26 -13.04
N THR A 91 -3.38 -2.83 -12.01
CA THR A 91 -3.80 -4.22 -12.04
C THR A 91 -2.61 -5.14 -12.28
N ASP A 92 -1.53 -4.91 -11.56
CA ASP A 92 -0.32 -5.73 -11.69
C ASP A 92 -0.42 -6.98 -10.84
N ALA A 93 0.35 -8.00 -11.20
CA ALA A 93 0.36 -9.26 -10.47
C ALA A 93 1.51 -9.32 -9.47
N THR A 94 1.19 -9.62 -8.22
CA THR A 94 2.20 -9.71 -7.18
C THR A 94 2.62 -11.15 -6.93
N PHE A 95 1.68 -11.98 -6.51
CA PHE A 95 1.95 -13.39 -6.24
C PHE A 95 1.98 -14.20 -7.54
N ALA A 96 2.77 -15.26 -7.55
CA ALA A 96 2.88 -16.12 -8.73
C ALA A 96 1.87 -17.25 -8.68
N MET A 1 14.19 -9.31 10.51
CA MET A 1 12.74 -9.12 10.50
C MET A 1 12.36 -7.92 9.64
N PHE A 2 11.31 -8.09 8.83
CA PHE A 2 10.85 -7.02 7.95
C PHE A 2 10.10 -5.95 8.75
N LYS A 3 10.29 -4.69 8.36
CA LYS A 3 9.64 -3.58 9.04
C LYS A 3 9.51 -2.38 8.11
N CYS A 4 8.29 -1.83 8.04
CA CYS A 4 8.04 -0.67 7.19
C CYS A 4 7.41 0.47 7.98
N PHE A 5 7.50 1.68 7.45
CA PHE A 5 6.95 2.85 8.11
C PHE A 5 5.42 2.81 8.09
N THR A 6 4.81 3.26 9.18
CA THR A 6 3.36 3.27 9.29
C THR A 6 2.78 4.59 8.77
N CYS A 7 2.44 4.62 7.49
CA CYS A 7 1.88 5.81 6.87
C CYS A 7 0.38 5.93 7.18
N GLU A 8 -0.16 7.12 6.96
CA GLU A 8 -1.57 7.37 7.22
C GLU A 8 -2.03 8.64 6.52
N LYS A 9 -3.08 8.52 5.71
CA LYS A 9 -3.62 9.66 4.98
C LYS A 9 -2.53 10.39 4.22
N ALA A 10 -1.63 9.65 3.61
CA ALA A 10 -0.52 10.23 2.86
C ALA A 10 -1.00 10.79 1.52
N ALA A 11 -0.82 12.09 1.34
CA ALA A 11 -1.24 12.76 0.11
C ALA A 11 -0.40 12.30 -1.08
N ASP A 12 0.88 12.04 -0.82
CA ASP A 12 1.80 11.59 -1.87
C ASP A 12 2.98 10.85 -1.26
N ASN A 13 3.49 9.86 -1.99
CA ASN A 13 4.63 9.07 -1.54
C ASN A 13 5.78 9.98 -1.11
N TYR A 14 6.00 11.04 -1.87
CA TYR A 14 7.07 11.98 -1.58
C TYR A 14 6.94 12.54 -0.16
N GLU A 15 5.71 12.88 0.21
CA GLU A 15 5.44 13.43 1.53
C GLU A 15 5.78 12.42 2.62
N CYS A 16 5.04 11.31 2.65
CA CYS A 16 5.27 10.27 3.64
C CYS A 16 6.74 9.84 3.65
N ASN A 17 7.36 9.84 2.48
CA ASN A 17 8.76 9.45 2.36
C ASN A 17 9.67 10.51 2.99
N ARG A 18 9.36 11.77 2.73
CA ARG A 18 10.16 12.87 3.27
C ARG A 18 10.34 12.73 4.77
N TRP A 19 9.25 12.37 5.45
CA TRP A 19 9.29 12.20 6.91
C TRP A 19 9.65 10.77 7.27
N ALA A 20 8.70 9.87 7.13
CA ALA A 20 8.92 8.45 7.45
C ALA A 20 9.53 8.30 8.84
N PRO A 21 8.68 8.39 9.87
CA PRO A 21 9.10 8.26 11.27
C PRO A 21 10.02 7.06 11.48
N ASP A 22 11.20 7.33 12.05
CA ASP A 22 12.17 6.27 12.32
C ASP A 22 11.77 5.45 13.54
N ILE A 23 10.62 4.79 13.45
CA ILE A 23 10.12 3.97 14.55
C ILE A 23 10.01 2.51 14.13
N TYR A 24 9.84 1.63 15.12
CA TYR A 24 9.71 0.20 14.86
C TYR A 24 8.25 -0.24 14.93
N CYS A 25 7.83 -1.01 13.92
CA CYS A 25 6.45 -1.49 13.86
C CYS A 25 5.99 -1.99 15.23
N PRO A 26 5.17 -1.17 15.91
CA PRO A 26 4.65 -1.50 17.24
C PRO A 26 3.63 -2.64 17.19
N ARG A 27 2.91 -2.74 16.07
CA ARG A 27 1.91 -3.78 15.90
C ARG A 27 2.54 -5.17 16.03
N GLU A 28 3.85 -5.24 15.79
CA GLU A 28 4.57 -6.50 15.88
C GLU A 28 4.08 -7.49 14.81
N THR A 29 4.27 -7.12 13.54
CA THR A 29 3.84 -7.97 12.44
C THR A 29 5.04 -8.55 11.70
N ARG A 30 4.78 -9.16 10.55
CA ARG A 30 5.85 -9.76 9.75
C ARG A 30 5.86 -9.19 8.34
N TYR A 31 4.67 -8.89 7.81
CA TYR A 31 4.55 -8.33 6.47
C TYR A 31 4.15 -6.86 6.53
N CYS A 32 4.04 -6.24 5.36
CA CYS A 32 3.66 -4.84 5.26
C CYS A 32 2.43 -4.67 4.39
N TYR A 33 1.44 -3.94 4.89
CA TYR A 33 0.21 -3.70 4.15
C TYR A 33 0.25 -2.34 3.45
N THR A 34 -0.30 -2.29 2.24
CA THR A 34 -0.32 -1.06 1.45
C THR A 34 -1.65 -0.90 0.74
N GLN A 35 -2.05 0.36 0.54
CA GLN A 35 -3.31 0.65 -0.14
C GLN A 35 -3.26 2.02 -0.82
N HIS A 36 -3.04 2.01 -2.13
CA HIS A 36 -2.96 3.25 -2.90
C HIS A 36 -4.33 3.62 -3.46
N THR A 37 -4.88 4.74 -2.96
CA THR A 37 -6.18 5.21 -3.41
C THR A 37 -6.08 5.89 -4.77
N MET A 38 -6.74 5.32 -5.76
CA MET A 38 -6.73 5.88 -7.11
C MET A 38 -8.13 6.33 -7.53
N GLU A 39 -8.24 6.88 -8.73
CA GLU A 39 -9.52 7.34 -9.25
C GLU A 39 -9.98 6.48 -10.41
N VAL A 40 -11.24 6.66 -10.81
CA VAL A 40 -11.81 5.89 -11.91
C VAL A 40 -10.94 6.00 -13.17
N THR A 41 -10.31 7.15 -13.35
CA THR A 41 -9.45 7.38 -14.50
C THR A 41 -8.19 6.53 -14.43
N GLY A 42 -7.70 6.31 -13.20
CA GLY A 42 -6.50 5.51 -13.02
C GLY A 42 -5.34 6.33 -12.52
N ASN A 43 -5.63 7.38 -11.75
CA ASN A 43 -4.59 8.24 -11.20
C ASN A 43 -4.53 8.14 -9.68
N SER A 44 -3.33 8.24 -9.13
CA SER A 44 -3.14 8.16 -7.68
C SER A 44 -3.40 9.51 -7.03
N ILE A 45 -4.16 9.49 -5.94
CA ILE A 45 -4.49 10.71 -5.22
C ILE A 45 -4.03 10.63 -3.77
N SER A 46 -4.04 9.43 -3.21
CA SER A 46 -3.62 9.20 -1.83
C SER A 46 -3.12 7.78 -1.63
N VAL A 47 -2.48 7.54 -0.49
CA VAL A 47 -1.96 6.21 -0.18
C VAL A 47 -1.82 6.02 1.32
N THR A 48 -1.88 4.77 1.77
CA THR A 48 -1.77 4.45 3.18
C THR A 48 -0.97 3.16 3.40
N LYS A 49 -0.18 3.13 4.46
CA LYS A 49 0.63 1.95 4.77
C LYS A 49 0.49 1.58 6.25
N ARG A 50 0.64 0.29 6.54
CA ARG A 50 0.53 -0.20 7.91
C ARG A 50 1.14 -1.60 8.05
N CYS A 51 1.51 -1.96 9.26
CA CYS A 51 2.10 -3.27 9.52
C CYS A 51 1.01 -4.33 9.72
N VAL A 52 1.13 -5.43 9.01
CA VAL A 52 0.16 -6.52 9.11
C VAL A 52 0.84 -7.88 8.97
N PRO A 53 0.25 -8.91 9.59
CA PRO A 53 0.77 -10.27 9.56
C PRO A 53 0.64 -10.91 8.18
N LEU A 54 1.23 -12.09 8.01
CA LEU A 54 1.16 -12.80 6.74
C LEU A 54 -0.27 -12.96 6.27
N GLU A 55 -1.16 -13.32 7.20
CA GLU A 55 -2.57 -13.51 6.87
C GLU A 55 -3.11 -12.32 6.09
N GLU A 56 -3.06 -11.14 6.71
CA GLU A 56 -3.54 -9.92 6.07
C GLU A 56 -2.90 -9.72 4.71
N CYS A 57 -1.67 -10.21 4.56
CA CYS A 57 -0.94 -10.09 3.30
C CYS A 57 -0.99 -11.40 2.52
N LEU A 58 -2.10 -12.12 2.64
CA LEU A 58 -2.27 -13.38 1.94
C LEU A 58 -3.14 -13.21 0.69
N SER A 59 -4.14 -12.35 0.79
CA SER A 59 -5.04 -12.09 -0.33
C SER A 59 -4.95 -10.63 -0.77
N THR A 60 -3.82 -10.27 -1.39
CA THR A 60 -3.60 -8.91 -1.86
C THR A 60 -3.59 -8.86 -3.39
N GLY A 61 -3.45 -7.66 -3.93
CA GLY A 61 -3.42 -7.49 -5.37
C GLY A 61 -3.98 -6.15 -5.82
N CYS A 62 -3.48 -5.65 -6.93
CA CYS A 62 -3.93 -4.37 -7.47
C CYS A 62 -4.64 -4.56 -8.80
N ARG A 63 -5.74 -3.85 -9.00
CA ARG A 63 -6.51 -3.94 -10.23
C ARG A 63 -7.50 -2.78 -10.34
N ASP A 64 -8.17 -2.68 -11.48
CA ASP A 64 -9.14 -1.63 -11.72
C ASP A 64 -10.51 -2.02 -11.17
N SER A 65 -11.04 -1.19 -10.27
CA SER A 65 -12.34 -1.45 -9.66
C SER A 65 -13.47 -1.09 -10.62
N GLU A 66 -13.28 0.00 -11.36
CA GLU A 66 -14.29 0.46 -12.31
C GLU A 66 -15.58 0.83 -11.60
N HIS A 67 -15.45 1.39 -10.41
CA HIS A 67 -16.62 1.80 -9.62
C HIS A 67 -17.12 3.17 -10.06
N GLU A 68 -18.14 3.67 -9.37
CA GLU A 68 -18.72 4.97 -9.68
C GLU A 68 -18.20 6.04 -8.74
N GLY A 69 -16.88 6.18 -8.68
CA GLY A 69 -16.27 7.18 -7.80
C GLY A 69 -14.76 7.01 -7.70
N HIS A 70 -14.31 6.64 -6.51
CA HIS A 70 -12.88 6.44 -6.26
C HIS A 70 -12.60 5.04 -5.73
N LYS A 71 -11.51 4.44 -6.21
CA LYS A 71 -11.13 3.10 -5.78
C LYS A 71 -9.73 3.10 -5.17
N VAL A 72 -9.28 1.92 -4.76
CA VAL A 72 -7.96 1.78 -4.15
C VAL A 72 -7.43 0.36 -4.29
N CYS A 73 -6.25 0.21 -4.87
CA CYS A 73 -5.64 -1.10 -5.06
C CYS A 73 -4.88 -1.53 -3.80
N THR A 74 -4.85 -2.83 -3.55
CA THR A 74 -4.16 -3.37 -2.40
C THR A 74 -2.85 -4.04 -2.79
N SER A 75 -1.82 -3.86 -1.97
CA SER A 75 -0.52 -4.45 -2.24
C SER A 75 0.25 -4.67 -0.94
N CYS A 76 1.20 -5.60 -0.97
CA CYS A 76 2.02 -5.90 0.20
C CYS A 76 3.50 -5.91 -0.15
N CYS A 77 4.35 -5.95 0.86
CA CYS A 77 5.79 -5.96 0.66
C CYS A 77 6.40 -7.27 1.16
N GLU A 78 7.71 -7.41 0.95
CA GLU A 78 8.41 -8.62 1.37
C GLU A 78 9.70 -8.26 2.12
N GLY A 79 9.89 -6.97 2.38
CA GLY A 79 11.07 -6.51 3.08
C GLY A 79 10.88 -5.17 3.74
N ASN A 80 11.87 -4.74 4.51
CA ASN A 80 11.79 -3.46 5.21
C ASN A 80 11.90 -2.30 4.23
N ILE A 81 11.76 -1.08 4.74
CA ILE A 81 11.85 0.12 3.92
C ILE A 81 11.19 -0.12 2.56
N CYS A 82 10.03 -0.76 2.57
CA CYS A 82 9.29 -1.04 1.35
C CYS A 82 8.39 0.13 0.97
N ASN A 83 8.55 1.24 1.67
CA ASN A 83 7.75 2.44 1.42
C ASN A 83 8.14 3.08 0.08
N LEU A 84 7.33 2.82 -0.93
CA LEU A 84 7.58 3.37 -2.26
C LEU A 84 6.28 3.51 -3.04
N PRO A 85 6.27 4.44 -4.01
CA PRO A 85 5.10 4.71 -4.86
C PRO A 85 4.81 3.56 -5.82
N LEU A 86 3.55 3.44 -6.24
CA LEU A 86 3.15 2.39 -7.16
C LEU A 86 1.95 2.84 -8.00
N PRO A 87 2.20 3.79 -8.90
CA PRO A 87 1.16 4.33 -9.80
C PRO A 87 0.71 3.31 -10.85
N ARG A 88 1.44 2.20 -10.93
CA ARG A 88 1.12 1.15 -11.89
C ARG A 88 -0.11 0.37 -11.45
N ASN A 89 -1.08 0.22 -12.36
CA ASN A 89 -2.30 -0.51 -12.07
C ASN A 89 -1.99 -1.89 -11.52
N GLU A 90 -1.05 -2.59 -12.15
CA GLU A 90 -0.67 -3.92 -11.74
C GLU A 90 -1.86 -4.88 -11.77
N THR A 91 -2.75 -4.66 -12.73
CA THR A 91 -3.94 -5.50 -12.88
C THR A 91 -3.56 -6.91 -13.29
N ASP A 92 -2.52 -7.04 -14.11
CA ASP A 92 -2.06 -8.34 -14.58
C ASP A 92 -1.18 -9.00 -13.53
N ALA A 93 -1.66 -10.10 -12.96
CA ALA A 93 -0.91 -10.83 -11.94
C ALA A 93 -0.95 -12.33 -12.19
N THR A 94 0.16 -13.00 -11.97
CA THR A 94 0.26 -14.44 -12.18
C THR A 94 -0.35 -15.21 -11.00
N PHE A 95 -1.27 -16.11 -11.30
CA PHE A 95 -1.93 -16.90 -10.28
C PHE A 95 -2.02 -18.37 -10.70
N ALA A 96 -2.01 -19.26 -9.71
CA ALA A 96 -2.10 -20.69 -9.98
C ALA A 96 -3.43 -21.26 -9.52
N MET A 1 11.96 -8.73 11.40
CA MET A 1 13.20 -8.23 10.82
C MET A 1 12.93 -7.04 9.91
N PHE A 2 12.26 -7.29 8.78
CA PHE A 2 11.95 -6.25 7.83
C PHE A 2 11.17 -5.12 8.49
N LYS A 3 11.10 -3.97 7.81
CA LYS A 3 10.39 -2.81 8.33
C LYS A 3 9.85 -1.95 7.20
N CYS A 4 8.64 -1.45 7.37
CA CYS A 4 8.01 -0.60 6.37
C CYS A 4 7.45 0.67 6.99
N PHE A 5 7.41 1.74 6.21
CA PHE A 5 6.90 3.02 6.70
C PHE A 5 5.39 2.96 6.88
N THR A 6 4.91 3.47 8.02
CA THR A 6 3.49 3.48 8.33
C THR A 6 2.82 4.74 7.81
N CYS A 7 2.40 4.72 6.55
CA CYS A 7 1.74 5.87 5.93
C CYS A 7 0.27 5.93 6.33
N GLU A 8 -0.23 7.15 6.54
CA GLU A 8 -1.62 7.35 6.92
C GLU A 8 -2.14 8.69 6.43
N LYS A 9 -3.23 8.66 5.68
CA LYS A 9 -3.82 9.88 5.13
C LYS A 9 -2.77 10.73 4.43
N ALA A 10 -1.96 10.10 3.60
CA ALA A 10 -0.91 10.79 2.86
C ALA A 10 -1.37 11.13 1.45
N ALA A 11 -1.37 12.42 1.11
CA ALA A 11 -1.78 12.87 -0.20
C ALA A 11 -1.04 12.11 -1.30
N ASP A 12 0.22 11.79 -1.04
CA ASP A 12 1.05 11.07 -2.00
C ASP A 12 2.17 10.30 -1.30
N ASN A 13 2.66 9.26 -1.96
CA ASN A 13 3.73 8.44 -1.39
C ASN A 13 5.02 9.26 -1.27
N TYR A 14 5.24 10.16 -2.22
CA TYR A 14 6.43 11.00 -2.21
C TYR A 14 6.56 11.75 -0.88
N GLU A 15 5.60 12.64 -0.62
CA GLU A 15 5.61 13.41 0.62
C GLU A 15 5.75 12.51 1.84
N CYS A 16 4.96 11.43 1.86
CA CYS A 16 4.99 10.49 2.98
C CYS A 16 6.42 10.04 3.26
N ASN A 17 7.16 9.71 2.21
CA ASN A 17 8.54 9.26 2.36
C ASN A 17 9.46 10.44 2.66
N ARG A 18 9.16 11.59 2.06
CA ARG A 18 9.96 12.80 2.27
C ARG A 18 10.15 13.07 3.75
N TRP A 19 9.13 12.76 4.54
CA TRP A 19 9.18 12.98 5.99
C TRP A 19 9.76 11.76 6.70
N ALA A 20 9.40 10.57 6.21
CA ALA A 20 9.87 9.33 6.81
C ALA A 20 9.66 9.32 8.31
N PRO A 21 8.41 9.12 8.73
CA PRO A 21 8.04 9.09 10.15
C PRO A 21 8.96 8.21 10.97
N ASP A 22 9.53 8.77 12.03
CA ASP A 22 10.43 8.02 12.90
C ASP A 22 9.66 7.13 13.87
N ILE A 23 8.95 6.15 13.31
CA ILE A 23 8.16 5.23 14.12
C ILE A 23 8.38 3.78 13.68
N TYR A 24 8.41 2.88 14.66
CA TYR A 24 8.62 1.46 14.37
C TYR A 24 7.30 0.71 14.36
N CYS A 25 7.17 -0.24 13.43
CA CYS A 25 5.96 -1.02 13.30
C CYS A 25 5.60 -1.69 14.63
N PRO A 26 4.31 -2.04 14.79
CA PRO A 26 3.81 -2.68 16.00
C PRO A 26 4.33 -4.11 16.16
N ARG A 27 3.78 -4.82 17.14
CA ARG A 27 4.19 -6.20 17.39
C ARG A 27 3.33 -7.18 16.60
N GLU A 28 3.81 -8.41 16.47
CA GLU A 28 3.08 -9.44 15.73
C GLU A 28 2.86 -9.02 14.29
N THR A 29 3.89 -8.43 13.68
CA THR A 29 3.80 -7.97 12.30
C THR A 29 5.06 -8.35 11.52
N ARG A 30 4.88 -9.11 10.45
CA ARG A 30 6.00 -9.55 9.63
C ARG A 30 5.94 -8.90 8.24
N TYR A 31 4.73 -8.81 7.69
CA TYR A 31 4.53 -8.22 6.38
C TYR A 31 3.91 -6.83 6.50
N CYS A 32 3.80 -6.13 5.36
CA CYS A 32 3.23 -4.80 5.34
C CYS A 32 2.31 -4.62 4.13
N TYR A 33 1.10 -4.14 4.38
CA TYR A 33 0.13 -3.92 3.31
C TYR A 33 0.23 -2.50 2.77
N THR A 34 -0.13 -2.34 1.49
CA THR A 34 -0.08 -1.03 0.85
C THR A 34 -1.40 -0.70 0.17
N GLN A 35 -2.10 0.29 0.71
CA GLN A 35 -3.39 0.70 0.16
C GLN A 35 -3.27 2.04 -0.56
N HIS A 36 -3.11 1.99 -1.88
CA HIS A 36 -2.98 3.21 -2.68
C HIS A 36 -4.34 3.66 -3.20
N THR A 37 -4.77 4.84 -2.77
CA THR A 37 -6.06 5.38 -3.18
C THR A 37 -5.90 6.34 -4.35
N MET A 38 -6.33 5.92 -5.53
CA MET A 38 -6.23 6.75 -6.73
C MET A 38 -7.54 6.76 -7.49
N GLU A 39 -7.63 7.64 -8.49
CA GLU A 39 -8.84 7.75 -9.30
C GLU A 39 -8.53 7.55 -10.77
N VAL A 40 -9.11 6.49 -11.36
CA VAL A 40 -8.89 6.18 -12.77
C VAL A 40 -9.20 7.39 -13.64
N THR A 41 -10.20 8.17 -13.25
CA THR A 41 -10.61 9.35 -14.00
C THR A 41 -9.52 10.43 -13.93
N GLY A 42 -8.83 10.50 -12.80
CA GLY A 42 -7.78 11.49 -12.63
C GLY A 42 -6.45 10.87 -12.29
N ASN A 43 -6.02 11.01 -11.04
CA ASN A 43 -4.75 10.47 -10.59
C ASN A 43 -4.80 10.16 -9.10
N SER A 44 -3.66 9.72 -8.55
CA SER A 44 -3.57 9.39 -7.13
C SER A 44 -3.97 10.58 -6.27
N ILE A 45 -4.87 10.33 -5.33
CA ILE A 45 -5.34 11.38 -4.43
C ILE A 45 -4.77 11.21 -3.03
N SER A 46 -4.59 9.95 -2.62
CA SER A 46 -4.05 9.64 -1.30
C SER A 46 -3.51 8.22 -1.25
N VAL A 47 -2.87 7.88 -0.14
CA VAL A 47 -2.28 6.55 0.03
C VAL A 47 -2.11 6.21 1.51
N THR A 48 -2.19 4.92 1.82
CA THR A 48 -2.04 4.46 3.19
C THR A 48 -1.27 3.15 3.26
N LYS A 49 -0.39 3.02 4.24
CA LYS A 49 0.41 1.82 4.42
C LYS A 49 0.67 1.55 5.89
N ARG A 50 0.74 0.26 6.25
CA ARG A 50 0.99 -0.13 7.63
C ARG A 50 1.53 -1.55 7.70
N CYS A 51 1.93 -1.97 8.91
CA CYS A 51 2.47 -3.30 9.11
C CYS A 51 1.39 -4.26 9.59
N VAL A 52 1.42 -5.49 9.08
CA VAL A 52 0.43 -6.50 9.47
C VAL A 52 1.03 -7.91 9.38
N PRO A 53 0.49 -8.83 10.17
CA PRO A 53 0.94 -10.23 10.20
C PRO A 53 0.59 -10.97 8.91
N LEU A 54 1.18 -12.15 8.75
CA LEU A 54 0.93 -12.97 7.56
C LEU A 54 -0.57 -13.20 7.36
N GLU A 55 -1.26 -13.49 8.46
CA GLU A 55 -2.70 -13.73 8.41
C GLU A 55 -3.42 -12.60 7.67
N GLU A 56 -3.08 -11.37 8.02
CA GLU A 56 -3.69 -10.20 7.38
C GLU A 56 -3.33 -10.14 5.91
N CYS A 57 -2.17 -10.69 5.56
CA CYS A 57 -1.70 -10.69 4.18
C CYS A 57 -2.06 -11.99 3.49
N LEU A 58 -3.14 -12.63 3.95
CA LEU A 58 -3.59 -13.88 3.37
C LEU A 58 -4.43 -13.64 2.11
N SER A 59 -5.23 -12.57 2.14
CA SER A 59 -6.07 -12.22 1.01
C SER A 59 -5.80 -10.81 0.54
N THR A 60 -4.88 -10.67 -0.41
CA THR A 60 -4.51 -9.36 -0.94
C THR A 60 -4.57 -9.36 -2.47
N GLY A 61 -4.30 -8.20 -3.07
CA GLY A 61 -4.32 -8.09 -4.51
C GLY A 61 -4.73 -6.72 -4.98
N CYS A 62 -4.25 -6.33 -6.16
CA CYS A 62 -4.57 -5.02 -6.73
C CYS A 62 -5.37 -5.17 -8.01
N ARG A 63 -6.55 -4.54 -8.05
CA ARG A 63 -7.41 -4.60 -9.22
C ARG A 63 -8.51 -3.54 -9.14
N ASP A 64 -9.42 -3.57 -10.09
CA ASP A 64 -10.53 -2.61 -10.13
C ASP A 64 -11.38 -2.70 -8.88
N SER A 65 -12.03 -1.60 -8.52
CA SER A 65 -12.87 -1.56 -7.33
C SER A 65 -14.35 -1.66 -7.70
N GLU A 66 -15.19 -1.82 -6.69
CA GLU A 66 -16.63 -1.93 -6.92
C GLU A 66 -17.34 -0.62 -6.58
N HIS A 67 -16.86 0.06 -5.55
CA HIS A 67 -17.44 1.33 -5.13
C HIS A 67 -17.54 2.29 -6.31
N GLU A 68 -18.45 3.27 -6.19
CA GLU A 68 -18.64 4.26 -7.25
C GLU A 68 -17.88 5.54 -6.94
N GLY A 69 -16.68 5.66 -7.50
CA GLY A 69 -15.87 6.85 -7.27
C GLY A 69 -14.39 6.58 -7.46
N HIS A 70 -13.65 6.55 -6.36
CA HIS A 70 -12.22 6.30 -6.42
C HIS A 70 -11.91 4.81 -6.33
N LYS A 71 -10.79 4.41 -6.92
CA LYS A 71 -10.38 3.00 -6.92
C LYS A 71 -9.07 2.82 -6.15
N VAL A 72 -9.10 1.97 -5.13
CA VAL A 72 -7.92 1.70 -4.33
C VAL A 72 -7.53 0.23 -4.39
N CYS A 73 -6.23 -0.03 -4.50
CA CYS A 73 -5.72 -1.39 -4.57
C CYS A 73 -4.90 -1.73 -3.32
N THR A 74 -4.82 -3.03 -3.01
CA THR A 74 -4.06 -3.48 -1.85
C THR A 74 -3.02 -4.52 -2.25
N SER A 75 -1.83 -4.40 -1.67
CA SER A 75 -0.74 -5.32 -1.97
C SER A 75 0.17 -5.49 -0.76
N CYS A 76 0.82 -6.66 -0.67
CA CYS A 76 1.72 -6.95 0.43
C CYS A 76 3.18 -6.94 -0.03
N CYS A 77 4.07 -6.46 0.83
CA CYS A 77 5.49 -6.40 0.51
C CYS A 77 6.23 -7.60 1.07
N GLU A 78 7.49 -7.76 0.68
CA GLU A 78 8.31 -8.86 1.15
C GLU A 78 9.73 -8.40 1.48
N GLY A 79 9.93 -7.08 1.48
CA GLY A 79 11.23 -6.53 1.79
C GLY A 79 11.14 -5.20 2.51
N ASN A 80 12.29 -4.70 2.96
CA ASN A 80 12.34 -3.43 3.68
C ASN A 80 12.05 -2.27 2.74
N ILE A 81 11.75 -1.11 3.32
CA ILE A 81 11.45 0.09 2.53
C ILE A 81 10.72 -0.27 1.25
N CYS A 82 9.53 -0.86 1.40
CA CYS A 82 8.72 -1.24 0.25
C CYS A 82 7.76 -0.12 -0.15
N ASN A 83 7.76 0.95 0.64
CA ASN A 83 6.89 2.09 0.38
C ASN A 83 7.34 2.83 -0.87
N LEU A 84 6.65 2.60 -1.98
CA LEU A 84 6.98 3.25 -3.25
C LEU A 84 5.76 3.35 -4.14
N PRO A 85 5.77 4.35 -5.05
CA PRO A 85 4.67 4.56 -5.99
C PRO A 85 4.57 3.47 -7.05
N LEU A 86 3.35 3.17 -7.47
CA LEU A 86 3.12 2.14 -8.47
C LEU A 86 2.18 2.65 -9.56
N PRO A 87 2.62 3.68 -10.29
CA PRO A 87 1.84 4.27 -11.39
C PRO A 87 1.72 3.34 -12.59
N ARG A 88 2.68 2.43 -12.72
CA ARG A 88 2.67 1.48 -13.83
C ARG A 88 1.60 0.41 -13.63
N ASN A 89 1.22 0.20 -12.38
CA ASN A 89 0.21 -0.80 -12.05
C ASN A 89 -0.99 -0.68 -12.98
N GLU A 90 -1.66 -1.81 -13.23
CA GLU A 90 -2.82 -1.82 -14.10
C GLU A 90 -3.43 -3.22 -14.18
N THR A 91 -4.60 -3.39 -13.58
CA THR A 91 -5.28 -4.68 -13.58
C THR A 91 -6.78 -4.51 -13.38
N ASP A 92 -7.54 -5.50 -13.83
CA ASP A 92 -9.00 -5.46 -13.70
C ASP A 92 -9.57 -6.87 -13.62
N ALA A 93 -10.89 -6.95 -13.42
CA ALA A 93 -11.56 -8.24 -13.33
C ALA A 93 -11.41 -9.04 -14.62
N THR A 94 -10.91 -10.26 -14.50
CA THR A 94 -10.71 -11.12 -15.67
C THR A 94 -11.79 -12.21 -15.74
N PHE A 95 -12.11 -12.79 -14.60
CA PHE A 95 -13.12 -13.84 -14.52
C PHE A 95 -14.05 -13.62 -13.35
N ALA A 96 -15.35 -13.57 -13.64
CA ALA A 96 -16.36 -13.37 -12.59
C ALA A 96 -16.65 -14.66 -11.85
#